data_7Y74
#
_entry.id   7Y74
#
_cell.length_a   192.830
_cell.length_b   130.950
_cell.length_c   122.620
_cell.angle_alpha   90.000
_cell.angle_beta   119.400
_cell.angle_gamma   90.000
#
_symmetry.space_group_name_H-M   'C 1 2 1'
#
loop_
_entity.id
_entity.type
_entity.pdbx_description
1 polymer Ferritin
2 non-polymer 'FE (III) ION'
3 non-polymer 'CADMIUM ION'
4 water water
#
_entity_poly.entity_id   1
_entity_poly.type   'polypeptide(L)'
_entity_poly.pdbx_seq_one_letter_code
;MQPSQVRQNFHELCEAGVNKQINLELYASYTYHSIAFYFDRDDVALPGAHKYFKKQSEEEREHAEKLMKFQNQRGGRVKL
KDITAPEKEEWGSLLDAFKVALELEKKVNQSLLDLHGLADSKKDAQMCAFIATHYLTEQVEAIKEIGDHITNLKRVGTGL
GEFIYDKENLKED
;
_entity_poly.pdbx_strand_id   A,B,C,D,E,F,G,H,I,J,K,L
#
loop_
_chem_comp.id
_chem_comp.type
_chem_comp.name
_chem_comp.formula
CD non-polymer 'CADMIUM ION' 'Cd 2'
FE non-polymer 'FE (III) ION' 'Fe 3'
#
# COMPACT_ATOMS: atom_id res chain seq x y z
N GLN A 2 -29.81 10.00 32.79
CA GLN A 2 -30.59 11.17 32.28
C GLN A 2 -30.42 11.21 30.77
N PRO A 3 -30.16 12.37 30.13
CA PRO A 3 -29.66 12.38 28.77
C PRO A 3 -28.15 12.09 28.89
N SER A 4 -27.60 11.36 27.93
CA SER A 4 -26.20 11.15 27.87
C SER A 4 -25.50 12.52 27.71
N GLN A 5 -24.29 12.65 28.27
CA GLN A 5 -23.44 13.84 28.10
C GLN A 5 -23.12 14.11 26.60
N VAL A 6 -23.26 13.09 25.72
CA VAL A 6 -22.85 13.24 24.32
C VAL A 6 -24.05 13.55 23.41
N ARG A 7 -25.28 13.35 23.90
CA ARG A 7 -26.48 13.42 23.09
C ARG A 7 -26.71 14.84 22.60
N GLN A 8 -26.83 14.99 21.28
CA GLN A 8 -27.17 16.25 20.65
C GLN A 8 -27.85 15.97 19.32
N ASN A 9 -29.03 16.55 19.16
CA ASN A 9 -29.81 16.47 17.96
C ASN A 9 -30.21 15.03 17.61
N PHE A 10 -30.48 14.20 18.63
CA PHE A 10 -30.83 12.78 18.48
C PHE A 10 -32.18 12.49 19.15
N HIS A 11 -33.22 12.44 18.33
CA HIS A 11 -34.60 12.22 18.77
C HIS A 11 -34.81 10.80 19.29
N GLU A 12 -35.64 10.66 20.31
CA GLU A 12 -35.98 9.36 20.92
C GLU A 12 -36.60 8.41 19.89
N LEU A 13 -37.27 8.95 18.87
CA LEU A 13 -37.89 8.10 17.82
C LEU A 13 -36.78 7.51 16.95
N CYS A 14 -35.78 8.32 16.65
CA CYS A 14 -34.60 7.88 15.87
C CYS A 14 -33.87 6.79 16.67
N GLU A 15 -33.66 7.02 17.96
CA GLU A 15 -33.08 6.00 18.84
C GLU A 15 -33.85 4.67 18.72
N ALA A 16 -35.20 4.77 18.81
CA ALA A 16 -36.09 3.60 18.77
C ALA A 16 -35.91 2.90 17.42
N GLY A 17 -35.76 3.70 16.36
CA GLY A 17 -35.65 3.20 15.00
C GLY A 17 -34.34 2.44 14.76
N VAL A 18 -33.25 2.91 15.36
CA VAL A 18 -31.96 2.20 15.27
C VAL A 18 -32.08 0.84 15.98
N ASN A 19 -32.78 0.78 17.11
CA ASN A 19 -32.96 -0.47 17.85
C ASN A 19 -33.80 -1.48 17.05
N LYS A 20 -34.84 -1.00 16.34
CA LYS A 20 -35.62 -1.86 15.43
C LYS A 20 -34.72 -2.40 14.31
N GLN A 21 -33.90 -1.53 13.70
CA GLN A 21 -32.96 -1.92 12.59
C GLN A 21 -31.93 -2.94 13.11
N ILE A 22 -31.43 -2.75 14.32
CA ILE A 22 -30.46 -3.73 14.88
C ILE A 22 -31.10 -5.12 14.88
N ASN A 23 -32.32 -5.24 15.39
CA ASN A 23 -33.01 -6.55 15.43
C ASN A 23 -33.17 -7.13 14.02
N LEU A 24 -33.59 -6.30 13.09
CA LEU A 24 -33.82 -6.74 11.70
C LEU A 24 -32.51 -7.26 11.09
N GLU A 25 -31.41 -6.58 11.35
CA GLU A 25 -30.10 -7.01 10.80
C GLU A 25 -29.75 -8.37 11.44
N LEU A 26 -29.99 -8.53 12.73
CA LEU A 26 -29.69 -9.79 13.46
C LEU A 26 -30.59 -10.91 12.92
N TYR A 27 -31.83 -10.57 12.61
CA TYR A 27 -32.82 -11.51 12.04
C TYR A 27 -32.30 -12.04 10.69
N ALA A 28 -31.85 -11.13 9.85
CA ALA A 28 -31.28 -11.44 8.52
C ALA A 28 -30.05 -12.35 8.68
N SER A 29 -29.14 -11.98 9.59
CA SER A 29 -27.96 -12.80 9.91
C SER A 29 -28.40 -14.24 10.14
N TYR A 30 -29.39 -14.40 11.03
CA TYR A 30 -29.82 -15.75 11.49
C TYR A 30 -30.42 -16.53 10.30
N THR A 31 -31.15 -15.84 9.43
CA THR A 31 -31.77 -16.47 8.25
C THR A 31 -30.68 -17.00 7.30
N TYR A 32 -29.69 -16.15 7.01
CA TYR A 32 -28.56 -16.54 6.17
C TYR A 32 -27.77 -17.70 6.83
N HIS A 33 -27.71 -17.73 8.16
CA HIS A 33 -27.01 -18.79 8.86
C HIS A 33 -27.74 -20.13 8.66
N SER A 34 -29.08 -20.11 8.82
CA SER A 34 -29.94 -21.26 8.52
C SER A 34 -29.68 -21.76 7.10
N ILE A 35 -29.72 -20.84 6.12
CA ILE A 35 -29.56 -21.21 4.71
C ILE A 35 -28.18 -21.85 4.49
N ALA A 36 -27.13 -21.25 5.07
CA ALA A 36 -25.78 -21.72 4.95
C ALA A 36 -25.70 -23.18 5.40
N PHE A 37 -26.33 -23.51 6.51
CA PHE A 37 -26.20 -24.89 7.05
C PHE A 37 -27.14 -25.87 6.33
N TYR A 38 -28.20 -25.37 5.70
CA TYR A 38 -29.02 -26.22 4.78
C TYR A 38 -28.16 -26.73 3.59
N PHE A 39 -27.33 -25.86 2.99
CA PHE A 39 -26.53 -26.28 1.85
C PHE A 39 -25.42 -27.25 2.28
N ASP A 40 -25.15 -27.39 3.58
CA ASP A 40 -24.13 -28.27 4.15
C ASP A 40 -24.70 -29.66 4.48
N ARG A 41 -26.01 -29.86 4.33
CA ARG A 41 -26.63 -31.17 4.51
C ARG A 41 -26.04 -32.16 3.48
N ASP A 42 -25.92 -33.42 3.88
CA ASP A 42 -25.38 -34.44 3.00
C ASP A 42 -26.29 -34.63 1.78
N ASP A 43 -27.59 -34.36 1.93
CA ASP A 43 -28.59 -34.57 0.82
C ASP A 43 -28.80 -33.27 0.03
N VAL A 44 -27.94 -32.28 0.27
CA VAL A 44 -28.01 -30.98 -0.46
C VAL A 44 -26.59 -30.71 -1.01
N ALA A 45 -25.60 -30.62 -0.11
CA ALA A 45 -24.14 -30.68 -0.46
C ALA A 45 -23.79 -29.75 -1.62
N LEU A 46 -23.99 -28.46 -1.40
CA LEU A 46 -23.57 -27.41 -2.27
C LEU A 46 -22.62 -26.51 -1.47
N PRO A 47 -21.31 -26.79 -1.53
CA PRO A 47 -20.33 -26.15 -0.65
C PRO A 47 -20.13 -24.65 -0.94
N GLY A 48 -20.26 -24.28 -2.21
CA GLY A 48 -20.20 -22.87 -2.62
C GLY A 48 -21.22 -22.00 -1.90
N ALA A 49 -22.48 -22.47 -1.91
CA ALA A 49 -23.58 -21.80 -1.27
C ALA A 49 -23.40 -21.83 0.25
N HIS A 50 -22.91 -22.93 0.80
CA HIS A 50 -22.61 -23.01 2.22
C HIS A 50 -21.68 -21.84 2.59
N LYS A 51 -20.61 -21.66 1.80
CA LYS A 51 -19.57 -20.65 2.08
C LYS A 51 -20.15 -19.26 1.86
N TYR A 52 -20.89 -19.09 0.77
CA TYR A 52 -21.48 -17.81 0.40
C TYR A 52 -22.42 -17.32 1.51
N PHE A 53 -23.36 -18.17 1.94
CA PHE A 53 -24.39 -17.78 2.90
C PHE A 53 -23.80 -17.59 4.30
N LYS A 54 -22.77 -18.36 4.65
CA LYS A 54 -22.02 -18.15 5.92
C LYS A 54 -21.44 -16.72 5.92
N LYS A 55 -20.81 -16.33 4.81
CA LYS A 55 -20.21 -14.98 4.65
C LYS A 55 -21.29 -13.89 4.75
N GLN A 56 -22.44 -14.08 4.07
CA GLN A 56 -23.60 -13.20 4.18
C GLN A 56 -24.07 -13.10 5.66
N SER A 57 -24.25 -14.22 6.38
CA SER A 57 -24.60 -14.22 7.79
C SER A 57 -23.66 -13.32 8.60
N GLU A 58 -22.36 -13.47 8.38
CA GLU A 58 -21.32 -12.70 9.09
C GLU A 58 -21.42 -11.20 8.74
N GLU A 59 -21.71 -10.86 7.49
CA GLU A 59 -21.86 -9.46 7.10
C GLU A 59 -23.07 -8.81 7.78
N GLU A 60 -24.19 -9.53 7.83
CA GLU A 60 -25.40 -9.04 8.46
C GLU A 60 -25.09 -8.72 9.92
N ARG A 61 -24.38 -9.62 10.61
CA ARG A 61 -24.00 -9.37 11.99
C ARG A 61 -23.16 -8.09 12.11
N GLU A 62 -22.21 -7.88 11.20
CA GLU A 62 -21.46 -6.63 11.15
C GLU A 62 -22.37 -5.40 10.98
N HIS A 63 -23.37 -5.49 10.11
CA HIS A 63 -24.35 -4.40 9.90
C HIS A 63 -25.06 -4.03 11.20
N ALA A 64 -25.48 -5.03 11.97
CA ALA A 64 -26.08 -4.81 13.30
C ALA A 64 -25.06 -4.13 14.23
N GLU A 65 -23.80 -4.60 14.19
CA GLU A 65 -22.77 -4.04 15.08
C GLU A 65 -22.53 -2.56 14.81
N LYS A 66 -22.55 -2.18 13.55
CA LYS A 66 -22.26 -0.82 13.18
C LYS A 66 -23.38 0.08 13.71
N LEU A 67 -24.60 -0.44 13.70
CA LEU A 67 -25.77 0.32 14.20
C LEU A 67 -25.71 0.44 15.73
N MET A 68 -25.23 -0.59 16.41
CA MET A 68 -25.04 -0.53 17.85
C MET A 68 -23.96 0.50 18.18
N LYS A 69 -22.90 0.50 17.38
CA LYS A 69 -21.84 1.45 17.58
C LYS A 69 -22.40 2.87 17.38
N PHE A 70 -23.22 3.02 16.36
CA PHE A 70 -23.85 4.30 16.05
C PHE A 70 -24.74 4.79 17.21
N GLN A 71 -25.58 3.88 17.73
CA GLN A 71 -26.49 4.22 18.86
C GLN A 71 -25.64 4.81 20.01
N ASN A 72 -24.54 4.14 20.34
CA ASN A 72 -23.70 4.61 21.44
C ASN A 72 -22.98 5.91 21.08
N GLN A 73 -22.55 6.09 19.84
CA GLN A 73 -21.90 7.31 19.41
C GLN A 73 -22.81 8.50 19.69
N ARG A 74 -24.12 8.32 19.46
CA ARG A 74 -25.08 9.44 19.50
C ARG A 74 -25.67 9.59 20.90
N GLY A 75 -25.40 8.63 21.78
CA GLY A 75 -25.84 8.67 23.16
C GLY A 75 -27.19 7.99 23.35
N GLY A 76 -27.64 7.23 22.35
CA GLY A 76 -28.77 6.35 22.47
C GLY A 76 -28.38 5.11 23.29
N ARG A 77 -29.39 4.30 23.60
CA ARG A 77 -29.20 3.11 24.43
C ARG A 77 -29.69 1.89 23.64
N VAL A 78 -28.77 0.97 23.36
CA VAL A 78 -29.06 -0.29 22.69
C VAL A 78 -30.07 -1.08 23.54
N LYS A 79 -31.22 -1.38 22.94
CA LYS A 79 -32.26 -2.27 23.52
C LYS A 79 -32.44 -3.46 22.59
N LEU A 80 -32.16 -4.66 23.10
CA LEU A 80 -32.16 -5.89 22.34
C LEU A 80 -33.47 -6.65 22.57
N LYS A 81 -34.00 -7.27 21.50
CA LYS A 81 -35.17 -8.14 21.56
C LYS A 81 -34.75 -9.54 21.11
N ASP A 82 -35.66 -10.51 21.29
CA ASP A 82 -35.44 -11.86 20.82
C ASP A 82 -35.11 -11.83 19.32
N ILE A 83 -34.22 -12.72 18.86
CA ILE A 83 -34.00 -12.91 17.40
C ILE A 83 -34.89 -14.05 16.93
N THR A 84 -35.87 -13.72 16.13
CA THR A 84 -36.87 -14.72 15.81
C THR A 84 -36.27 -15.69 14.79
N ALA A 85 -36.64 -16.96 14.97
CA ALA A 85 -36.21 -18.02 14.13
C ALA A 85 -36.57 -17.76 12.68
N PRO A 86 -35.74 -18.26 11.73
CA PRO A 86 -35.96 -18.08 10.31
C PRO A 86 -37.28 -18.71 9.86
N GLU A 87 -37.78 -18.23 8.72
CA GLU A 87 -39.13 -18.57 8.27
C GLU A 87 -39.25 -20.08 7.99
N LYS A 88 -38.18 -20.72 7.48
CA LYS A 88 -38.26 -22.07 6.95
C LYS A 88 -37.15 -22.92 7.56
N GLU A 89 -37.36 -24.23 7.62
CA GLU A 89 -36.31 -25.14 8.10
C GLU A 89 -35.45 -25.57 6.91
N GLU A 90 -36.08 -25.71 5.73
CA GLU A 90 -35.46 -26.19 4.50
C GLU A 90 -35.73 -25.17 3.40
N TRP A 91 -34.80 -24.97 2.48
CA TRP A 91 -34.85 -23.76 1.65
C TRP A 91 -34.92 -24.08 0.15
N GLY A 92 -35.01 -25.38 -0.15
CA GLY A 92 -35.23 -25.86 -1.51
C GLY A 92 -33.97 -25.81 -2.34
N SER A 93 -34.11 -25.25 -3.51
CA SER A 93 -33.00 -25.15 -4.47
C SER A 93 -32.18 -23.89 -4.23
N LEU A 94 -31.07 -23.79 -4.95
CA LEU A 94 -30.19 -22.60 -4.95
C LEU A 94 -31.06 -21.40 -5.34
N LEU A 95 -31.85 -21.55 -6.40
CA LEU A 95 -32.75 -20.48 -6.88
C LEU A 95 -33.73 -20.07 -5.78
N ASP A 96 -34.41 -21.04 -5.15
CA ASP A 96 -35.39 -20.75 -4.10
C ASP A 96 -34.72 -19.93 -2.99
N ALA A 97 -33.51 -20.34 -2.60
CA ALA A 97 -32.75 -19.64 -1.53
C ALA A 97 -32.51 -18.16 -1.93
N PHE A 98 -32.11 -17.92 -3.18
CA PHE A 98 -31.79 -16.52 -3.60
C PHE A 98 -33.08 -15.72 -3.75
N LYS A 99 -34.19 -16.38 -4.10
CA LYS A 99 -35.49 -15.66 -4.09
C LYS A 99 -35.85 -15.22 -2.67
N VAL A 100 -35.58 -16.06 -1.66
CA VAL A 100 -35.74 -15.66 -0.27
C VAL A 100 -34.85 -14.44 0.05
N ALA A 101 -33.60 -14.47 -0.43
CA ALA A 101 -32.64 -13.42 -0.13
C ALA A 101 -33.10 -12.09 -0.73
N LEU A 102 -33.67 -12.15 -1.94
CA LEU A 102 -34.13 -10.92 -2.60
C LEU A 102 -35.26 -10.29 -1.78
N GLU A 103 -36.19 -11.12 -1.33
CA GLU A 103 -37.28 -10.68 -0.55
C GLU A 103 -36.76 -10.04 0.73
N LEU A 104 -35.81 -10.70 1.40
CA LEU A 104 -35.30 -10.23 2.66
C LEU A 104 -34.58 -8.86 2.49
N GLU A 105 -33.72 -8.77 1.49
CA GLU A 105 -32.89 -7.59 1.26
C GLU A 105 -33.77 -6.38 0.93
N LYS A 106 -34.85 -6.62 0.18
CA LYS A 106 -35.78 -5.55 -0.17
C LYS A 106 -36.56 -5.11 1.07
N LYS A 107 -36.84 -6.06 1.96
CA LYS A 107 -37.52 -5.74 3.21
C LYS A 107 -36.59 -4.90 4.12
N VAL A 108 -35.33 -5.32 4.24
CA VAL A 108 -34.37 -4.53 5.01
C VAL A 108 -34.23 -3.14 4.33
N ASN A 109 -34.16 -3.12 3.00
CA ASN A 109 -33.97 -1.87 2.27
C ASN A 109 -35.11 -0.88 2.62
N GLN A 110 -36.36 -1.31 2.58
CA GLN A 110 -37.51 -0.44 2.90
C GLN A 110 -37.40 0.03 4.36
N SER A 111 -37.00 -0.84 5.27
CA SER A 111 -36.79 -0.44 6.66
C SER A 111 -35.73 0.68 6.76
N LEU A 112 -34.62 0.56 6.03
CA LEU A 112 -33.58 1.61 6.04
C LEU A 112 -34.08 2.91 5.40
N LEU A 113 -34.84 2.83 4.29
CA LEU A 113 -35.41 4.07 3.69
C LEU A 113 -36.38 4.75 4.68
N ASP A 114 -37.16 3.97 5.41
CA ASP A 114 -38.09 4.52 6.40
C ASP A 114 -37.27 5.18 7.52
N LEU A 115 -36.20 4.52 7.95
CA LEU A 115 -35.35 5.05 8.99
C LEU A 115 -34.65 6.33 8.53
N HIS A 116 -34.19 6.39 7.28
CA HIS A 116 -33.64 7.64 6.74
C HIS A 116 -34.70 8.76 6.71
N GLY A 117 -35.92 8.45 6.26
CA GLY A 117 -37.08 9.35 6.28
C GLY A 117 -37.34 9.91 7.67
N LEU A 118 -37.27 9.04 8.68
CA LEU A 118 -37.46 9.46 10.08
C LEU A 118 -36.36 10.45 10.48
N ALA A 119 -35.11 10.13 10.13
CA ALA A 119 -33.95 10.99 10.37
C ALA A 119 -34.16 12.37 9.74
N ASP A 120 -34.46 12.41 8.45
CA ASP A 120 -34.77 13.68 7.74
C ASP A 120 -35.91 14.45 8.40
N SER A 121 -36.95 13.73 8.83
CA SER A 121 -38.11 14.36 9.46
C SER A 121 -37.72 15.04 10.77
N LYS A 122 -36.65 14.61 11.45
CA LYS A 122 -36.21 15.23 12.72
C LYS A 122 -34.99 16.14 12.50
N LYS A 123 -34.62 16.42 11.25
CA LYS A 123 -33.44 17.26 10.91
C LYS A 123 -32.13 16.64 11.41
N ASP A 124 -32.06 15.29 11.53
CA ASP A 124 -30.87 14.64 12.02
C ASP A 124 -29.94 14.42 10.83
N ALA A 125 -29.21 15.47 10.47
CA ALA A 125 -28.41 15.47 9.30
C ALA A 125 -27.25 14.45 9.44
N GLN A 126 -26.66 14.29 10.64
CA GLN A 126 -25.59 13.27 10.88
C GLN A 126 -26.16 11.90 10.54
N MET A 127 -27.35 11.62 11.07
CA MET A 127 -27.97 10.31 10.94
C MET A 127 -28.30 10.02 9.47
N CYS A 128 -28.87 11.00 8.74
CA CYS A 128 -29.06 10.92 7.27
C CYS A 128 -27.76 10.45 6.61
N ALA A 129 -26.68 11.18 6.92
CA ALA A 129 -25.34 10.95 6.31
C ALA A 129 -24.83 9.53 6.63
N PHE A 130 -24.88 9.16 7.90
CA PHE A 130 -24.50 7.79 8.32
C PHE A 130 -25.28 6.74 7.51
N ILE A 131 -26.62 6.88 7.44
CA ILE A 131 -27.43 5.85 6.81
C ILE A 131 -27.09 5.76 5.30
N ALA A 132 -26.94 6.91 4.66
CA ALA A 132 -26.65 7.00 3.23
C ALA A 132 -25.27 6.42 2.93
N THR A 133 -24.29 6.82 3.73
CA THR A 133 -22.91 6.43 3.55
C THR A 133 -22.73 4.92 3.71
N HIS A 134 -23.34 4.34 4.75
CA HIS A 134 -22.95 2.99 5.13
C HIS A 134 -23.98 1.93 4.70
N TYR A 135 -25.21 2.34 4.44
CA TYR A 135 -26.30 1.35 4.27
C TYR A 135 -26.98 1.44 2.90
N LEU A 136 -27.32 2.64 2.42
CA LEU A 136 -28.29 2.72 1.33
C LEU A 136 -27.64 2.25 0.04
N THR A 137 -26.36 2.57 -0.18
CA THR A 137 -25.68 2.02 -1.38
C THR A 137 -25.31 0.53 -1.19
N GLU A 138 -24.80 0.03 -0.05
CA GLU A 138 -24.58 -1.51 0.02
C GLU A 138 -25.93 -2.17 -0.26
N GLN A 139 -27.07 -1.64 0.22
CA GLN A 139 -28.37 -2.38 0.02
C GLN A 139 -28.70 -2.46 -1.47
N VAL A 140 -28.53 -1.33 -2.18
CA VAL A 140 -28.76 -1.31 -3.60
C VAL A 140 -27.83 -2.28 -4.31
N GLU A 141 -26.56 -2.30 -3.92
CA GLU A 141 -25.57 -3.20 -4.49
C GLU A 141 -25.93 -4.66 -4.18
N ALA A 142 -26.35 -4.95 -2.92
CA ALA A 142 -26.76 -6.34 -2.50
C ALA A 142 -27.95 -6.81 -3.35
N ILE A 143 -28.91 -5.91 -3.58
CA ILE A 143 -30.16 -6.28 -4.28
C ILE A 143 -29.84 -6.54 -5.76
N LYS A 144 -28.97 -5.73 -6.36
CA LYS A 144 -28.59 -5.92 -7.75
C LYS A 144 -27.83 -7.25 -7.92
N GLU A 145 -26.98 -7.54 -6.95
CA GLU A 145 -26.21 -8.76 -7.00
C GLU A 145 -27.13 -10.00 -6.96
N ILE A 146 -28.14 -9.97 -6.07
CA ILE A 146 -29.06 -11.11 -5.88
C ILE A 146 -29.92 -11.29 -7.13
N GLY A 147 -30.31 -10.17 -7.74
CA GLY A 147 -31.07 -10.14 -9.00
C GLY A 147 -30.32 -10.84 -10.11
N ASP A 148 -29.00 -10.59 -10.20
CA ASP A 148 -28.10 -11.20 -11.16
C ASP A 148 -27.99 -12.70 -10.85
N HIS A 149 -27.85 -13.07 -9.56
CA HIS A 149 -27.81 -14.51 -9.17
C HIS A 149 -29.07 -15.24 -9.67
N ILE A 150 -30.25 -14.67 -9.40
CA ILE A 150 -31.54 -15.26 -9.76
C ILE A 150 -31.61 -15.43 -11.28
N THR A 151 -31.33 -14.36 -12.06
CA THR A 151 -31.28 -14.49 -13.52
C THR A 151 -30.36 -15.64 -14.00
N ASN A 152 -29.18 -15.76 -13.41
CA ASN A 152 -28.24 -16.73 -13.87
C ASN A 152 -28.66 -18.15 -13.42
N LEU A 153 -29.30 -18.24 -12.26
CA LEU A 153 -29.70 -19.56 -11.76
C LEU A 153 -30.89 -20.06 -12.59
N LYS A 154 -31.73 -19.13 -13.07
CA LYS A 154 -32.82 -19.46 -14.00
C LYS A 154 -32.17 -19.90 -15.32
N ARG A 155 -31.11 -19.20 -15.75
CA ARG A 155 -30.42 -19.52 -17.01
C ARG A 155 -29.78 -20.92 -16.97
N VAL A 156 -29.05 -21.23 -15.90
CA VAL A 156 -28.29 -22.49 -15.87
C VAL A 156 -29.21 -23.70 -15.62
N GLY A 157 -30.38 -23.49 -15.03
CA GLY A 157 -31.30 -24.62 -14.82
C GLY A 157 -30.94 -25.55 -13.66
N THR A 158 -31.73 -26.60 -13.52
CA THR A 158 -31.56 -27.56 -12.40
C THR A 158 -30.47 -28.57 -12.76
N GLY A 159 -29.89 -29.23 -11.76
CA GLY A 159 -28.92 -30.29 -12.02
C GLY A 159 -27.49 -29.83 -12.26
N LEU A 160 -26.97 -30.12 -13.44
CA LEU A 160 -25.56 -29.76 -13.76
C LEU A 160 -25.34 -28.25 -13.60
N GLY A 161 -26.28 -27.43 -14.05
CA GLY A 161 -26.17 -25.98 -13.91
C GLY A 161 -26.01 -25.55 -12.46
N GLU A 162 -26.72 -26.16 -11.53
CA GLU A 162 -26.61 -25.78 -10.11
C GLU A 162 -25.19 -26.10 -9.63
N PHE A 163 -24.68 -27.27 -9.95
CA PHE A 163 -23.32 -27.67 -9.52
C PHE A 163 -22.28 -26.68 -10.06
N ILE A 164 -22.36 -26.39 -11.34
CA ILE A 164 -21.44 -25.44 -11.98
C ILE A 164 -21.56 -24.04 -11.34
N TYR A 165 -22.78 -23.52 -11.16
CA TYR A 165 -22.97 -22.17 -10.66
C TYR A 165 -22.40 -22.04 -9.25
N ASP A 166 -22.68 -23.06 -8.44
CA ASP A 166 -22.22 -23.18 -7.08
C ASP A 166 -20.68 -23.13 -7.06
N LYS A 167 -20.03 -23.90 -7.94
CA LYS A 167 -18.55 -24.01 -7.96
C LYS A 167 -17.91 -22.71 -8.51
N GLU A 168 -18.50 -22.13 -9.56
CA GLU A 168 -17.89 -21.04 -10.34
C GLU A 168 -18.19 -19.65 -9.78
N ASN A 169 -19.40 -19.44 -9.28
CA ASN A 169 -19.88 -18.11 -8.90
C ASN A 169 -19.97 -17.99 -7.38
N LEU A 170 -20.39 -19.04 -6.65
CA LEU A 170 -20.57 -18.93 -5.19
C LEU A 170 -19.26 -19.22 -4.45
N LYS A 171 -18.58 -20.32 -4.80
CA LYS A 171 -17.32 -20.79 -4.13
C LYS A 171 -16.16 -19.90 -4.59
N MET B 1 1.52 -69.48 26.04
CA MET B 1 2.82 -68.69 25.86
C MET B 1 2.72 -67.39 26.67
N GLN B 2 3.84 -66.94 27.26
CA GLN B 2 3.87 -65.88 28.31
C GLN B 2 3.42 -64.56 27.70
N PRO B 3 2.69 -63.68 28.44
CA PRO B 3 2.40 -62.35 27.91
C PRO B 3 3.71 -61.58 27.64
N SER B 4 3.69 -60.71 26.63
CA SER B 4 4.69 -59.68 26.39
C SER B 4 5.01 -58.90 27.67
N GLN B 5 6.29 -58.56 27.77
CA GLN B 5 6.83 -57.67 28.80
C GLN B 5 6.09 -56.31 28.83
N VAL B 6 5.47 -55.89 27.72
CA VAL B 6 4.81 -54.58 27.67
C VAL B 6 3.31 -54.68 28.01
N ARG B 7 2.78 -55.90 28.04
CA ARG B 7 1.36 -56.07 28.03
C ARG B 7 0.78 -55.73 29.40
N GLN B 8 -0.21 -54.84 29.38
CA GLN B 8 -0.88 -54.39 30.59
C GLN B 8 -2.28 -53.94 30.22
N ASN B 9 -3.27 -54.55 30.86
CA ASN B 9 -4.70 -54.14 30.70
C ASN B 9 -5.17 -54.33 29.26
N PHE B 10 -4.60 -55.32 28.56
CA PHE B 10 -4.94 -55.62 27.18
C PHE B 10 -5.51 -57.04 27.09
N HIS B 11 -6.81 -57.13 26.87
CA HIS B 11 -7.56 -58.41 26.87
C HIS B 11 -7.35 -59.17 25.56
N GLU B 12 -7.29 -60.51 25.64
CA GLU B 12 -7.15 -61.38 24.42
C GLU B 12 -8.28 -61.14 23.40
N LEU B 13 -9.49 -60.82 23.86
CA LEU B 13 -10.57 -60.54 22.90
C LEU B 13 -10.30 -59.21 22.16
N CYS B 14 -9.70 -58.23 22.84
CA CYS B 14 -9.35 -56.93 22.20
C CYS B 14 -8.21 -57.15 21.17
N GLU B 15 -7.21 -57.95 21.56
CA GLU B 15 -6.13 -58.37 20.68
C GLU B 15 -6.76 -58.99 19.42
N ALA B 16 -7.72 -59.92 19.61
CA ALA B 16 -8.37 -60.60 18.50
C ALA B 16 -9.18 -59.59 17.66
N GLY B 17 -9.96 -58.72 18.28
CA GLY B 17 -10.67 -57.70 17.50
C GLY B 17 -9.76 -56.79 16.63
N VAL B 18 -8.56 -56.42 17.12
CA VAL B 18 -7.61 -55.59 16.36
C VAL B 18 -7.16 -56.41 15.12
N ASN B 19 -6.86 -57.68 15.30
CA ASN B 19 -6.48 -58.57 14.16
C ASN B 19 -7.61 -58.64 13.10
N LYS B 20 -8.85 -58.73 13.56
CA LYS B 20 -10.00 -58.74 12.68
C LYS B 20 -10.17 -57.39 11.94
N GLN B 21 -9.93 -56.29 12.65
CA GLN B 21 -10.01 -54.92 12.03
C GLN B 21 -8.91 -54.75 10.97
N ILE B 22 -7.69 -55.23 11.27
CA ILE B 22 -6.55 -55.19 10.33
C ILE B 22 -6.99 -55.82 8.99
N ASN B 23 -7.59 -57.00 9.03
CA ASN B 23 -8.03 -57.69 7.80
C ASN B 23 -9.06 -56.86 7.04
N LEU B 24 -10.00 -56.26 7.76
CA LEU B 24 -11.10 -55.46 7.18
C LEU B 24 -10.50 -54.25 6.48
N GLU B 25 -9.55 -53.59 7.12
CA GLU B 25 -8.90 -52.41 6.51
C GLU B 25 -8.17 -52.86 5.23
N LEU B 26 -7.50 -54.01 5.27
CA LEU B 26 -6.79 -54.56 4.09
C LEU B 26 -7.81 -54.92 3.00
N TYR B 27 -8.93 -55.48 3.39
CA TYR B 27 -10.01 -55.77 2.42
C TYR B 27 -10.50 -54.47 1.77
N ALA B 28 -10.72 -53.42 2.56
CA ALA B 28 -11.16 -52.11 2.02
C ALA B 28 -10.11 -51.56 1.05
N SER B 29 -8.84 -51.57 1.43
CA SER B 29 -7.76 -51.18 0.57
C SER B 29 -7.89 -51.88 -0.79
N TYR B 30 -8.02 -53.22 -0.79
CA TYR B 30 -7.99 -54.00 -2.00
C TYR B 30 -9.20 -53.63 -2.87
N THR B 31 -10.35 -53.38 -2.27
CA THR B 31 -11.59 -53.03 -3.01
C THR B 31 -11.38 -51.70 -3.76
N TYR B 32 -10.88 -50.70 -3.03
CA TYR B 32 -10.60 -49.38 -3.57
C TYR B 32 -9.57 -49.50 -4.70
N HIS B 33 -8.62 -50.42 -4.57
CA HIS B 33 -7.60 -50.64 -5.62
C HIS B 33 -8.28 -51.14 -6.90
N SER B 34 -9.17 -52.15 -6.76
CA SER B 34 -9.95 -52.64 -7.87
C SER B 34 -10.71 -51.50 -8.53
N ILE B 35 -11.43 -50.72 -7.73
CA ILE B 35 -12.21 -49.68 -8.24
C ILE B 35 -11.32 -48.68 -9.01
N ALA B 36 -10.17 -48.34 -8.43
CA ALA B 36 -9.26 -47.39 -9.02
C ALA B 36 -8.87 -47.81 -10.43
N PHE B 37 -8.48 -49.08 -10.61
CA PHE B 37 -8.02 -49.53 -11.92
C PHE B 37 -9.19 -49.75 -12.90
N TYR B 38 -10.41 -50.03 -12.41
CA TYR B 38 -11.58 -50.02 -13.23
C TYR B 38 -11.73 -48.66 -13.94
N PHE B 39 -11.54 -47.53 -13.23
CA PHE B 39 -11.72 -46.23 -13.84
C PHE B 39 -10.58 -45.89 -14.80
N ASP B 40 -9.53 -46.70 -14.82
CA ASP B 40 -8.36 -46.58 -15.70
C ASP B 40 -8.56 -47.38 -16.99
N ARG B 41 -9.65 -48.17 -17.09
CA ARG B 41 -9.95 -48.92 -18.34
C ARG B 41 -10.16 -47.93 -19.51
N ASP B 42 -9.81 -48.34 -20.73
CA ASP B 42 -9.96 -47.50 -21.91
C ASP B 42 -11.44 -47.20 -22.20
N ASP B 43 -12.33 -48.07 -21.73
CA ASP B 43 -13.78 -47.99 -22.00
C ASP B 43 -14.52 -47.38 -20.80
N VAL B 44 -13.77 -46.91 -19.79
CA VAL B 44 -14.36 -46.14 -18.64
C VAL B 44 -13.75 -44.74 -18.64
N ALA B 45 -12.42 -44.70 -18.50
CA ALA B 45 -11.54 -43.57 -18.72
C ALA B 45 -11.99 -42.36 -17.88
N LEU B 46 -12.01 -42.53 -16.56
CA LEU B 46 -12.27 -41.39 -15.66
C LEU B 46 -11.06 -41.23 -14.74
N PRO B 47 -10.10 -40.36 -15.14
CA PRO B 47 -8.80 -40.27 -14.46
C PRO B 47 -8.91 -39.65 -13.05
N GLY B 48 -9.86 -38.75 -12.87
CA GLY B 48 -10.10 -38.21 -11.54
C GLY B 48 -10.41 -39.31 -10.53
N ALA B 49 -11.37 -40.16 -10.87
CA ALA B 49 -11.77 -41.29 -10.01
C ALA B 49 -10.61 -42.28 -9.88
N HIS B 50 -9.85 -42.52 -10.95
CA HIS B 50 -8.70 -43.41 -10.85
C HIS B 50 -7.77 -42.92 -9.74
N LYS B 51 -7.50 -41.62 -9.74
CA LYS B 51 -6.54 -41.01 -8.81
C LYS B 51 -7.13 -41.06 -7.39
N TYR B 52 -8.40 -40.68 -7.28
CA TYR B 52 -9.09 -40.58 -5.99
C TYR B 52 -9.14 -41.95 -5.31
N PHE B 53 -9.57 -42.99 -6.03
CA PHE B 53 -9.69 -44.35 -5.46
C PHE B 53 -8.31 -44.99 -5.20
N LYS B 54 -7.29 -44.68 -6.00
CA LYS B 54 -5.92 -45.13 -5.68
C LYS B 54 -5.48 -44.53 -4.33
N LYS B 55 -5.81 -43.25 -4.13
CA LYS B 55 -5.44 -42.57 -2.87
C LYS B 55 -6.20 -43.21 -1.70
N GLN B 56 -7.50 -43.50 -1.89
CA GLN B 56 -8.31 -44.14 -0.88
C GLN B 56 -7.72 -45.52 -0.51
N SER B 57 -7.30 -46.28 -1.53
CA SER B 57 -6.62 -47.62 -1.36
C SER B 57 -5.39 -47.51 -0.45
N GLU B 58 -4.55 -46.51 -0.74
CA GLU B 58 -3.36 -46.20 0.01
C GLU B 58 -3.69 -45.81 1.46
N GLU B 59 -4.72 -44.96 1.62
CA GLU B 59 -5.16 -44.54 2.95
C GLU B 59 -5.65 -45.74 3.77
N GLU B 60 -6.32 -46.59 3.13
CA GLU B 60 -6.82 -47.77 3.90
C GLU B 60 -5.68 -48.69 4.34
N ARG B 61 -4.73 -48.83 3.55
CA ARG B 61 -3.53 -49.62 3.89
C ARG B 61 -2.87 -48.96 5.10
N GLU B 62 -2.82 -47.63 5.10
CA GLU B 62 -2.28 -46.88 6.26
C GLU B 62 -3.12 -47.19 7.51
N HIS B 63 -4.44 -47.24 7.38
CA HIS B 63 -5.32 -47.60 8.51
C HIS B 63 -4.91 -48.97 9.07
N ALA B 64 -4.69 -49.94 8.21
CA ALA B 64 -4.26 -51.29 8.60
C ALA B 64 -2.93 -51.24 9.35
N GLU B 65 -1.95 -50.49 8.83
CA GLU B 65 -0.60 -50.36 9.44
C GLU B 65 -0.66 -49.77 10.84
N LYS B 66 -1.53 -48.78 11.04
CA LYS B 66 -1.64 -48.13 12.37
C LYS B 66 -2.17 -49.14 13.41
N LEU B 67 -3.07 -50.03 13.00
CA LEU B 67 -3.57 -51.07 13.91
C LEU B 67 -2.47 -52.11 14.16
N MET B 68 -1.69 -52.46 13.15
CA MET B 68 -0.62 -53.40 13.38
C MET B 68 0.37 -52.75 14.37
N LYS B 69 0.63 -51.45 14.23
CA LYS B 69 1.50 -50.75 15.13
C LYS B 69 0.88 -50.73 16.55
N PHE B 70 -0.41 -50.45 16.65
CA PHE B 70 -1.09 -50.47 17.93
C PHE B 70 -0.95 -51.87 18.57
N GLN B 71 -1.17 -52.90 17.77
CA GLN B 71 -1.14 -54.27 18.28
C GLN B 71 0.21 -54.51 18.97
N ASN B 72 1.30 -54.17 18.29
CA ASN B 72 2.66 -54.31 18.84
C ASN B 72 2.93 -53.39 20.03
N GLN B 73 2.42 -52.16 20.01
CA GLN B 73 2.57 -51.22 21.15
C GLN B 73 2.00 -51.84 22.44
N ARG B 74 0.85 -52.51 22.33
CA ARG B 74 0.14 -53.03 23.52
C ARG B 74 0.64 -54.44 23.90
N GLY B 75 1.46 -55.04 23.05
CA GLY B 75 2.06 -56.35 23.27
C GLY B 75 1.18 -57.49 22.79
N GLY B 76 0.21 -57.16 21.93
CA GLY B 76 -0.56 -58.15 21.21
C GLY B 76 0.28 -58.67 20.05
N ARG B 77 -0.25 -59.65 19.32
CA ARG B 77 0.52 -60.34 18.29
C ARG B 77 -0.30 -60.35 17.01
N VAL B 78 0.26 -59.73 15.95
CA VAL B 78 -0.38 -59.60 14.72
C VAL B 78 -0.62 -61.01 14.14
N LYS B 79 -1.87 -61.28 13.75
CA LYS B 79 -2.20 -62.55 13.07
C LYS B 79 -2.95 -62.19 11.79
N LEU B 80 -2.34 -62.57 10.67
CA LEU B 80 -2.80 -62.18 9.33
C LEU B 80 -3.59 -63.33 8.69
N LYS B 81 -4.65 -62.98 7.95
CA LYS B 81 -5.52 -63.88 7.22
C LYS B 81 -5.46 -63.50 5.75
N ASP B 82 -6.07 -64.32 4.89
CA ASP B 82 -6.16 -64.00 3.48
C ASP B 82 -6.88 -62.66 3.32
N ILE B 83 -6.49 -61.90 2.30
CA ILE B 83 -7.30 -60.73 1.91
C ILE B 83 -8.26 -61.18 0.80
N THR B 84 -9.56 -61.19 1.10
CA THR B 84 -10.58 -61.62 0.13
C THR B 84 -10.65 -60.64 -1.05
N ALA B 85 -10.72 -61.21 -2.27
CA ALA B 85 -10.88 -60.44 -3.49
C ALA B 85 -12.13 -59.59 -3.39
N PRO B 86 -12.10 -58.40 -4.03
CA PRO B 86 -13.25 -57.50 -4.06
C PRO B 86 -14.50 -58.17 -4.65
N GLU B 87 -15.68 -57.71 -4.21
CA GLU B 87 -16.94 -58.40 -4.53
C GLU B 87 -17.25 -58.34 -6.05
N LYS B 88 -16.71 -57.35 -6.79
CA LYS B 88 -17.00 -57.20 -8.23
C LYS B 88 -15.72 -56.93 -9.02
N GLU B 89 -15.79 -57.21 -10.32
CA GLU B 89 -14.72 -56.94 -11.26
C GLU B 89 -15.00 -55.60 -11.95
N GLU B 90 -16.29 -55.27 -12.08
CA GLU B 90 -16.76 -54.12 -12.81
C GLU B 90 -17.76 -53.36 -11.92
N TRP B 91 -17.63 -52.04 -11.87
CA TRP B 91 -18.24 -51.29 -10.78
C TRP B 91 -19.28 -50.27 -11.26
N GLY B 92 -19.49 -50.17 -12.58
CA GLY B 92 -20.58 -49.38 -13.14
C GLY B 92 -20.17 -47.93 -13.33
N SER B 93 -21.07 -47.02 -13.01
CA SER B 93 -20.84 -45.60 -13.10
C SER B 93 -20.04 -45.07 -11.89
N LEU B 94 -19.62 -43.82 -11.99
CA LEU B 94 -18.99 -43.15 -10.88
C LEU B 94 -19.95 -43.15 -9.66
N LEU B 95 -21.22 -42.83 -9.90
CA LEU B 95 -22.23 -42.89 -8.83
C LEU B 95 -22.31 -44.30 -8.22
N ASP B 96 -22.37 -45.34 -9.06
CA ASP B 96 -22.43 -46.72 -8.53
C ASP B 96 -21.22 -46.99 -7.63
N ALA B 97 -20.03 -46.52 -8.03
CA ALA B 97 -18.82 -46.80 -7.26
C ALA B 97 -18.88 -46.10 -5.88
N PHE B 98 -19.41 -44.88 -5.81
CA PHE B 98 -19.57 -44.18 -4.51
C PHE B 98 -20.64 -44.84 -3.63
N LYS B 99 -21.70 -45.42 -4.21
CA LYS B 99 -22.69 -46.17 -3.45
C LYS B 99 -22.01 -47.40 -2.79
N VAL B 100 -21.12 -48.06 -3.54
CA VAL B 100 -20.32 -49.17 -3.01
C VAL B 100 -19.42 -48.64 -1.87
N ALA B 101 -18.83 -47.46 -2.05
CA ALA B 101 -17.93 -46.89 -1.05
C ALA B 101 -18.71 -46.56 0.23
N LEU B 102 -19.94 -46.06 0.09
CA LEU B 102 -20.74 -45.73 1.29
C LEU B 102 -21.02 -46.99 2.10
N GLU B 103 -21.39 -48.05 1.40
CA GLU B 103 -21.74 -49.31 2.03
C GLU B 103 -20.51 -49.84 2.79
N LEU B 104 -19.34 -49.82 2.15
CA LEU B 104 -18.12 -50.35 2.72
C LEU B 104 -17.72 -49.51 3.94
N GLU B 105 -17.78 -48.18 3.82
CA GLU B 105 -17.36 -47.32 4.95
C GLU B 105 -18.28 -47.50 6.16
N LYS B 106 -19.58 -47.65 5.93
CA LYS B 106 -20.50 -47.91 7.02
C LYS B 106 -20.25 -49.28 7.66
N LYS B 107 -19.85 -50.27 6.85
CA LYS B 107 -19.55 -51.60 7.36
C LYS B 107 -18.32 -51.50 8.27
N VAL B 108 -17.33 -50.75 7.80
CA VAL B 108 -16.07 -50.61 8.53
C VAL B 108 -16.33 -49.83 9.81
N ASN B 109 -17.15 -48.79 9.69
CA ASN B 109 -17.57 -47.99 10.84
C ASN B 109 -18.23 -48.86 11.93
N GLN B 110 -19.18 -49.71 11.51
CA GLN B 110 -19.88 -50.53 12.50
C GLN B 110 -18.88 -51.47 13.18
N SER B 111 -17.90 -51.96 12.42
CA SER B 111 -16.88 -52.84 12.96
C SER B 111 -16.04 -52.10 14.03
N LEU B 112 -15.76 -50.79 13.79
CA LEU B 112 -14.93 -49.98 14.68
C LEU B 112 -15.71 -49.70 15.97
N LEU B 113 -17.00 -49.45 15.81
CA LEU B 113 -17.89 -49.17 16.94
C LEU B 113 -18.01 -50.42 17.84
N ASP B 114 -18.12 -51.59 17.22
CA ASP B 114 -18.15 -52.85 17.93
C ASP B 114 -16.84 -52.98 18.71
N LEU B 115 -15.73 -52.66 18.04
CA LEU B 115 -14.39 -52.81 18.64
C LEU B 115 -14.27 -51.87 19.84
N HIS B 116 -14.77 -50.63 19.69
CA HIS B 116 -14.77 -49.67 20.77
C HIS B 116 -15.62 -50.16 21.95
N GLY B 117 -16.81 -50.69 21.67
CA GLY B 117 -17.70 -51.26 22.69
C GLY B 117 -17.00 -52.40 23.44
N LEU B 118 -16.27 -53.25 22.73
CA LEU B 118 -15.48 -54.31 23.35
C LEU B 118 -14.39 -53.73 24.26
N ALA B 119 -13.60 -52.76 23.78
CA ALA B 119 -12.58 -52.10 24.58
C ALA B 119 -13.21 -51.55 25.87
N ASP B 120 -14.37 -50.87 25.74
CA ASP B 120 -15.03 -50.29 26.89
C ASP B 120 -15.47 -51.39 27.87
N SER B 121 -15.96 -52.52 27.37
CA SER B 121 -16.46 -53.57 28.23
C SER B 121 -15.31 -54.17 29.06
N LYS B 122 -14.06 -54.09 28.58
CA LYS B 122 -12.88 -54.62 29.33
C LYS B 122 -12.13 -53.49 30.04
N LYS B 123 -12.71 -52.28 30.07
CA LYS B 123 -12.13 -51.10 30.73
C LYS B 123 -10.75 -50.76 30.12
N ASP B 124 -10.59 -51.01 28.82
CA ASP B 124 -9.35 -50.65 28.15
C ASP B 124 -9.47 -49.19 27.72
N ALA B 125 -9.10 -48.29 28.64
CA ALA B 125 -9.23 -46.87 28.44
C ALA B 125 -8.28 -46.37 27.34
N GLN B 126 -7.01 -46.84 27.29
CA GLN B 126 -5.99 -46.57 26.21
C GLN B 126 -6.65 -46.89 24.88
N MET B 127 -7.16 -48.10 24.76
CA MET B 127 -7.69 -48.59 23.49
C MET B 127 -8.93 -47.79 23.04
N CYS B 128 -9.86 -47.45 23.96
CA CYS B 128 -10.99 -46.55 23.66
C CYS B 128 -10.45 -45.24 23.07
N ALA B 129 -9.47 -44.62 23.74
CA ALA B 129 -8.93 -43.32 23.31
C ALA B 129 -8.33 -43.44 21.91
N PHE B 130 -7.53 -44.50 21.69
CA PHE B 130 -6.86 -44.77 20.42
C PHE B 130 -7.90 -44.84 19.28
N ILE B 131 -8.97 -45.62 19.47
CA ILE B 131 -10.01 -45.78 18.39
C ILE B 131 -10.72 -44.45 18.14
N ALA B 132 -11.02 -43.73 19.22
CA ALA B 132 -11.69 -42.45 19.17
C ALA B 132 -10.81 -41.40 18.49
N THR B 133 -9.53 -41.30 18.88
CA THR B 133 -8.61 -40.33 18.30
C THR B 133 -8.30 -40.61 16.83
N HIS B 134 -8.09 -41.86 16.44
CA HIS B 134 -7.60 -42.12 15.10
C HIS B 134 -8.68 -42.64 14.14
N TYR B 135 -9.78 -43.20 14.63
CA TYR B 135 -10.65 -43.92 13.71
C TYR B 135 -12.08 -43.36 13.67
N LEU B 136 -12.67 -43.02 14.81
CA LEU B 136 -14.14 -42.84 14.82
C LEU B 136 -14.54 -41.52 14.12
N THR B 137 -13.79 -40.43 14.35
CA THR B 137 -14.09 -39.18 13.66
C THR B 137 -13.70 -39.25 12.16
N GLU B 138 -12.55 -39.86 11.82
CA GLU B 138 -12.16 -40.05 10.41
C GLU B 138 -13.26 -40.76 9.65
N GLN B 139 -13.88 -41.77 10.27
CA GLN B 139 -14.90 -42.59 9.65
C GLN B 139 -16.18 -41.76 9.41
N VAL B 140 -16.56 -40.96 10.41
CA VAL B 140 -17.66 -40.06 10.26
C VAL B 140 -17.39 -39.04 9.15
N GLU B 141 -16.17 -38.53 9.07
CA GLU B 141 -15.82 -37.54 8.01
C GLU B 141 -15.88 -38.22 6.64
N ALA B 142 -15.36 -39.44 6.56
CA ALA B 142 -15.36 -40.22 5.31
C ALA B 142 -16.79 -40.45 4.82
N ILE B 143 -17.68 -40.90 5.71
CA ILE B 143 -19.09 -41.17 5.36
C ILE B 143 -19.76 -39.89 4.84
N LYS B 144 -19.54 -38.78 5.52
CA LYS B 144 -20.15 -37.49 5.13
C LYS B 144 -19.63 -37.08 3.75
N GLU B 145 -18.34 -37.22 3.52
CA GLU B 145 -17.75 -36.86 2.21
C GLU B 145 -18.38 -37.74 1.11
N ILE B 146 -18.56 -39.02 1.37
CA ILE B 146 -19.10 -39.91 0.34
C ILE B 146 -20.57 -39.57 0.04
N GLY B 147 -21.35 -39.30 1.10
CA GLY B 147 -22.73 -38.90 1.01
C GLY B 147 -22.91 -37.67 0.14
N ASP B 148 -22.03 -36.69 0.36
CA ASP B 148 -21.95 -35.47 -0.45
C ASP B 148 -21.63 -35.81 -1.92
N HIS B 149 -20.68 -36.73 -2.20
CA HIS B 149 -20.36 -37.13 -3.59
C HIS B 149 -21.58 -37.78 -4.27
N ILE B 150 -22.26 -38.70 -3.56
CA ILE B 150 -23.49 -39.33 -4.04
C ILE B 150 -24.53 -38.25 -4.42
N THR B 151 -24.82 -37.36 -3.49
CA THR B 151 -25.77 -36.29 -3.76
C THR B 151 -25.37 -35.52 -5.01
N ASN B 152 -24.09 -35.17 -5.13
CA ASN B 152 -23.66 -34.35 -6.26
C ASN B 152 -23.68 -35.13 -7.58
N LEU B 153 -23.36 -36.41 -7.49
CA LEU B 153 -23.33 -37.22 -8.68
C LEU B 153 -24.76 -37.46 -9.22
N LYS B 154 -25.76 -37.53 -8.32
CA LYS B 154 -27.19 -37.61 -8.74
C LYS B 154 -27.62 -36.29 -9.36
N ARG B 155 -27.11 -35.17 -8.84
CA ARG B 155 -27.50 -33.86 -9.35
C ARG B 155 -26.93 -33.64 -10.77
N VAL B 156 -25.63 -33.93 -10.97
CA VAL B 156 -25.01 -33.67 -12.21
C VAL B 156 -25.52 -34.75 -13.19
N GLY B 157 -25.41 -34.48 -14.46
CA GLY B 157 -25.91 -35.65 -15.33
C GLY B 157 -25.27 -37.06 -15.11
N THR B 158 -25.86 -38.04 -15.78
CA THR B 158 -25.20 -39.30 -16.20
C THR B 158 -24.01 -39.08 -17.16
N GLY B 159 -24.01 -38.08 -18.03
CA GLY B 159 -22.93 -38.09 -19.13
C GLY B 159 -21.90 -36.96 -18.98
N LEU B 160 -22.19 -35.78 -19.55
CA LEU B 160 -21.30 -34.63 -19.41
C LEU B 160 -21.09 -34.32 -17.90
N GLY B 161 -22.17 -34.42 -17.11
CA GLY B 161 -22.09 -34.20 -15.70
C GLY B 161 -21.03 -35.05 -15.03
N GLU B 162 -20.95 -36.31 -15.43
CA GLU B 162 -19.99 -37.24 -14.85
C GLU B 162 -18.55 -36.86 -15.26
N PHE B 163 -18.35 -36.43 -16.50
CA PHE B 163 -17.03 -35.93 -16.94
C PHE B 163 -16.56 -34.75 -16.06
N ILE B 164 -17.44 -33.76 -15.91
CA ILE B 164 -17.13 -32.51 -15.19
C ILE B 164 -16.84 -32.80 -13.71
N TYR B 165 -17.71 -33.56 -13.07
CA TYR B 165 -17.56 -33.85 -11.68
C TYR B 165 -16.21 -34.51 -11.42
N ASP B 166 -15.87 -35.47 -12.27
CA ASP B 166 -14.62 -36.22 -12.26
C ASP B 166 -13.43 -35.29 -12.42
N LYS B 167 -13.52 -34.32 -13.32
CA LYS B 167 -12.39 -33.39 -13.53
C LYS B 167 -12.28 -32.39 -12.39
N GLU B 168 -13.41 -31.88 -11.90
CA GLU B 168 -13.42 -30.69 -11.03
C GLU B 168 -13.35 -31.10 -9.55
N ASN B 169 -13.95 -32.24 -9.19
CA ASN B 169 -14.22 -32.52 -7.80
C ASN B 169 -13.41 -33.71 -7.29
N LEU B 170 -12.83 -34.52 -8.19
CA LEU B 170 -12.06 -35.75 -7.87
C LEU B 170 -10.60 -35.57 -8.31
N LYS B 171 -10.37 -34.97 -9.49
CA LYS B 171 -9.02 -34.90 -10.19
C LYS B 171 -8.22 -33.69 -9.73
N GLU B 172 -8.92 -32.58 -9.45
CA GLU B 172 -8.33 -31.39 -8.80
C GLU B 172 -8.98 -31.24 -7.43
N GLN C 2 -5.79 29.13 -48.24
CA GLN C 2 -4.44 28.48 -48.47
C GLN C 2 -4.43 27.09 -47.85
N PRO C 3 -3.91 26.05 -48.54
CA PRO C 3 -3.79 24.72 -47.93
C PRO C 3 -2.88 24.70 -46.70
N SER C 4 -3.03 23.65 -45.89
CA SER C 4 -2.15 23.34 -44.77
C SER C 4 -0.69 23.30 -45.26
N GLN C 5 0.22 23.84 -44.46
CA GLN C 5 1.65 23.79 -44.72
C GLN C 5 2.17 22.34 -44.83
N VAL C 6 1.48 21.36 -44.23
CA VAL C 6 1.99 19.98 -44.28
C VAL C 6 1.38 19.21 -45.47
N ARG C 7 0.30 19.73 -46.06
CA ARG C 7 -0.51 18.92 -47.00
C ARG C 7 0.29 18.64 -48.26
N GLN C 8 0.33 17.36 -48.64
CA GLN C 8 1.03 16.92 -49.84
C GLN C 8 0.45 15.59 -50.30
N ASN C 9 0.03 15.55 -51.57
CA ASN C 9 -0.53 14.33 -52.21
C ASN C 9 -1.77 13.79 -51.46
N PHE C 10 -2.60 14.70 -50.93
CA PHE C 10 -3.83 14.35 -50.17
C PHE C 10 -5.06 15.04 -50.81
N HIS C 11 -5.85 14.25 -51.52
CA HIS C 11 -7.03 14.70 -52.20
C HIS C 11 -8.16 15.06 -51.23
N GLU C 12 -8.92 16.11 -51.55
CA GLU C 12 -10.02 16.47 -50.70
C GLU C 12 -11.10 15.37 -50.61
N LEU C 13 -11.20 14.47 -51.59
CA LEU C 13 -12.17 13.32 -51.44
C LEU C 13 -11.64 12.28 -50.43
N CYS C 14 -10.32 12.08 -50.35
CA CYS C 14 -9.75 11.22 -49.34
C CYS C 14 -9.95 11.85 -47.95
N GLU C 15 -9.80 13.18 -47.88
CA GLU C 15 -9.99 13.89 -46.62
C GLU C 15 -11.43 13.64 -46.14
N ALA C 16 -12.37 13.79 -47.08
CA ALA C 16 -13.79 13.67 -46.80
C ALA C 16 -14.09 12.23 -46.38
N GLY C 17 -13.37 11.28 -46.99
CA GLY C 17 -13.56 9.88 -46.72
C GLY C 17 -13.11 9.50 -45.33
N VAL C 18 -12.02 10.12 -44.85
CA VAL C 18 -11.53 9.91 -43.48
C VAL C 18 -12.56 10.44 -42.49
N ASN C 19 -13.16 11.60 -42.80
CA ASN C 19 -14.20 12.14 -41.93
C ASN C 19 -15.40 11.17 -41.85
N LYS C 20 -15.82 10.60 -42.99
CA LYS C 20 -16.92 9.59 -42.99
C LYS C 20 -16.53 8.40 -42.09
N GLN C 21 -15.28 7.95 -42.21
CA GLN C 21 -14.86 6.73 -41.49
C GLN C 21 -14.78 7.02 -39.98
N ILE C 22 -14.36 8.23 -39.60
CA ILE C 22 -14.30 8.63 -38.19
C ILE C 22 -15.70 8.49 -37.57
N ASN C 23 -16.73 8.98 -38.28
CA ASN C 23 -18.11 8.90 -37.83
C ASN C 23 -18.56 7.43 -37.69
N LEU C 24 -18.25 6.58 -38.67
CA LEU C 24 -18.60 5.14 -38.66
C LEU C 24 -17.95 4.46 -37.44
N GLU C 25 -16.70 4.79 -37.17
CA GLU C 25 -15.96 4.18 -36.05
C GLU C 25 -16.64 4.61 -34.73
N LEU C 26 -17.05 5.86 -34.61
CA LEU C 26 -17.71 6.35 -33.38
C LEU C 26 -19.08 5.69 -33.21
N TYR C 27 -19.79 5.47 -34.31
CA TYR C 27 -21.05 4.80 -34.35
C TYR C 27 -20.92 3.37 -33.84
N ALA C 28 -19.88 2.65 -34.29
CA ALA C 28 -19.67 1.31 -33.85
C ALA C 28 -19.34 1.27 -32.35
N SER C 29 -18.50 2.21 -31.89
CA SER C 29 -18.20 2.36 -30.49
C SER C 29 -19.49 2.51 -29.66
N TYR C 30 -20.40 3.37 -30.12
CA TYR C 30 -21.65 3.62 -29.40
C TYR C 30 -22.53 2.36 -29.35
N THR C 31 -22.63 1.62 -30.45
CA THR C 31 -23.36 0.39 -30.52
C THR C 31 -22.77 -0.62 -29.52
N TYR C 32 -21.45 -0.78 -29.49
CA TYR C 32 -20.87 -1.75 -28.56
C TYR C 32 -21.11 -1.32 -27.12
N HIS C 33 -21.17 -0.01 -26.88
CA HIS C 33 -21.37 0.54 -25.57
C HIS C 33 -22.77 0.13 -25.09
N SER C 34 -23.74 0.25 -26.00
CA SER C 34 -25.13 -0.13 -25.76
C SER C 34 -25.20 -1.61 -25.40
N ILE C 35 -24.52 -2.42 -26.22
CA ILE C 35 -24.55 -3.86 -26.07
C ILE C 35 -23.94 -4.20 -24.71
N ALA C 36 -22.82 -3.55 -24.37
CA ALA C 36 -22.14 -3.76 -23.08
C ALA C 36 -23.09 -3.54 -21.91
N PHE C 37 -23.86 -2.45 -21.93
CA PHE C 37 -24.69 -2.14 -20.77
C PHE C 37 -25.99 -2.98 -20.76
N TYR C 38 -26.43 -3.47 -21.90
CA TYR C 38 -27.51 -4.40 -21.96
C TYR C 38 -27.13 -5.68 -21.16
N PHE C 39 -25.88 -6.13 -21.22
CA PHE C 39 -25.46 -7.40 -20.59
C PHE C 39 -25.30 -7.23 -19.07
N ASP C 40 -25.31 -5.98 -18.60
CA ASP C 40 -25.23 -5.54 -17.19
C ASP C 40 -26.64 -5.37 -16.62
N ARG C 41 -27.69 -5.54 -17.44
CA ARG C 41 -29.06 -5.50 -16.85
C ARG C 41 -29.22 -6.67 -15.85
N ASP C 42 -30.01 -6.44 -14.80
CA ASP C 42 -30.27 -7.46 -13.79
C ASP C 42 -30.96 -8.69 -14.42
N ASP C 43 -31.72 -8.49 -15.49
CA ASP C 43 -32.48 -9.53 -16.13
C ASP C 43 -31.71 -10.14 -17.28
N VAL C 44 -30.46 -9.73 -17.49
CA VAL C 44 -29.56 -10.36 -18.50
C VAL C 44 -28.33 -10.99 -17.79
N ALA C 45 -27.58 -10.12 -17.08
CA ALA C 45 -26.52 -10.47 -16.15
C ALA C 45 -25.50 -11.45 -16.76
N LEU C 46 -24.84 -11.03 -17.84
CA LEU C 46 -23.72 -11.75 -18.40
C LEU C 46 -22.47 -10.85 -18.30
N PRO C 47 -21.69 -10.97 -17.20
CA PRO C 47 -20.60 -10.05 -16.91
C PRO C 47 -19.45 -10.18 -17.91
N GLY C 48 -19.24 -11.41 -18.43
CA GLY C 48 -18.27 -11.64 -19.48
C GLY C 48 -18.49 -10.78 -20.71
N ALA C 49 -19.73 -10.80 -21.22
CA ALA C 49 -20.12 -10.02 -22.37
C ALA C 49 -20.07 -8.52 -22.05
N HIS C 50 -20.52 -8.13 -20.87
CA HIS C 50 -20.41 -6.73 -20.46
C HIS C 50 -18.97 -6.22 -20.62
N LYS C 51 -18.02 -6.98 -20.06
CA LYS C 51 -16.59 -6.65 -20.09
C LYS C 51 -16.05 -6.65 -21.54
N TYR C 52 -16.37 -7.69 -22.31
CA TYR C 52 -15.98 -7.87 -23.70
C TYR C 52 -16.45 -6.67 -24.55
N PHE C 53 -17.73 -6.37 -24.50
CA PHE C 53 -18.36 -5.28 -25.28
C PHE C 53 -17.88 -3.90 -24.84
N LYS C 54 -17.66 -3.69 -23.54
CA LYS C 54 -17.09 -2.43 -23.00
C LYS C 54 -15.73 -2.23 -23.68
N LYS C 55 -14.92 -3.29 -23.68
CA LYS C 55 -13.57 -3.26 -24.29
C LYS C 55 -13.67 -3.01 -25.80
N GLN C 56 -14.62 -3.63 -26.48
CA GLN C 56 -14.80 -3.41 -27.94
C GLN C 56 -15.16 -1.94 -28.17
N SER C 57 -16.02 -1.37 -27.33
CA SER C 57 -16.42 0.05 -27.44
C SER C 57 -15.17 0.94 -27.33
N GLU C 58 -14.31 0.64 -26.37
CA GLU C 58 -13.09 1.45 -26.17
C GLU C 58 -12.22 1.35 -27.42
N GLU C 59 -12.05 0.14 -27.95
CA GLU C 59 -11.22 -0.11 -29.15
C GLU C 59 -11.77 0.64 -30.38
N GLU C 60 -12.98 0.71 -30.55
CA GLU C 60 -13.53 1.39 -31.74
C GLU C 60 -13.32 2.90 -31.59
N ARG C 61 -13.44 3.41 -30.41
CA ARG C 61 -13.13 4.83 -30.13
C ARG C 61 -11.66 5.11 -30.49
N GLU C 62 -10.76 4.18 -30.17
CA GLU C 62 -9.32 4.30 -30.52
C GLU C 62 -9.16 4.29 -32.04
N HIS C 63 -9.88 3.42 -32.74
CA HIS C 63 -9.89 3.41 -34.22
C HIS C 63 -10.24 4.80 -34.75
N ALA C 64 -11.26 5.43 -34.20
CA ALA C 64 -11.66 6.80 -34.60
C ALA C 64 -10.53 7.78 -34.30
N GLU C 65 -9.92 7.68 -33.12
CA GLU C 65 -8.84 8.61 -32.73
C GLU C 65 -7.66 8.52 -33.69
N LYS C 66 -7.28 7.31 -34.08
CA LYS C 66 -6.14 7.12 -35.00
C LYS C 66 -6.43 7.82 -36.35
N LEU C 67 -7.68 7.77 -36.81
CA LEU C 67 -8.07 8.46 -38.06
C LEU C 67 -8.08 9.99 -37.89
N MET C 68 -8.47 10.51 -36.72
CA MET C 68 -8.44 11.94 -36.49
C MET C 68 -6.98 12.41 -36.53
N LYS C 69 -6.10 11.57 -36.00
CA LYS C 69 -4.70 11.86 -35.94
C LYS C 69 -4.09 11.75 -37.34
N PHE C 70 -4.55 10.77 -38.13
CA PHE C 70 -4.15 10.66 -39.53
C PHE C 70 -4.58 11.92 -40.29
N GLN C 71 -5.84 12.29 -40.11
CA GLN C 71 -6.39 13.50 -40.76
C GLN C 71 -5.44 14.69 -40.53
N ASN C 72 -5.09 14.96 -39.27
CA ASN C 72 -4.17 16.07 -38.92
C ASN C 72 -2.74 15.89 -39.46
N GLN C 73 -2.22 14.67 -39.44
CA GLN C 73 -0.89 14.40 -39.97
C GLN C 73 -0.78 14.87 -41.42
N ARG C 74 -1.86 14.65 -42.20
CA ARG C 74 -1.84 14.87 -43.63
C ARG C 74 -2.30 16.30 -43.92
N GLY C 75 -2.76 17.03 -42.90
CA GLY C 75 -3.19 18.43 -43.05
C GLY C 75 -4.63 18.56 -43.51
N GLY C 76 -5.40 17.49 -43.40
CA GLY C 76 -6.86 17.55 -43.56
C GLY C 76 -7.47 18.05 -42.27
N ARG C 77 -8.78 18.30 -42.27
CA ARG C 77 -9.42 18.93 -41.18
C ARG C 77 -10.59 18.07 -40.76
N VAL C 78 -10.59 17.69 -39.47
CA VAL C 78 -11.57 16.82 -38.86
C VAL C 78 -12.91 17.56 -38.82
N LYS C 79 -13.97 16.92 -39.37
CA LYS C 79 -15.35 17.42 -39.37
C LYS C 79 -16.25 16.35 -38.75
N LEU C 80 -16.83 16.70 -37.62
CA LEU C 80 -17.60 15.78 -36.81
C LEU C 80 -19.09 16.00 -37.10
N LYS C 81 -19.84 14.90 -37.11
CA LYS C 81 -21.27 14.84 -37.30
C LYS C 81 -21.86 14.10 -36.10
N ASP C 82 -23.20 14.15 -35.96
CA ASP C 82 -23.88 13.49 -34.87
C ASP C 82 -23.51 11.98 -34.88
N ILE C 83 -23.42 11.38 -33.70
CA ILE C 83 -23.25 9.94 -33.63
C ILE C 83 -24.64 9.36 -33.42
N THR C 84 -25.11 8.62 -34.44
CA THR C 84 -26.45 8.05 -34.47
C THR C 84 -26.56 6.99 -33.37
N ALA C 85 -27.68 7.02 -32.65
CA ALA C 85 -27.94 6.07 -31.61
C ALA C 85 -28.06 4.68 -32.23
N PRO C 86 -27.70 3.62 -31.45
CA PRO C 86 -27.70 2.25 -31.95
C PRO C 86 -29.10 1.79 -32.38
N GLU C 87 -29.14 0.84 -33.32
CA GLU C 87 -30.39 0.42 -33.96
C GLU C 87 -31.37 -0.22 -32.96
N LYS C 88 -30.90 -0.84 -31.87
CA LYS C 88 -31.80 -1.48 -30.89
C LYS C 88 -31.51 -1.03 -29.44
N GLU C 89 -32.51 -1.20 -28.59
CA GLU C 89 -32.38 -1.07 -27.14
C GLU C 89 -32.10 -2.45 -26.52
N GLU C 90 -32.70 -3.49 -27.11
CA GLU C 90 -32.70 -4.85 -26.61
C GLU C 90 -31.91 -5.72 -27.61
N TRP C 91 -30.87 -6.40 -27.16
CA TRP C 91 -30.00 -7.08 -28.09
C TRP C 91 -30.20 -8.60 -28.11
N GLY C 92 -31.09 -9.12 -27.27
CA GLY C 92 -31.40 -10.53 -27.24
C GLY C 92 -30.38 -11.35 -26.49
N SER C 93 -30.03 -12.48 -27.08
CA SER C 93 -29.12 -13.47 -26.49
C SER C 93 -27.69 -13.06 -26.79
N LEU C 94 -26.75 -13.79 -26.20
CA LEU C 94 -25.34 -13.54 -26.47
C LEU C 94 -25.06 -13.88 -27.92
N LEU C 95 -25.70 -14.95 -28.42
CA LEU C 95 -25.56 -15.26 -29.84
C LEU C 95 -26.09 -14.09 -30.68
N ASP C 96 -27.27 -13.58 -30.38
CA ASP C 96 -27.86 -12.50 -31.20
C ASP C 96 -26.94 -11.27 -31.23
N ALA C 97 -26.31 -10.97 -30.08
CA ALA C 97 -25.38 -9.85 -29.96
C ALA C 97 -24.20 -10.04 -30.89
N PHE C 98 -23.62 -11.24 -30.93
CA PHE C 98 -22.50 -11.51 -31.86
C PHE C 98 -22.90 -11.45 -33.34
N LYS C 99 -24.14 -11.82 -33.69
CA LYS C 99 -24.57 -11.72 -35.09
C LYS C 99 -24.64 -10.23 -35.52
N VAL C 100 -25.09 -9.37 -34.60
CA VAL C 100 -25.10 -7.92 -34.80
C VAL C 100 -23.65 -7.46 -35.02
N ALA C 101 -22.71 -7.97 -34.20
CA ALA C 101 -21.31 -7.53 -34.27
C ALA C 101 -20.73 -7.99 -35.61
N LEU C 102 -21.11 -9.18 -36.08
CA LEU C 102 -20.57 -9.64 -37.38
C LEU C 102 -21.04 -8.70 -38.51
N GLU C 103 -22.33 -8.35 -38.48
CA GLU C 103 -22.91 -7.50 -39.47
C GLU C 103 -22.18 -6.16 -39.41
N LEU C 104 -22.04 -5.58 -38.21
CA LEU C 104 -21.39 -4.27 -38.01
C LEU C 104 -19.93 -4.33 -38.53
N GLU C 105 -19.17 -5.38 -38.17
CA GLU C 105 -17.75 -5.48 -38.54
C GLU C 105 -17.59 -5.59 -40.07
N LYS C 106 -18.51 -6.30 -40.75
CA LYS C 106 -18.40 -6.40 -42.21
C LYS C 106 -18.80 -5.09 -42.89
N LYS C 107 -19.76 -4.35 -42.30
CA LYS C 107 -20.13 -3.03 -42.76
C LYS C 107 -18.91 -2.07 -42.69
N VAL C 108 -18.21 -2.08 -41.56
CA VAL C 108 -17.06 -1.20 -41.36
C VAL C 108 -15.94 -1.61 -42.34
N ASN C 109 -15.70 -2.92 -42.47
CA ASN C 109 -14.73 -3.47 -43.38
C ASN C 109 -14.97 -2.99 -44.83
N GLN C 110 -16.19 -3.11 -45.35
CA GLN C 110 -16.48 -2.71 -46.69
C GLN C 110 -16.22 -1.21 -46.85
N SER C 111 -16.48 -0.43 -45.81
CA SER C 111 -16.23 0.99 -45.84
C SER C 111 -14.72 1.29 -45.94
N LEU C 112 -13.90 0.50 -45.23
CA LEU C 112 -12.43 0.61 -45.24
C LEU C 112 -11.88 0.18 -46.59
N LEU C 113 -12.49 -0.84 -47.21
CA LEU C 113 -12.03 -1.28 -48.53
C LEU C 113 -12.38 -0.21 -49.58
N ASP C 114 -13.52 0.46 -49.43
CA ASP C 114 -13.89 1.53 -50.37
C ASP C 114 -12.93 2.71 -50.19
N LEU C 115 -12.64 3.06 -48.93
CA LEU C 115 -11.69 4.14 -48.58
C LEU C 115 -10.28 3.83 -49.12
N HIS C 116 -9.85 2.59 -49.01
CA HIS C 116 -8.60 2.17 -49.57
C HIS C 116 -8.63 2.26 -51.10
N GLY C 117 -9.76 1.90 -51.73
CA GLY C 117 -9.90 1.97 -53.19
C GLY C 117 -9.77 3.42 -53.66
N LEU C 118 -10.30 4.34 -52.88
CA LEU C 118 -10.28 5.78 -53.19
C LEU C 118 -8.86 6.35 -53.12
N ALA C 119 -8.11 5.91 -52.08
CA ALA C 119 -6.70 6.24 -51.90
C ALA C 119 -5.90 5.78 -53.12
N ASP C 120 -6.11 4.52 -53.53
CA ASP C 120 -5.38 3.99 -54.68
C ASP C 120 -5.75 4.83 -55.93
N SER C 121 -7.04 5.17 -56.08
CA SER C 121 -7.54 5.98 -57.21
C SER C 121 -6.76 7.29 -57.38
N LYS C 122 -6.40 7.91 -56.25
CA LYS C 122 -5.73 9.20 -56.22
C LYS C 122 -4.22 9.03 -55.99
N LYS C 123 -3.77 7.79 -56.08
CA LYS C 123 -2.37 7.40 -55.92
C LYS C 123 -1.81 7.93 -54.60
N ASP C 124 -2.61 7.92 -53.53
CA ASP C 124 -2.14 8.24 -52.19
C ASP C 124 -1.51 6.98 -51.60
N ALA C 125 -0.21 6.80 -51.86
CA ALA C 125 0.50 5.57 -51.47
C ALA C 125 0.56 5.50 -49.94
N GLN C 126 0.79 6.64 -49.27
CA GLN C 126 0.92 6.68 -47.78
C GLN C 126 -0.41 6.29 -47.15
N MET C 127 -1.49 6.86 -47.70
CA MET C 127 -2.81 6.55 -47.18
C MET C 127 -3.16 5.06 -47.38
N CYS C 128 -2.87 4.48 -48.57
CA CYS C 128 -3.01 2.98 -48.80
C CYS C 128 -2.26 2.26 -47.68
N ALA C 129 -1.00 2.66 -47.46
CA ALA C 129 -0.13 2.02 -46.46
C ALA C 129 -0.80 2.04 -45.08
N PHE C 130 -1.22 3.24 -44.65
CA PHE C 130 -1.81 3.47 -43.37
C PHE C 130 -3.01 2.53 -43.19
N ILE C 131 -3.91 2.50 -44.18
CA ILE C 131 -5.15 1.76 -44.02
C ILE C 131 -4.80 0.26 -43.93
N ALA C 132 -3.89 -0.19 -44.80
CA ALA C 132 -3.53 -1.60 -44.90
C ALA C 132 -2.91 -2.05 -43.58
N THR C 133 -2.02 -1.23 -43.04
CA THR C 133 -1.26 -1.56 -41.86
C THR C 133 -2.14 -1.55 -40.60
N HIS C 134 -3.00 -0.54 -40.43
CA HIS C 134 -3.67 -0.35 -39.12
C HIS C 134 -5.12 -0.88 -39.13
N TYR C 135 -5.72 -1.05 -40.31
CA TYR C 135 -7.17 -1.33 -40.36
C TYR C 135 -7.52 -2.66 -41.05
N LEU C 136 -6.91 -2.98 -42.20
CA LEU C 136 -7.45 -4.09 -43.03
C LEU C 136 -7.25 -5.43 -42.33
N THR C 137 -6.06 -5.68 -41.81
CA THR C 137 -5.81 -6.99 -41.15
C THR C 137 -6.53 -7.05 -39.79
N GLU C 138 -6.62 -5.97 -38.98
CA GLU C 138 -7.43 -6.05 -37.67
C GLU C 138 -8.86 -6.41 -38.05
N GLN C 139 -9.39 -5.86 -39.16
CA GLN C 139 -10.81 -6.11 -39.51
C GLN C 139 -11.03 -7.58 -39.85
N VAL C 140 -10.12 -8.15 -40.63
CA VAL C 140 -10.19 -9.54 -40.99
C VAL C 140 -10.08 -10.40 -39.72
N GLU C 141 -9.20 -10.02 -38.80
CA GLU C 141 -9.00 -10.75 -37.56
C GLU C 141 -10.26 -10.61 -36.67
N ALA C 142 -10.85 -9.42 -36.63
CA ALA C 142 -12.08 -9.20 -35.85
C ALA C 142 -13.26 -10.03 -36.39
N ILE C 143 -13.36 -10.17 -37.72
CA ILE C 143 -14.45 -10.87 -38.36
C ILE C 143 -14.30 -12.37 -38.13
N LYS C 144 -13.08 -12.88 -38.25
CA LYS C 144 -12.81 -14.29 -37.96
C LYS C 144 -13.16 -14.62 -36.49
N GLU C 145 -12.67 -13.80 -35.57
CA GLU C 145 -12.92 -14.01 -34.14
C GLU C 145 -14.44 -14.10 -33.88
N ILE C 146 -15.20 -13.19 -34.51
CA ILE C 146 -16.64 -13.12 -34.29
C ILE C 146 -17.32 -14.34 -34.91
N GLY C 147 -16.89 -14.77 -36.10
CA GLY C 147 -17.34 -16.00 -36.70
C GLY C 147 -17.18 -17.19 -35.76
N ASP C 148 -16.00 -17.26 -35.13
CA ASP C 148 -15.67 -18.37 -34.22
C ASP C 148 -16.62 -18.32 -33.00
N HIS C 149 -16.88 -17.11 -32.50
CA HIS C 149 -17.80 -16.89 -31.36
C HIS C 149 -19.23 -17.32 -31.73
N ILE C 150 -19.68 -16.93 -32.90
CA ILE C 150 -21.00 -17.37 -33.38
C ILE C 150 -21.07 -18.91 -33.44
N THR C 151 -20.10 -19.57 -34.05
CA THR C 151 -20.10 -21.01 -34.20
C THR C 151 -20.18 -21.69 -32.83
N ASN C 152 -19.39 -21.21 -31.88
CA ASN C 152 -19.31 -21.76 -30.52
C ASN C 152 -20.61 -21.52 -29.74
N LEU C 153 -21.22 -20.35 -29.92
CA LEU C 153 -22.45 -20.00 -29.21
C LEU C 153 -23.65 -20.84 -29.73
N LYS C 154 -23.62 -21.25 -31.00
CA LYS C 154 -24.58 -22.23 -31.52
C LYS C 154 -24.30 -23.63 -30.92
N ARG C 155 -23.04 -24.04 -30.85
CA ARG C 155 -22.62 -25.33 -30.30
C ARG C 155 -23.09 -25.53 -28.85
N VAL C 156 -22.79 -24.56 -27.98
CA VAL C 156 -23.10 -24.67 -26.56
C VAL C 156 -24.60 -24.40 -26.42
N GLY C 157 -25.25 -24.80 -25.37
CA GLY C 157 -26.77 -24.48 -25.52
C GLY C 157 -27.17 -22.99 -25.48
N THR C 158 -28.50 -22.78 -25.39
CA THR C 158 -29.12 -21.50 -24.95
C THR C 158 -28.87 -21.10 -23.48
N GLY C 159 -28.89 -22.05 -22.56
CA GLY C 159 -28.93 -21.63 -21.13
C GLY C 159 -27.58 -21.85 -20.43
N LEU C 160 -27.37 -23.04 -19.91
CA LEU C 160 -26.11 -23.36 -19.23
C LEU C 160 -24.90 -23.08 -20.15
N GLY C 161 -25.01 -23.50 -21.41
CA GLY C 161 -24.00 -23.32 -22.38
C GLY C 161 -23.57 -21.88 -22.50
N GLU C 162 -24.57 -20.97 -22.56
CA GLU C 162 -24.34 -19.55 -22.60
C GLU C 162 -23.63 -19.03 -21.34
N PHE C 163 -24.03 -19.53 -20.17
CA PHE C 163 -23.36 -19.08 -18.93
C PHE C 163 -21.88 -19.46 -19.00
N ILE C 164 -21.58 -20.66 -19.49
CA ILE C 164 -20.22 -21.19 -19.41
C ILE C 164 -19.33 -20.44 -20.42
N TYR C 165 -19.86 -20.21 -21.63
CA TYR C 165 -19.15 -19.50 -22.66
C TYR C 165 -18.79 -18.09 -22.19
N ASP C 166 -19.77 -17.39 -21.62
CA ASP C 166 -19.60 -16.07 -21.07
C ASP C 166 -18.49 -16.05 -20.01
N LYS C 167 -18.48 -17.06 -19.14
CA LYS C 167 -17.51 -17.14 -18.06
C LYS C 167 -16.12 -17.45 -18.61
N GLU C 168 -16.00 -18.41 -19.54
CA GLU C 168 -14.73 -19.06 -19.92
C GLU C 168 -14.08 -18.39 -21.15
N ASN C 169 -14.87 -17.91 -22.11
CA ASN C 169 -14.32 -17.53 -23.42
C ASN C 169 -14.36 -16.02 -23.65
N LEU C 170 -15.03 -15.26 -22.78
CA LEU C 170 -15.16 -13.78 -22.90
C LEU C 170 -14.58 -13.13 -21.64
N PRO D 3 29.68 -50.62 -50.00
CA PRO D 3 28.84 -50.40 -48.79
C PRO D 3 29.44 -49.33 -47.84
N SER D 4 28.58 -48.73 -47.03
CA SER D 4 28.99 -47.71 -46.09
C SER D 4 30.04 -48.27 -45.14
N GLN D 5 31.04 -47.44 -44.83
CA GLN D 5 32.06 -47.75 -43.84
C GLN D 5 31.45 -48.11 -42.46
N VAL D 6 30.24 -47.63 -42.13
CA VAL D 6 29.67 -47.90 -40.83
C VAL D 6 28.83 -49.19 -40.83
N ARG D 7 28.43 -49.71 -41.99
CA ARG D 7 27.36 -50.70 -42.05
C ARG D 7 27.86 -52.01 -41.44
N GLN D 8 27.06 -52.59 -40.54
CA GLN D 8 27.37 -53.84 -39.91
C GLN D 8 26.07 -54.46 -39.40
N ASN D 9 25.73 -55.63 -39.93
CA ASN D 9 24.59 -56.40 -39.47
C ASN D 9 23.29 -55.67 -39.83
N PHE D 10 23.29 -54.94 -40.96
CA PHE D 10 22.12 -54.19 -41.38
C PHE D 10 21.67 -54.70 -42.75
N HIS D 11 20.60 -55.49 -42.77
CA HIS D 11 20.15 -56.14 -44.01
C HIS D 11 19.45 -55.11 -44.93
N GLU D 12 19.54 -55.31 -46.25
CA GLU D 12 18.87 -54.45 -47.28
C GLU D 12 17.36 -54.37 -47.05
N LEU D 13 16.71 -55.47 -46.63
CA LEU D 13 15.24 -55.46 -46.36
C LEU D 13 14.91 -54.59 -45.12
N CYS D 14 15.79 -54.59 -44.11
CA CYS D 14 15.59 -53.73 -42.93
C CYS D 14 15.73 -52.27 -43.36
N GLU D 15 16.72 -52.00 -44.21
CA GLU D 15 16.92 -50.67 -44.77
C GLU D 15 15.61 -50.25 -45.47
N ALA D 16 15.04 -51.14 -46.28
CA ALA D 16 13.86 -50.78 -47.06
C ALA D 16 12.66 -50.57 -46.11
N GLY D 17 12.62 -51.37 -45.05
CA GLY D 17 11.53 -51.26 -44.04
C GLY D 17 11.56 -49.92 -43.30
N VAL D 18 12.74 -49.42 -43.01
CA VAL D 18 12.90 -48.11 -42.37
C VAL D 18 12.40 -47.04 -43.33
N ASN D 19 12.75 -47.13 -44.62
CA ASN D 19 12.28 -46.11 -45.62
C ASN D 19 10.75 -46.09 -45.74
N LYS D 20 10.14 -47.28 -45.73
CA LYS D 20 8.70 -47.43 -45.73
C LYS D 20 8.07 -46.75 -44.48
N GLN D 21 8.70 -46.94 -43.33
CA GLN D 21 8.20 -46.38 -42.05
C GLN D 21 8.33 -44.85 -42.04
N ILE D 22 9.38 -44.32 -42.64
CA ILE D 22 9.55 -42.86 -42.69
C ILE D 22 8.39 -42.25 -43.46
N ASN D 23 8.04 -42.84 -44.60
CA ASN D 23 6.89 -42.36 -45.41
C ASN D 23 5.60 -42.46 -44.58
N LEU D 24 5.41 -43.57 -43.87
CA LEU D 24 4.17 -43.73 -43.08
C LEU D 24 4.11 -42.62 -42.01
N GLU D 25 5.21 -42.37 -41.31
CA GLU D 25 5.22 -41.34 -40.25
C GLU D 25 4.90 -39.98 -40.86
N LEU D 26 5.43 -39.66 -42.03
CA LEU D 26 5.16 -38.34 -42.68
C LEU D 26 3.71 -38.28 -43.13
N TYR D 27 3.20 -39.41 -43.62
CA TYR D 27 1.78 -39.48 -44.02
C TYR D 27 0.92 -39.16 -42.79
N ALA D 28 1.19 -39.80 -41.67
CA ALA D 28 0.48 -39.53 -40.40
C ALA D 28 0.57 -38.03 -40.07
N SER D 29 1.77 -37.47 -40.07
CA SER D 29 1.99 -36.03 -39.80
C SER D 29 1.07 -35.17 -40.67
N TYR D 30 0.97 -35.46 -41.96
CA TYR D 30 0.21 -34.63 -42.91
C TYR D 30 -1.29 -34.77 -42.60
N THR D 31 -1.74 -35.98 -42.22
CA THR D 31 -3.11 -36.16 -41.88
C THR D 31 -3.48 -35.38 -40.61
N TYR D 32 -2.59 -35.38 -39.61
CA TYR D 32 -2.88 -34.63 -38.38
C TYR D 32 -2.86 -33.12 -38.67
N HIS D 33 -2.02 -32.68 -39.62
CA HIS D 33 -1.97 -31.27 -40.00
C HIS D 33 -3.30 -30.80 -40.60
N SER D 34 -3.82 -31.59 -41.54
CA SER D 34 -5.15 -31.41 -42.13
C SER D 34 -6.25 -31.29 -41.05
N ILE D 35 -6.32 -32.28 -40.16
CA ILE D 35 -7.30 -32.27 -39.08
C ILE D 35 -7.16 -30.98 -38.26
N ALA D 36 -5.92 -30.59 -37.97
CA ALA D 36 -5.65 -29.48 -37.10
C ALA D 36 -6.22 -28.21 -37.74
N PHE D 37 -6.04 -28.02 -39.06
CA PHE D 37 -6.52 -26.78 -39.71
C PHE D 37 -8.03 -26.83 -39.99
N TYR D 38 -8.60 -28.03 -40.10
CA TYR D 38 -10.06 -28.22 -40.14
C TYR D 38 -10.72 -27.63 -38.88
N PHE D 39 -10.15 -27.87 -37.69
CA PHE D 39 -10.76 -27.38 -36.46
C PHE D 39 -10.56 -25.87 -36.31
N ASP D 40 -9.70 -25.28 -37.13
CA ASP D 40 -9.46 -23.82 -37.20
C ASP D 40 -10.47 -23.12 -38.12
N ARG D 41 -11.26 -23.87 -38.91
CA ARG D 41 -12.29 -23.21 -39.75
C ARG D 41 -13.26 -22.40 -38.86
N ASP D 42 -13.78 -21.29 -39.40
CA ASP D 42 -14.70 -20.41 -38.69
C ASP D 42 -16.03 -21.12 -38.36
N ASP D 43 -16.40 -22.13 -39.14
CA ASP D 43 -17.63 -22.89 -38.95
C ASP D 43 -17.37 -24.19 -38.16
N VAL D 44 -16.17 -24.40 -37.64
CA VAL D 44 -15.87 -25.53 -36.70
C VAL D 44 -15.38 -24.95 -35.36
N ALA D 45 -14.29 -24.17 -35.39
CA ALA D 45 -13.83 -23.30 -34.32
C ALA D 45 -13.70 -24.07 -33.02
N LEU D 46 -12.85 -25.11 -33.01
CA LEU D 46 -12.49 -25.78 -31.77
C LEU D 46 -10.98 -25.61 -31.52
N PRO D 47 -10.55 -24.59 -30.75
CA PRO D 47 -9.14 -24.22 -30.66
C PRO D 47 -8.27 -25.26 -29.94
N GLY D 48 -8.84 -25.95 -28.96
CA GLY D 48 -8.12 -27.03 -28.30
C GLY D 48 -7.69 -28.10 -29.30
N ALA D 49 -8.63 -28.56 -30.14
CA ALA D 49 -8.39 -29.61 -31.12
C ALA D 49 -7.36 -29.12 -32.14
N HIS D 50 -7.49 -27.86 -32.60
CA HIS D 50 -6.53 -27.24 -33.48
C HIS D 50 -5.11 -27.36 -32.92
N LYS D 51 -4.95 -27.01 -31.64
CA LYS D 51 -3.66 -27.01 -30.95
C LYS D 51 -3.17 -28.45 -30.74
N TYR D 52 -4.06 -29.35 -30.34
CA TYR D 52 -3.73 -30.74 -30.05
C TYR D 52 -3.23 -31.43 -31.33
N PHE D 53 -3.92 -31.25 -32.45
CA PHE D 53 -3.56 -31.96 -33.71
C PHE D 53 -2.31 -31.35 -34.38
N LYS D 54 -2.10 -30.04 -34.23
CA LYS D 54 -0.83 -29.38 -34.63
C LYS D 54 0.32 -30.08 -33.90
N LYS D 55 0.14 -30.32 -32.60
CA LYS D 55 1.21 -30.87 -31.81
C LYS D 55 1.44 -32.33 -32.25
N GLN D 56 0.36 -33.05 -32.51
CA GLN D 56 0.43 -34.44 -33.00
C GLN D 56 1.19 -34.46 -34.34
N SER D 57 0.88 -33.51 -35.21
CA SER D 57 1.51 -33.36 -36.54
C SER D 57 3.02 -33.17 -36.35
N GLU D 58 3.42 -32.28 -35.46
CA GLU D 58 4.86 -32.05 -35.19
C GLU D 58 5.50 -33.33 -34.64
N GLU D 59 4.86 -34.01 -33.69
CA GLU D 59 5.46 -35.21 -33.07
C GLU D 59 5.69 -36.30 -34.12
N GLU D 60 4.78 -36.41 -35.04
CA GLU D 60 4.88 -37.43 -36.13
C GLU D 60 6.05 -37.10 -37.08
N ARG D 61 6.21 -35.94 -37.36
CA ARG D 61 7.36 -35.46 -38.17
C ARG D 61 8.65 -35.82 -37.41
N GLU D 62 8.63 -35.67 -36.09
CA GLU D 62 9.81 -36.04 -35.27
C GLU D 62 10.00 -37.56 -35.34
N HIS D 63 8.91 -38.32 -35.37
CA HIS D 63 8.99 -39.79 -35.51
C HIS D 63 9.72 -40.11 -36.82
N ALA D 64 9.37 -39.41 -37.89
CA ALA D 64 10.01 -39.62 -39.20
C ALA D 64 11.50 -39.28 -39.12
N GLU D 65 11.84 -38.18 -38.46
CA GLU D 65 13.22 -37.69 -38.41
C GLU D 65 14.10 -38.65 -37.62
N LYS D 66 13.56 -39.25 -36.57
CA LYS D 66 14.35 -40.19 -35.76
C LYS D 66 14.70 -41.44 -36.58
N LEU D 67 13.80 -41.87 -37.46
CA LEU D 67 14.07 -43.04 -38.34
C LEU D 67 15.07 -42.69 -39.45
N MET D 68 15.03 -41.45 -39.95
CA MET D 68 16.03 -40.97 -40.92
C MET D 68 17.41 -40.95 -40.28
N LYS D 69 17.47 -40.43 -39.04
CA LYS D 69 18.67 -40.44 -38.27
C LYS D 69 19.15 -41.90 -38.06
N PHE D 70 18.24 -42.82 -37.74
CA PHE D 70 18.61 -44.23 -37.54
C PHE D 70 19.19 -44.83 -38.86
N GLN D 71 18.51 -44.55 -39.98
CA GLN D 71 18.95 -45.05 -41.32
C GLN D 71 20.43 -44.68 -41.50
N ASN D 72 20.77 -43.41 -41.27
CA ASN D 72 22.12 -42.93 -41.43
C ASN D 72 23.07 -43.52 -40.39
N GLN D 73 22.63 -43.65 -39.12
CA GLN D 73 23.49 -44.29 -38.10
C GLN D 73 23.94 -45.67 -38.58
N ARG D 74 23.01 -46.43 -39.18
CA ARG D 74 23.27 -47.86 -39.51
C ARG D 74 23.92 -47.99 -40.90
N GLY D 75 23.95 -46.90 -41.67
CA GLY D 75 24.67 -46.84 -42.92
C GLY D 75 23.75 -47.15 -44.07
N GLY D 76 22.42 -47.12 -43.82
CA GLY D 76 21.44 -47.21 -44.87
C GLY D 76 21.30 -45.85 -45.55
N ARG D 77 20.46 -45.79 -46.57
CA ARG D 77 20.26 -44.59 -47.36
C ARG D 77 18.77 -44.26 -47.39
N VAL D 78 18.46 -43.04 -46.96
CA VAL D 78 17.14 -42.48 -46.97
C VAL D 78 16.65 -42.38 -48.43
N LYS D 79 15.54 -43.04 -48.71
CA LYS D 79 14.83 -42.97 -50.00
C LYS D 79 13.42 -42.47 -49.71
N LEU D 80 13.12 -41.28 -50.23
CA LEU D 80 11.89 -40.59 -49.94
C LEU D 80 10.90 -40.77 -51.10
N LYS D 81 9.61 -40.81 -50.76
CA LYS D 81 8.56 -40.94 -51.75
C LYS D 81 7.57 -39.84 -51.47
N ASP D 82 6.69 -39.62 -52.43
CA ASP D 82 5.60 -38.68 -52.28
C ASP D 82 4.89 -38.94 -50.94
N ILE D 83 4.45 -37.85 -50.32
CA ILE D 83 3.59 -37.93 -49.14
C ILE D 83 2.15 -37.77 -49.63
N THR D 84 1.37 -38.83 -49.51
CA THR D 84 -0.02 -38.87 -50.02
C THR D 84 -0.90 -37.93 -49.18
N ALA D 85 -1.72 -37.13 -49.87
CA ALA D 85 -2.74 -36.27 -49.30
C ALA D 85 -3.67 -37.09 -48.42
N PRO D 86 -4.13 -36.50 -47.30
CA PRO D 86 -4.97 -37.19 -46.35
C PRO D 86 -6.26 -37.67 -47.02
N GLU D 87 -6.85 -38.70 -46.41
CA GLU D 87 -7.99 -39.43 -46.91
C GLU D 87 -9.19 -38.49 -47.12
N LYS D 88 -9.37 -37.50 -46.23
CA LYS D 88 -10.51 -36.59 -46.24
C LYS D 88 -10.06 -35.12 -46.25
N GLU D 89 -10.96 -34.24 -46.68
CA GLU D 89 -10.78 -32.79 -46.61
C GLU D 89 -11.46 -32.20 -45.37
N GLU D 90 -12.48 -32.89 -44.88
CA GLU D 90 -13.28 -32.49 -43.73
C GLU D 90 -13.46 -33.71 -42.83
N TRP D 91 -13.42 -33.49 -41.53
CA TRP D 91 -13.20 -34.60 -40.58
C TRP D 91 -14.36 -34.76 -39.57
N GLY D 92 -15.44 -34.02 -39.72
CA GLY D 92 -16.66 -34.16 -38.90
C GLY D 92 -16.48 -33.62 -37.49
N SER D 93 -16.87 -34.43 -36.50
CA SER D 93 -16.85 -34.03 -35.10
C SER D 93 -15.50 -34.37 -34.47
N LEU D 94 -15.29 -33.90 -33.25
CA LEU D 94 -14.21 -34.35 -32.44
C LEU D 94 -14.18 -35.88 -32.39
N LEU D 95 -15.34 -36.51 -32.17
CA LEU D 95 -15.34 -37.94 -32.02
C LEU D 95 -14.87 -38.59 -33.32
N ASP D 96 -15.44 -38.15 -34.45
CA ASP D 96 -15.06 -38.60 -35.81
C ASP D 96 -13.55 -38.48 -36.02
N ALA D 97 -12.93 -37.39 -35.51
CA ALA D 97 -11.49 -37.19 -35.75
C ALA D 97 -10.67 -38.17 -34.92
N PHE D 98 -11.08 -38.44 -33.68
CA PHE D 98 -10.36 -39.37 -32.84
C PHE D 98 -10.50 -40.79 -33.35
N LYS D 99 -11.66 -41.10 -33.93
CA LYS D 99 -11.86 -42.44 -34.51
C LYS D 99 -10.90 -42.63 -35.71
N VAL D 100 -10.73 -41.58 -36.54
CA VAL D 100 -9.70 -41.55 -37.59
C VAL D 100 -8.32 -41.76 -36.96
N ALA D 101 -8.02 -41.03 -35.88
CA ALA D 101 -6.69 -41.15 -35.23
C ALA D 101 -6.48 -42.57 -34.71
N LEU D 102 -7.51 -43.19 -34.16
CA LEU D 102 -7.29 -44.55 -33.61
C LEU D 102 -6.90 -45.52 -34.74
N GLU D 103 -7.63 -45.44 -35.84
CA GLU D 103 -7.40 -46.29 -37.02
C GLU D 103 -5.97 -46.08 -37.54
N LEU D 104 -5.55 -44.82 -37.66
CA LEU D 104 -4.19 -44.47 -38.14
C LEU D 104 -3.09 -45.01 -37.18
N GLU D 105 -3.26 -44.78 -35.88
CA GLU D 105 -2.28 -45.20 -34.86
C GLU D 105 -2.14 -46.72 -34.83
N LYS D 106 -3.22 -47.45 -35.05
CA LYS D 106 -3.19 -48.90 -35.02
C LYS D 106 -2.52 -49.41 -36.30
N LYS D 107 -2.73 -48.67 -37.42
CA LYS D 107 -2.08 -49.02 -38.68
C LYS D 107 -0.56 -48.78 -38.59
N VAL D 108 -0.18 -47.66 -37.98
CA VAL D 108 1.24 -47.38 -37.82
C VAL D 108 1.85 -48.41 -36.85
N ASN D 109 1.10 -48.77 -35.80
CA ASN D 109 1.55 -49.78 -34.84
C ASN D 109 1.82 -51.11 -35.56
N GLN D 110 0.87 -51.61 -36.35
CA GLN D 110 1.06 -52.89 -37.04
C GLN D 110 2.30 -52.83 -37.94
N SER D 111 2.50 -51.68 -38.60
CA SER D 111 3.67 -51.49 -39.44
C SER D 111 4.98 -51.56 -38.62
N LEU D 112 4.98 -50.98 -37.40
CA LEU D 112 6.15 -51.05 -36.51
C LEU D 112 6.37 -52.48 -36.00
N LEU D 113 5.29 -53.19 -35.71
CA LEU D 113 5.43 -54.59 -35.24
C LEU D 113 5.97 -55.48 -36.39
N ASP D 114 5.52 -55.21 -37.61
CA ASP D 114 6.07 -55.91 -38.78
C ASP D 114 7.58 -55.61 -38.93
N LEU D 115 7.96 -54.31 -38.84
CA LEU D 115 9.33 -53.88 -38.94
C LEU D 115 10.17 -54.56 -37.84
N HIS D 116 9.64 -54.62 -36.63
CA HIS D 116 10.34 -55.29 -35.54
C HIS D 116 10.56 -56.78 -35.87
N GLY D 117 9.52 -57.43 -36.41
CA GLY D 117 9.56 -58.87 -36.75
C GLY D 117 10.62 -59.14 -37.81
N LEU D 118 10.76 -58.22 -38.76
CA LEU D 118 11.77 -58.32 -39.81
C LEU D 118 13.15 -58.21 -39.19
N ALA D 119 13.35 -57.20 -38.33
CA ALA D 119 14.63 -57.04 -37.65
C ALA D 119 15.01 -58.32 -36.92
N ASP D 120 14.07 -58.91 -36.19
CA ASP D 120 14.35 -60.16 -35.43
C ASP D 120 14.67 -61.30 -36.41
N SER D 121 14.00 -61.34 -37.55
CA SER D 121 14.19 -62.42 -38.49
C SER D 121 15.63 -62.36 -39.05
N LYS D 122 16.22 -61.16 -39.15
CA LYS D 122 17.60 -60.98 -39.64
C LYS D 122 18.60 -60.82 -38.49
N LYS D 123 18.16 -61.11 -37.26
CA LYS D 123 18.94 -61.03 -36.03
C LYS D 123 19.56 -59.64 -35.90
N ASP D 124 18.81 -58.60 -36.24
CA ASP D 124 19.32 -57.24 -36.07
C ASP D 124 18.93 -56.78 -34.66
N ALA D 125 19.75 -57.15 -33.67
CA ALA D 125 19.43 -56.96 -32.29
C ALA D 125 19.39 -55.45 -31.95
N GLN D 126 20.25 -54.66 -32.59
CA GLN D 126 20.24 -53.24 -32.26
C GLN D 126 18.97 -52.60 -32.81
N MET D 127 18.52 -53.03 -33.99
CA MET D 127 17.31 -52.49 -34.57
C MET D 127 16.09 -52.87 -33.73
N CYS D 128 16.05 -54.13 -33.24
CA CYS D 128 14.94 -54.56 -32.35
C CYS D 128 14.88 -53.61 -31.15
N ALA D 129 16.07 -53.35 -30.56
CA ALA D 129 16.22 -52.52 -29.35
C ALA D 129 15.76 -51.10 -29.62
N PHE D 130 16.20 -50.52 -30.75
CA PHE D 130 15.80 -49.18 -31.19
C PHE D 130 14.27 -49.07 -31.31
N ILE D 131 13.63 -50.01 -32.03
CA ILE D 131 12.23 -49.95 -32.25
C ILE D 131 11.45 -50.10 -30.94
N ALA D 132 11.82 -51.05 -30.08
CA ALA D 132 11.20 -51.26 -28.76
C ALA D 132 11.33 -50.01 -27.89
N THR D 133 12.56 -49.49 -27.77
CA THR D 133 12.85 -48.34 -26.92
C THR D 133 12.09 -47.09 -27.39
N HIS D 134 12.05 -46.80 -28.68
CA HIS D 134 11.58 -45.43 -29.14
C HIS D 134 10.16 -45.47 -29.72
N TYR D 135 9.67 -46.64 -30.15
CA TYR D 135 8.43 -46.66 -30.91
C TYR D 135 7.36 -47.54 -30.27
N LEU D 136 7.69 -48.75 -29.76
CA LEU D 136 6.59 -49.72 -29.43
C LEU D 136 5.76 -49.26 -28.21
N THR D 137 6.42 -48.76 -27.15
CA THR D 137 5.69 -48.24 -26.00
C THR D 137 5.04 -46.87 -26.33
N GLU D 138 5.67 -45.93 -27.10
CA GLU D 138 4.93 -44.62 -27.41
C GLU D 138 3.65 -45.01 -28.13
N GLN D 139 3.73 -45.99 -29.05
CA GLN D 139 2.58 -46.41 -29.85
C GLN D 139 1.45 -46.92 -28.95
N VAL D 140 1.74 -47.84 -28.01
CA VAL D 140 0.77 -48.36 -27.06
C VAL D 140 0.18 -47.20 -26.23
N GLU D 141 1.05 -46.31 -25.74
CA GLU D 141 0.61 -45.15 -24.94
C GLU D 141 -0.32 -44.26 -25.78
N ALA D 142 0.03 -44.04 -27.05
CA ALA D 142 -0.78 -43.19 -27.92
C ALA D 142 -2.15 -43.83 -28.19
N ILE D 143 -2.20 -45.16 -28.37
CA ILE D 143 -3.43 -45.83 -28.69
C ILE D 143 -4.36 -45.76 -27.47
N LYS D 144 -3.78 -46.02 -26.29
CA LYS D 144 -4.56 -45.93 -25.02
C LYS D 144 -5.14 -44.53 -24.83
N GLU D 145 -4.33 -43.50 -25.08
CA GLU D 145 -4.77 -42.13 -24.93
C GLU D 145 -5.93 -41.84 -25.88
N ILE D 146 -5.85 -42.36 -27.11
CA ILE D 146 -6.91 -42.12 -28.10
C ILE D 146 -8.19 -42.89 -27.72
N GLY D 147 -8.06 -44.14 -27.26
CA GLY D 147 -9.20 -44.86 -26.74
C GLY D 147 -9.89 -44.10 -25.61
N ASP D 148 -9.12 -43.49 -24.71
CA ASP D 148 -9.69 -42.75 -23.57
C ASP D 148 -10.43 -41.51 -24.09
N HIS D 149 -9.87 -40.84 -25.11
CA HIS D 149 -10.53 -39.68 -25.76
C HIS D 149 -11.89 -40.06 -26.38
N ILE D 150 -11.91 -41.15 -27.15
CA ILE D 150 -13.14 -41.65 -27.78
C ILE D 150 -14.21 -41.93 -26.70
N THR D 151 -13.83 -42.64 -25.63
CA THR D 151 -14.75 -42.97 -24.55
C THR D 151 -15.38 -41.69 -23.96
N ASN D 152 -14.53 -40.71 -23.70
CA ASN D 152 -14.95 -39.48 -23.09
C ASN D 152 -15.79 -38.66 -24.07
N LEU D 153 -15.51 -38.72 -25.38
CA LEU D 153 -16.28 -37.92 -26.33
C LEU D 153 -17.66 -38.52 -26.57
N LYS D 154 -17.79 -39.83 -26.37
CA LYS D 154 -19.12 -40.47 -26.36
C LYS D 154 -19.86 -40.06 -25.09
N ARG D 155 -19.13 -40.00 -23.99
CA ARG D 155 -19.74 -39.69 -22.68
C ARG D 155 -20.29 -38.26 -22.67
N VAL D 156 -19.57 -37.29 -23.25
CA VAL D 156 -19.96 -35.88 -23.11
C VAL D 156 -21.03 -35.52 -24.13
N GLY D 157 -21.17 -36.30 -25.20
CA GLY D 157 -22.12 -36.02 -26.26
C GLY D 157 -21.75 -34.80 -27.10
N THR D 158 -22.71 -34.35 -27.94
CA THR D 158 -22.51 -33.26 -28.88
C THR D 158 -22.97 -31.95 -28.26
N GLY D 159 -22.43 -30.83 -28.76
CA GLY D 159 -22.83 -29.53 -28.32
C GLY D 159 -21.94 -29.02 -27.21
N LEU D 160 -22.57 -28.73 -26.05
CA LEU D 160 -21.86 -28.19 -24.94
C LEU D 160 -20.70 -29.10 -24.53
N GLY D 161 -20.91 -30.42 -24.57
CA GLY D 161 -19.90 -31.37 -24.18
C GLY D 161 -18.63 -31.31 -25.03
N GLU D 162 -18.79 -31.10 -26.34
CA GLU D 162 -17.67 -30.95 -27.23
C GLU D 162 -16.90 -29.68 -26.91
N PHE D 163 -17.60 -28.57 -26.69
CA PHE D 163 -16.92 -27.37 -26.32
C PHE D 163 -16.10 -27.59 -25.03
N ILE D 164 -16.72 -28.21 -24.04
CA ILE D 164 -16.07 -28.39 -22.71
C ILE D 164 -14.87 -29.35 -22.83
N TYR D 165 -15.04 -30.46 -23.58
CA TYR D 165 -13.97 -31.40 -23.77
C TYR D 165 -12.78 -30.74 -24.45
N ASP D 166 -13.09 -29.93 -25.48
CA ASP D 166 -12.12 -29.16 -26.25
C ASP D 166 -11.31 -28.25 -25.32
N LYS D 167 -12.01 -27.57 -24.42
CA LYS D 167 -11.37 -26.59 -23.55
C LYS D 167 -10.57 -27.25 -22.43
N GLU D 168 -11.15 -28.29 -21.82
CA GLU D 168 -10.66 -28.89 -20.55
C GLU D 168 -9.58 -29.93 -20.80
N ASN D 169 -9.71 -30.69 -21.91
CA ASN D 169 -8.85 -31.84 -22.13
C ASN D 169 -7.90 -31.65 -23.34
N LEU D 170 -8.31 -30.93 -24.38
CA LEU D 170 -7.45 -30.83 -25.57
C LEU D 170 -6.58 -29.56 -25.45
N LYS D 171 -7.16 -28.43 -25.03
CA LYS D 171 -6.44 -27.11 -24.98
C LYS D 171 -5.32 -27.06 -23.92
N GLN E 2 72.48 28.07 -5.12
CA GLN E 2 72.13 28.52 -6.52
C GLN E 2 71.11 27.47 -7.03
N PRO E 3 71.17 26.88 -8.24
CA PRO E 3 70.00 26.16 -8.76
C PRO E 3 69.58 24.93 -7.94
N SER E 4 68.28 24.68 -7.89
CA SER E 4 67.72 23.47 -7.33
C SER E 4 68.37 22.23 -7.95
N GLN E 5 68.41 21.18 -7.11
CA GLN E 5 68.90 19.92 -7.54
C GLN E 5 68.04 19.35 -8.69
N VAL E 6 66.77 19.77 -8.84
CA VAL E 6 65.86 19.19 -9.90
C VAL E 6 65.92 20.01 -11.21
N ARG E 7 66.45 21.23 -11.14
CA ARG E 7 66.34 22.19 -12.24
C ARG E 7 67.12 21.68 -13.47
N GLN E 8 66.44 21.58 -14.61
CA GLN E 8 67.03 21.18 -15.88
C GLN E 8 66.24 21.82 -17.02
N ASN E 9 66.93 22.63 -17.82
CA ASN E 9 66.37 23.23 -19.01
C ASN E 9 65.23 24.19 -18.65
N PHE E 10 65.36 24.87 -17.49
CA PHE E 10 64.36 25.81 -17.00
C PHE E 10 64.97 27.21 -16.84
N HIS E 11 64.70 28.08 -17.81
CA HIS E 11 65.31 29.39 -17.86
C HIS E 11 64.72 30.30 -16.76
N GLU E 12 65.54 31.16 -16.16
CA GLU E 12 65.02 32.18 -15.15
C GLU E 12 63.94 33.11 -15.75
N LEU E 13 63.97 33.42 -17.04
CA LEU E 13 62.85 34.21 -17.63
C LEU E 13 61.53 33.41 -17.61
N CYS E 14 61.61 32.09 -17.80
CA CYS E 14 60.42 31.23 -17.78
C CYS E 14 59.90 31.09 -16.35
N GLU E 15 60.81 30.93 -15.37
CA GLU E 15 60.50 31.01 -13.92
C GLU E 15 59.79 32.33 -13.60
N ALA E 16 60.30 33.44 -14.13
CA ALA E 16 59.69 34.74 -13.87
C ALA E 16 58.30 34.81 -14.52
N GLY E 17 58.21 34.31 -15.74
CA GLY E 17 56.90 34.24 -16.48
C GLY E 17 55.81 33.47 -15.72
N VAL E 18 56.19 32.36 -15.09
CA VAL E 18 55.27 31.54 -14.28
C VAL E 18 54.78 32.33 -13.06
N ASN E 19 55.69 33.03 -12.38
CA ASN E 19 55.30 33.88 -11.21
C ASN E 19 54.31 34.96 -11.68
N LYS E 20 54.52 35.49 -12.88
CA LYS E 20 53.62 36.55 -13.33
C LYS E 20 52.24 35.94 -13.68
N GLN E 21 52.22 34.71 -14.21
CA GLN E 21 50.94 34.04 -14.57
C GLN E 21 50.17 33.70 -13.28
N ILE E 22 50.90 33.28 -12.24
CA ILE E 22 50.31 32.92 -10.94
C ILE E 22 49.54 34.14 -10.42
N ASN E 23 50.17 35.31 -10.50
CA ASN E 23 49.50 36.55 -10.04
C ASN E 23 48.25 36.82 -10.88
N LEU E 24 48.34 36.70 -12.19
CA LEU E 24 47.20 36.97 -13.10
C LEU E 24 46.03 36.04 -12.75
N GLU E 25 46.34 34.77 -12.50
CA GLU E 25 45.28 33.77 -12.18
C GLU E 25 44.57 34.18 -10.89
N LEU E 26 45.32 34.58 -9.87
CA LEU E 26 44.73 35.01 -8.58
C LEU E 26 43.91 36.29 -8.76
N TYR E 27 44.36 37.18 -9.64
CA TYR E 27 43.69 38.42 -9.95
C TYR E 27 42.32 38.09 -10.55
N ALA E 28 42.30 37.15 -11.47
CA ALA E 28 41.04 36.73 -12.11
C ALA E 28 40.11 36.03 -11.09
N SER E 29 40.66 35.21 -10.20
CA SER E 29 39.91 34.61 -9.12
C SER E 29 39.21 35.68 -8.28
N TYR E 30 39.96 36.69 -7.84
CA TYR E 30 39.41 37.77 -6.99
C TYR E 30 38.29 38.53 -7.69
N THR E 31 38.48 38.82 -8.99
CA THR E 31 37.48 39.50 -9.82
C THR E 31 36.20 38.66 -9.86
N TYR E 32 36.30 37.36 -10.13
CA TYR E 32 35.10 36.54 -10.19
C TYR E 32 34.45 36.45 -8.80
N HIS E 33 35.24 36.53 -7.74
CA HIS E 33 34.73 36.47 -6.40
C HIS E 33 33.84 37.68 -6.11
N SER E 34 34.35 38.85 -6.51
CA SER E 34 33.66 40.11 -6.43
C SER E 34 32.34 40.02 -7.18
N ILE E 35 32.39 39.59 -8.45
CA ILE E 35 31.22 39.45 -9.30
C ILE E 35 30.20 38.52 -8.61
N ALA E 36 30.70 37.41 -8.03
CA ALA E 36 29.84 36.42 -7.40
C ALA E 36 29.03 37.07 -6.26
N PHE E 37 29.69 37.92 -5.46
CA PHE E 37 29.00 38.48 -4.28
C PHE E 37 28.15 39.70 -4.65
N TYR E 38 28.46 40.34 -5.78
CA TYR E 38 27.57 41.34 -6.28
C TYR E 38 26.18 40.74 -6.64
N PHE E 39 26.17 39.58 -7.31
CA PHE E 39 24.89 38.92 -7.70
C PHE E 39 24.12 38.38 -6.48
N ASP E 40 24.77 38.35 -5.32
CA ASP E 40 24.12 37.94 -4.04
C ASP E 40 23.55 39.13 -3.26
N ARG E 41 23.73 40.36 -3.76
CA ARG E 41 23.12 41.51 -3.12
C ARG E 41 21.60 41.39 -3.18
N ASP E 42 20.93 41.95 -2.16
CA ASP E 42 19.47 41.89 -2.06
C ASP E 42 18.81 42.64 -3.23
N ASP E 43 19.53 43.61 -3.81
CA ASP E 43 18.97 44.49 -4.86
C ASP E 43 19.40 44.03 -6.25
N VAL E 44 20.06 42.87 -6.32
CA VAL E 44 20.45 42.23 -7.62
C VAL E 44 19.84 40.82 -7.67
N ALA E 45 20.21 40.00 -6.68
CA ALA E 45 19.55 38.72 -6.30
C ALA E 45 19.37 37.81 -7.52
N LEU E 46 20.52 37.43 -8.09
CA LEU E 46 20.53 36.46 -9.16
C LEU E 46 21.34 35.25 -8.67
N PRO E 47 20.70 34.23 -8.07
CA PRO E 47 21.44 33.18 -7.35
C PRO E 47 22.23 32.27 -8.29
N GLY E 48 21.73 32.08 -9.50
CA GLY E 48 22.42 31.33 -10.51
C GLY E 48 23.78 31.94 -10.84
N ALA E 49 23.82 33.26 -11.07
CA ALA E 49 25.07 33.98 -11.31
C ALA E 49 25.97 33.93 -10.07
N HIS E 50 25.40 34.06 -8.87
CA HIS E 50 26.20 33.94 -7.64
C HIS E 50 26.94 32.60 -7.61
N LYS E 51 26.22 31.55 -7.96
CA LYS E 51 26.77 30.20 -7.91
C LYS E 51 27.81 30.03 -9.01
N TYR E 52 27.52 30.50 -10.23
CA TYR E 52 28.39 30.32 -11.39
C TYR E 52 29.74 31.00 -11.17
N PHE E 53 29.71 32.27 -10.71
CA PHE E 53 30.90 33.03 -10.56
C PHE E 53 31.70 32.58 -9.33
N LYS E 54 31.01 32.14 -8.27
CA LYS E 54 31.71 31.51 -7.14
C LYS E 54 32.58 30.35 -7.63
N LYS E 55 32.02 29.54 -8.52
CA LYS E 55 32.74 28.36 -9.04
C LYS E 55 33.90 28.80 -9.95
N GLN E 56 33.66 29.79 -10.80
CA GLN E 56 34.71 30.38 -11.66
C GLN E 56 35.85 30.87 -10.75
N SER E 57 35.52 31.59 -9.68
CA SER E 57 36.54 32.05 -8.71
C SER E 57 37.37 30.86 -8.21
N GLU E 58 36.71 29.81 -7.74
CA GLU E 58 37.43 28.61 -7.22
C GLU E 58 38.33 28.03 -8.32
N GLU E 59 37.82 27.92 -9.55
CA GLU E 59 38.59 27.37 -10.70
C GLU E 59 39.85 28.20 -10.98
N GLU E 60 39.70 29.47 -10.86
CA GLU E 60 40.90 30.27 -11.22
C GLU E 60 41.97 30.10 -10.13
N ARG E 61 41.58 30.00 -8.90
CA ARG E 61 42.51 29.68 -7.79
C ARG E 61 43.19 28.34 -8.07
N GLU E 62 42.45 27.35 -8.58
CA GLU E 62 43.03 26.05 -8.99
C GLU E 62 44.05 26.27 -10.12
N HIS E 63 43.78 27.22 -11.02
CA HIS E 63 44.75 27.46 -12.12
C HIS E 63 46.02 28.09 -11.53
N ALA E 64 45.94 28.87 -10.55
CA ALA E 64 47.13 29.42 -9.86
C ALA E 64 47.90 28.32 -9.14
N GLU E 65 47.21 27.45 -8.40
CA GLU E 65 47.83 26.32 -7.66
C GLU E 65 48.60 25.41 -8.61
N LYS E 66 48.02 25.12 -9.77
CA LYS E 66 48.66 24.22 -10.76
C LYS E 66 49.98 24.85 -11.22
N LEU E 67 50.03 26.17 -11.35
CA LEU E 67 51.24 26.85 -11.75
C LEU E 67 52.29 26.87 -10.63
N MET E 68 51.87 27.00 -9.36
CA MET E 68 52.76 27.00 -8.21
C MET E 68 53.38 25.60 -8.10
N LYS E 69 52.55 24.60 -8.38
CA LYS E 69 52.99 23.23 -8.32
C LYS E 69 54.01 22.99 -9.46
N PHE E 70 53.74 23.51 -10.67
CA PHE E 70 54.67 23.40 -11.83
C PHE E 70 56.02 24.06 -11.50
N GLN E 71 55.96 25.27 -10.94
CA GLN E 71 57.18 26.02 -10.54
C GLN E 71 58.08 25.13 -9.69
N ASN E 72 57.53 24.54 -8.63
CA ASN E 72 58.24 23.64 -7.75
C ASN E 72 58.72 22.37 -8.48
N GLN E 73 57.91 21.80 -9.38
CA GLN E 73 58.33 20.59 -10.14
C GLN E 73 59.63 20.87 -10.92
N ARG E 74 59.72 22.06 -11.54
CA ARG E 74 60.82 22.50 -12.41
C ARG E 74 61.98 23.09 -11.57
N GLY E 75 61.74 23.40 -10.29
CA GLY E 75 62.77 23.84 -9.33
C GLY E 75 62.94 25.35 -9.36
N GLY E 76 61.99 26.04 -9.99
CA GLY E 76 61.80 27.45 -9.83
C GLY E 76 61.23 27.74 -8.45
N ARG E 77 61.22 29.03 -8.10
CA ARG E 77 60.86 29.47 -6.77
C ARG E 77 59.65 30.41 -6.89
N VAL E 78 58.58 30.05 -6.20
CA VAL E 78 57.35 30.85 -6.20
C VAL E 78 57.66 32.23 -5.59
N LYS E 79 57.29 33.28 -6.31
CA LYS E 79 57.40 34.65 -5.80
C LYS E 79 56.04 35.33 -5.96
N LEU E 80 55.45 35.72 -4.83
CA LEU E 80 54.07 36.18 -4.73
C LEU E 80 54.03 37.72 -4.66
N LYS E 81 53.05 38.33 -5.30
CA LYS E 81 52.86 39.79 -5.22
C LYS E 81 51.44 40.06 -4.73
N ASP E 82 51.19 41.31 -4.35
CA ASP E 82 49.87 41.81 -3.98
C ASP E 82 48.86 41.38 -5.04
N ILE E 83 47.65 41.00 -4.60
CA ILE E 83 46.59 40.67 -5.55
C ILE E 83 45.76 41.95 -5.65
N THR E 84 45.77 42.59 -6.83
CA THR E 84 45.11 43.88 -7.03
C THR E 84 43.58 43.67 -6.95
N ALA E 85 42.93 44.60 -6.23
CA ALA E 85 41.50 44.65 -6.11
C ALA E 85 40.87 44.66 -7.50
N PRO E 86 39.68 44.10 -7.65
CA PRO E 86 38.97 44.14 -8.93
C PRO E 86 38.65 45.56 -9.41
N GLU E 87 38.41 45.65 -10.70
CA GLU E 87 38.21 46.89 -11.46
C GLU E 87 37.05 47.70 -10.89
N LYS E 88 35.97 47.03 -10.51
CA LYS E 88 34.68 47.63 -10.24
C LYS E 88 34.17 47.06 -8.93
N GLU E 89 33.31 47.85 -8.26
CA GLU E 89 32.64 47.42 -7.05
C GLU E 89 31.30 46.79 -7.43
N GLU E 90 30.70 47.32 -8.51
CA GLU E 90 29.41 46.92 -9.01
C GLU E 90 29.55 46.57 -10.48
N TRP E 91 28.84 45.54 -10.93
CA TRP E 91 29.13 44.96 -12.23
C TRP E 91 27.97 45.07 -13.19
N GLY E 92 26.88 45.74 -12.79
CA GLY E 92 25.74 45.98 -13.71
C GLY E 92 24.89 44.74 -13.94
N SER E 93 24.56 44.48 -15.21
CA SER E 93 23.66 43.37 -15.60
C SER E 93 24.44 42.06 -15.76
N LEU E 94 23.69 40.97 -15.99
CA LEU E 94 24.31 39.70 -16.33
C LEU E 94 25.14 39.90 -17.58
N LEU E 95 24.60 40.61 -18.59
CA LEU E 95 25.33 40.84 -19.78
C LEU E 95 26.63 41.59 -19.49
N ASP E 96 26.57 42.65 -18.68
CA ASP E 96 27.76 43.46 -18.40
C ASP E 96 28.84 42.58 -17.74
N ALA E 97 28.40 41.69 -16.84
CA ALA E 97 29.35 40.81 -16.10
C ALA E 97 30.06 39.84 -17.06
N PHE E 98 29.33 39.28 -18.03
CA PHE E 98 29.89 38.30 -18.97
C PHE E 98 30.82 38.98 -19.96
N LYS E 99 30.53 40.25 -20.31
CA LYS E 99 31.40 41.04 -21.21
C LYS E 99 32.74 41.29 -20.51
N VAL E 100 32.69 41.59 -19.21
CA VAL E 100 33.89 41.69 -18.38
C VAL E 100 34.66 40.36 -18.39
N ALA E 101 33.95 39.24 -18.27
CA ALA E 101 34.60 37.92 -18.23
C ALA E 101 35.28 37.66 -19.57
N LEU E 102 34.62 38.04 -20.68
CA LEU E 102 35.20 37.73 -21.96
C LEU E 102 36.53 38.50 -22.07
N GLU E 103 36.50 39.77 -21.63
CA GLU E 103 37.69 40.63 -21.69
C GLU E 103 38.79 40.02 -20.83
N LEU E 104 38.45 39.64 -19.58
CA LEU E 104 39.41 39.07 -18.63
C LEU E 104 40.03 37.77 -19.21
N GLU E 105 39.17 36.90 -19.75
CA GLU E 105 39.61 35.57 -20.24
C GLU E 105 40.52 35.75 -21.48
N LYS E 106 40.27 36.77 -22.29
CA LYS E 106 41.10 37.01 -23.45
C LYS E 106 42.46 37.57 -23.01
N LYS E 107 42.49 38.41 -21.97
CA LYS E 107 43.72 38.93 -21.38
C LYS E 107 44.58 37.77 -20.82
N VAL E 108 43.93 36.85 -20.12
CA VAL E 108 44.64 35.73 -19.53
C VAL E 108 45.18 34.84 -20.67
N ASN E 109 44.37 34.65 -21.72
CA ASN E 109 44.74 33.81 -22.84
C ASN E 109 46.00 34.38 -23.51
N GLN E 110 45.97 35.70 -23.77
CA GLN E 110 47.13 36.33 -24.45
C GLN E 110 48.39 36.13 -23.58
N SER E 111 48.23 36.25 -22.27
CA SER E 111 49.36 36.06 -21.33
C SER E 111 49.91 34.63 -21.43
N LEU E 112 49.03 33.64 -21.52
CA LEU E 112 49.45 32.24 -21.64
C LEU E 112 50.10 32.01 -23.00
N LEU E 113 49.58 32.65 -24.05
CA LEU E 113 50.14 32.48 -25.38
C LEU E 113 51.57 33.10 -25.42
N ASP E 114 51.75 34.26 -24.78
CA ASP E 114 53.08 34.89 -24.55
C ASP E 114 54.01 33.93 -23.77
N LEU E 115 53.46 33.32 -22.71
CA LEU E 115 54.28 32.49 -21.87
C LEU E 115 54.72 31.26 -22.68
N HIS E 116 53.81 30.72 -23.49
CA HIS E 116 54.14 29.62 -24.36
C HIS E 116 55.24 30.02 -25.35
N GLY E 117 55.06 31.19 -25.98
CA GLY E 117 56.08 31.82 -26.82
C GLY E 117 57.45 31.82 -26.16
N LEU E 118 57.52 32.29 -24.91
CA LEU E 118 58.77 32.41 -24.18
C LEU E 118 59.38 31.01 -23.96
N ALA E 119 58.56 30.08 -23.47
CA ALA E 119 59.01 28.69 -23.30
C ALA E 119 59.64 28.16 -24.60
N ASP E 120 58.96 28.34 -25.75
CA ASP E 120 59.49 27.83 -27.04
C ASP E 120 60.79 28.55 -27.44
N SER E 121 60.88 29.86 -27.19
CA SER E 121 62.10 30.60 -27.49
C SER E 121 63.30 30.06 -26.71
N LYS E 122 63.09 29.46 -25.53
CA LYS E 122 64.14 28.88 -24.68
C LYS E 122 64.21 27.37 -24.90
N LYS E 123 63.46 26.86 -25.89
CA LYS E 123 63.37 25.44 -26.20
C LYS E 123 63.03 24.63 -24.94
N ASP E 124 62.07 25.13 -24.14
CA ASP E 124 61.60 24.40 -22.99
C ASP E 124 60.41 23.55 -23.43
N ALA E 125 60.68 22.38 -24.00
CA ALA E 125 59.64 21.56 -24.59
C ALA E 125 58.68 21.09 -23.50
N GLN E 126 59.19 20.71 -22.31
CA GLN E 126 58.25 20.24 -21.30
C GLN E 126 57.33 21.40 -20.90
N MET E 127 57.85 22.63 -20.81
CA MET E 127 57.00 23.72 -20.41
C MET E 127 55.93 24.02 -21.48
N CYS E 128 56.30 23.99 -22.77
CA CYS E 128 55.33 24.16 -23.90
C CYS E 128 54.20 23.13 -23.75
N ALA E 129 54.57 21.88 -23.50
CA ALA E 129 53.62 20.77 -23.39
C ALA E 129 52.67 21.00 -22.21
N PHE E 130 53.23 21.44 -21.09
CA PHE E 130 52.45 21.68 -19.86
C PHE E 130 51.39 22.77 -20.14
N ILE E 131 51.84 23.85 -20.78
CA ILE E 131 50.94 24.99 -21.06
C ILE E 131 49.84 24.57 -22.04
N ALA E 132 50.20 23.86 -23.11
CA ALA E 132 49.24 23.39 -24.14
C ALA E 132 48.24 22.41 -23.54
N THR E 133 48.76 21.37 -22.86
CA THR E 133 47.95 20.37 -22.18
C THR E 133 46.97 20.99 -21.17
N HIS E 134 47.41 21.90 -20.30
CA HIS E 134 46.59 22.25 -19.15
C HIS E 134 45.87 23.59 -19.31
N TYR E 135 46.36 24.52 -20.15
CA TYR E 135 45.82 25.88 -20.16
C TYR E 135 45.22 26.23 -21.53
N LEU E 136 45.88 25.93 -22.65
CA LEU E 136 45.52 26.62 -23.93
C LEU E 136 44.13 26.19 -24.42
N THR E 137 43.79 24.90 -24.30
CA THR E 137 42.46 24.41 -24.70
C THR E 137 41.37 24.79 -23.68
N GLU E 138 41.65 24.73 -22.37
CA GLU E 138 40.65 25.21 -21.35
C GLU E 138 40.33 26.67 -21.67
N GLN E 139 41.34 27.46 -22.03
CA GLN E 139 41.14 28.89 -22.29
C GLN E 139 40.20 29.09 -23.48
N VAL E 140 40.50 28.40 -24.58
CA VAL E 140 39.66 28.38 -25.79
C VAL E 140 38.23 27.95 -25.45
N GLU E 141 38.08 26.91 -24.62
CA GLU E 141 36.78 26.44 -24.27
C GLU E 141 36.07 27.47 -23.39
N ALA E 142 36.76 28.09 -22.43
CA ALA E 142 36.18 29.14 -21.59
C ALA E 142 35.69 30.35 -22.42
N ILE E 143 36.53 30.84 -23.34
CA ILE E 143 36.17 32.00 -24.18
C ILE E 143 34.96 31.64 -25.07
N LYS E 144 34.89 30.42 -25.61
CA LYS E 144 33.71 29.99 -26.45
C LYS E 144 32.45 30.01 -25.56
N GLU E 145 32.56 29.39 -24.40
CA GLU E 145 31.44 29.34 -23.44
C GLU E 145 30.94 30.74 -23.10
N ILE E 146 31.84 31.67 -22.82
CA ILE E 146 31.44 33.07 -22.47
C ILE E 146 30.82 33.74 -23.69
N GLY E 147 31.36 33.49 -24.87
CA GLY E 147 30.78 34.08 -26.09
C GLY E 147 29.34 33.62 -26.26
N ASP E 148 29.07 32.34 -26.03
CA ASP E 148 27.71 31.78 -26.13
C ASP E 148 26.81 32.47 -25.09
N HIS E 149 27.34 32.72 -23.89
CA HIS E 149 26.57 33.37 -22.80
C HIS E 149 26.14 34.79 -23.23
N ILE E 150 27.07 35.57 -23.79
CA ILE E 150 26.82 36.93 -24.24
C ILE E 150 25.73 36.94 -25.32
N THR E 151 25.87 36.04 -26.30
CA THR E 151 24.92 35.90 -27.39
C THR E 151 23.52 35.63 -26.85
N ASN E 152 23.43 34.70 -25.89
CA ASN E 152 22.17 34.30 -25.28
C ASN E 152 21.62 35.39 -24.37
N LEU E 153 22.49 36.14 -23.69
CA LEU E 153 21.96 37.21 -22.83
C LEU E 153 21.42 38.37 -23.68
N LYS E 154 22.01 38.59 -24.84
CA LYS E 154 21.46 39.58 -25.80
C LYS E 154 20.10 39.11 -26.34
N ARG E 155 19.98 37.82 -26.59
CA ARG E 155 18.73 37.26 -27.13
C ARG E 155 17.58 37.33 -26.11
N VAL E 156 17.84 37.05 -24.84
CA VAL E 156 16.71 36.97 -23.86
C VAL E 156 16.27 38.36 -23.40
N GLY E 157 17.12 39.37 -23.52
CA GLY E 157 16.74 40.73 -23.10
C GLY E 157 16.81 40.93 -21.59
N THR E 158 16.28 42.06 -21.14
CA THR E 158 16.29 42.42 -19.71
C THR E 158 14.97 41.99 -19.05
N GLY E 159 14.97 41.90 -17.73
CA GLY E 159 13.75 41.53 -17.01
C GLY E 159 13.54 40.03 -16.92
N LEU E 160 12.42 39.57 -17.44
CA LEU E 160 12.03 38.14 -17.41
C LEU E 160 13.16 37.27 -17.98
N GLY E 161 13.72 37.66 -19.12
CA GLY E 161 14.82 36.92 -19.77
C GLY E 161 16.01 36.71 -18.84
N GLU E 162 16.38 37.73 -18.08
CA GLU E 162 17.51 37.63 -17.14
C GLU E 162 17.15 36.60 -16.07
N PHE E 163 15.97 36.70 -15.50
CA PHE E 163 15.56 35.74 -14.44
C PHE E 163 15.61 34.31 -14.99
N ILE E 164 15.03 34.12 -16.16
CA ILE E 164 14.97 32.77 -16.80
C ILE E 164 16.39 32.29 -17.12
N TYR E 165 17.20 33.13 -17.76
CA TYR E 165 18.56 32.70 -18.12
C TYR E 165 19.34 32.28 -16.88
N ASP E 166 19.25 33.07 -15.83
CA ASP E 166 19.95 32.81 -14.55
C ASP E 166 19.54 31.48 -13.96
N LYS E 167 18.24 31.19 -13.98
CA LYS E 167 17.74 29.98 -13.39
C LYS E 167 18.08 28.79 -14.30
N GLU E 168 17.89 28.92 -15.62
CA GLU E 168 17.92 27.78 -16.56
C GLU E 168 19.34 27.40 -16.96
N ASN E 169 20.21 28.41 -17.14
CA ASN E 169 21.53 28.19 -17.71
C ASN E 169 22.62 28.31 -16.64
N LEU E 170 22.51 29.23 -15.65
CA LEU E 170 23.61 29.50 -14.74
C LEU E 170 23.51 28.66 -13.46
N LYS E 171 22.29 28.55 -12.88
CA LYS E 171 21.98 27.81 -11.60
C LYS E 171 21.96 26.31 -11.88
N GLU E 172 21.02 25.88 -12.73
CA GLU E 172 20.86 24.47 -13.12
C GLU E 172 22.05 24.09 -14.02
N PRO F 3 6.16 32.44 43.87
CA PRO F 3 6.78 32.27 42.53
C PRO F 3 6.95 30.79 42.16
N SER F 4 6.91 30.50 40.86
CA SER F 4 7.16 29.19 40.31
C SER F 4 8.43 28.59 40.92
N GLN F 5 8.43 27.29 41.20
CA GLN F 5 9.58 26.59 41.78
C GLN F 5 10.84 26.65 40.88
N VAL F 6 10.66 26.89 39.59
CA VAL F 6 11.81 26.90 38.64
C VAL F 6 12.27 28.32 38.34
N ARG F 7 11.53 29.34 38.76
CA ARG F 7 11.88 30.72 38.36
C ARG F 7 13.22 31.17 38.96
N GLN F 8 14.11 31.64 38.10
CA GLN F 8 15.43 32.13 38.57
C GLN F 8 15.96 33.12 37.55
N ASN F 9 16.22 34.36 37.99
CA ASN F 9 16.80 35.38 37.14
C ASN F 9 15.87 35.71 35.97
N PHE F 10 14.55 35.68 36.20
CA PHE F 10 13.58 35.95 35.16
C PHE F 10 12.62 37.07 35.62
N HIS F 11 12.77 38.24 35.00
CA HIS F 11 12.14 39.48 35.46
C HIS F 11 10.69 39.54 34.93
N GLU F 12 9.76 40.08 35.71
CA GLU F 12 8.34 40.26 35.33
C GLU F 12 8.21 41.01 33.98
N LEU F 13 9.06 42.00 33.70
CA LEU F 13 8.99 42.73 32.42
C LEU F 13 9.40 41.82 31.26
N CYS F 14 10.34 40.90 31.52
CA CYS F 14 10.77 39.94 30.49
C CYS F 14 9.64 38.95 30.21
N GLU F 15 9.01 38.44 31.28
CA GLU F 15 7.82 37.59 31.18
C GLU F 15 6.75 38.30 30.33
N ALA F 16 6.50 39.55 30.65
CA ALA F 16 5.54 40.33 29.90
C ALA F 16 5.99 40.49 28.45
N GLY F 17 7.28 40.70 28.23
CA GLY F 17 7.77 40.89 26.87
C GLY F 17 7.58 39.64 25.99
N VAL F 18 7.79 38.46 26.59
CA VAL F 18 7.56 37.19 25.90
C VAL F 18 6.09 37.07 25.47
N ASN F 19 5.16 37.32 26.40
CA ASN F 19 3.69 37.32 26.10
C ASN F 19 3.35 38.25 24.94
N LYS F 20 3.96 39.43 24.90
CA LYS F 20 3.72 40.38 23.78
C LYS F 20 4.23 39.80 22.45
N GLN F 21 5.37 39.12 22.51
CA GLN F 21 5.99 38.55 21.31
C GLN F 21 5.15 37.37 20.79
N ILE F 22 4.61 36.55 21.71
CA ILE F 22 3.76 35.42 21.35
C ILE F 22 2.56 35.92 20.52
N ASN F 23 1.95 37.02 20.96
CA ASN F 23 0.81 37.61 20.31
C ASN F 23 1.17 38.08 18.89
N LEU F 24 2.32 38.74 18.77
CA LEU F 24 2.83 39.26 17.48
C LEU F 24 3.13 38.09 16.52
N GLU F 25 3.69 37.00 17.03
CA GLU F 25 3.99 35.83 16.17
C GLU F 25 2.67 35.27 15.64
N LEU F 26 1.66 35.15 16.50
CA LEU F 26 0.33 34.65 16.12
C LEU F 26 -0.31 35.59 15.09
N TYR F 27 -0.16 36.89 15.29
CA TYR F 27 -0.64 37.89 14.36
C TYR F 27 0.01 37.69 12.99
N ALA F 28 1.34 37.54 12.96
CA ALA F 28 2.02 37.31 11.67
C ALA F 28 1.50 36.04 10.99
N SER F 29 1.34 34.95 11.76
CA SER F 29 0.78 33.70 11.25
C SER F 29 -0.57 33.92 10.55
N TYR F 30 -1.49 34.62 11.23
CA TYR F 30 -2.84 34.86 10.72
C TYR F 30 -2.79 35.70 9.43
N THR F 31 -1.91 36.69 9.39
CA THR F 31 -1.72 37.52 8.18
C THR F 31 -1.24 36.69 6.98
N TYR F 32 -0.24 35.83 7.19
CA TYR F 32 0.23 34.96 6.08
C TYR F 32 -0.88 33.98 5.65
N HIS F 33 -1.72 33.56 6.61
CA HIS F 33 -2.83 32.63 6.33
C HIS F 33 -3.79 33.32 5.38
N SER F 34 -4.11 34.61 5.68
CA SER F 34 -4.99 35.44 4.83
C SER F 34 -4.39 35.55 3.42
N ILE F 35 -3.08 35.84 3.33
CA ILE F 35 -2.38 36.00 2.08
C ILE F 35 -2.43 34.67 1.30
N ALA F 36 -2.17 33.56 1.99
CA ALA F 36 -2.18 32.22 1.39
C ALA F 36 -3.51 31.94 0.70
N PHE F 37 -4.64 32.20 1.38
CA PHE F 37 -5.94 31.88 0.78
C PHE F 37 -6.42 32.96 -0.23
N TYR F 38 -5.90 34.17 -0.15
CA TYR F 38 -6.08 35.14 -1.24
C TYR F 38 -5.53 34.58 -2.57
N PHE F 39 -4.34 33.97 -2.55
CA PHE F 39 -3.76 33.47 -3.81
C PHE F 39 -4.49 32.20 -4.27
N ASP F 40 -5.29 31.61 -3.39
CA ASP F 40 -6.10 30.41 -3.74
C ASP F 40 -7.42 30.84 -4.39
N ARG F 41 -7.72 32.16 -4.50
CA ARG F 41 -9.01 32.57 -5.14
C ARG F 41 -8.96 32.22 -6.62
N ASP F 42 -10.13 31.99 -7.24
CA ASP F 42 -10.21 31.56 -8.61
C ASP F 42 -9.78 32.70 -9.55
N ASP F 43 -9.89 33.96 -9.08
CA ASP F 43 -9.57 35.19 -9.86
C ASP F 43 -8.14 35.66 -9.55
N VAL F 44 -7.37 34.84 -8.83
CA VAL F 44 -5.96 35.14 -8.54
C VAL F 44 -5.11 33.95 -9.01
N ALA F 45 -5.31 32.78 -8.35
CA ALA F 45 -4.89 31.44 -8.80
C ALA F 45 -3.38 31.40 -9.05
N LEU F 46 -2.63 31.67 -8.00
CA LEU F 46 -1.19 31.53 -7.94
C LEU F 46 -0.88 30.47 -6.87
N PRO F 47 -0.83 29.19 -7.28
CA PRO F 47 -0.71 28.09 -6.32
C PRO F 47 0.65 28.02 -5.59
N GLY F 48 1.72 28.48 -6.24
CA GLY F 48 3.02 28.62 -5.59
C GLY F 48 2.98 29.57 -4.40
N ALA F 49 2.38 30.76 -4.60
CA ALA F 49 2.18 31.71 -3.51
C ALA F 49 1.28 31.12 -2.41
N HIS F 50 0.23 30.42 -2.81
CA HIS F 50 -0.68 29.78 -1.89
C HIS F 50 0.09 28.82 -0.99
N LYS F 51 0.93 27.99 -1.61
CA LYS F 51 1.72 26.99 -0.88
C LYS F 51 2.78 27.68 0.00
N TYR F 52 3.46 28.69 -0.55
CA TYR F 52 4.52 29.42 0.15
C TYR F 52 4.01 30.10 1.42
N PHE F 53 2.87 30.80 1.33
CA PHE F 53 2.36 31.62 2.44
C PHE F 53 1.71 30.75 3.51
N LYS F 54 1.09 29.64 3.08
CA LYS F 54 0.61 28.61 4.00
C LYS F 54 1.76 28.11 4.86
N LYS F 55 2.91 27.84 4.23
CA LYS F 55 4.08 27.35 4.95
C LYS F 55 4.59 28.44 5.90
N GLN F 56 4.65 29.69 5.42
CA GLN F 56 5.06 30.80 6.23
C GLN F 56 4.15 30.91 7.47
N SER F 57 2.84 30.72 7.27
CA SER F 57 1.84 30.83 8.36
C SER F 57 2.12 29.79 9.45
N GLU F 58 2.32 28.54 9.02
CA GLU F 58 2.70 27.42 9.91
C GLU F 58 3.95 27.78 10.74
N GLU F 59 4.99 28.25 10.08
CA GLU F 59 6.29 28.58 10.73
C GLU F 59 6.10 29.70 11.74
N GLU F 60 5.32 30.66 11.37
CA GLU F 60 5.11 31.73 12.38
C GLU F 60 4.35 31.14 13.58
N ARG F 61 3.43 30.26 13.46
CA ARG F 61 2.79 29.56 14.59
C ARG F 61 3.83 28.79 15.41
N GLU F 62 4.79 28.16 14.77
CA GLU F 62 5.83 27.43 15.52
C GLU F 62 6.68 28.43 16.32
N HIS F 63 6.95 29.60 15.76
CA HIS F 63 7.69 30.68 16.45
C HIS F 63 6.95 31.04 17.75
N ALA F 64 5.64 31.17 17.68
CA ALA F 64 4.83 31.46 18.86
C ALA F 64 4.94 30.29 19.86
N GLU F 65 4.90 29.06 19.38
CA GLU F 65 4.88 27.91 20.31
C GLU F 65 6.20 27.81 21.05
N LYS F 66 7.29 28.08 20.34
CA LYS F 66 8.60 27.98 20.99
C LYS F 66 8.71 29.05 22.10
N LEU F 67 8.08 30.21 21.91
CA LEU F 67 8.08 31.28 22.96
C LEU F 67 7.21 30.87 24.16
N MET F 68 6.06 30.22 23.89
CA MET F 68 5.20 29.69 24.92
C MET F 68 5.95 28.63 25.73
N LYS F 69 6.68 27.77 25.02
CA LYS F 69 7.53 26.77 25.66
C LYS F 69 8.59 27.44 26.54
N PHE F 70 9.21 28.49 25.99
CA PHE F 70 10.24 29.27 26.71
C PHE F 70 9.65 29.84 28.02
N GLN F 71 8.45 30.43 27.91
CA GLN F 71 7.77 31.06 29.06
C GLN F 71 7.67 30.03 30.19
N ASN F 72 7.20 28.82 29.84
CA ASN F 72 7.06 27.77 30.84
C ASN F 72 8.40 27.27 31.40
N GLN F 73 9.45 27.17 30.58
CA GLN F 73 10.77 26.72 31.06
C GLN F 73 11.28 27.65 32.17
N ARG F 74 11.09 28.95 31.97
CA ARG F 74 11.63 29.98 32.85
C ARG F 74 10.71 30.16 34.06
N GLY F 75 9.48 29.63 33.98
CA GLY F 75 8.53 29.70 35.07
C GLY F 75 7.64 30.93 34.98
N GLY F 76 7.63 31.57 33.81
CA GLY F 76 6.63 32.59 33.47
C GLY F 76 5.30 31.92 33.17
N ARG F 77 4.26 32.73 32.96
CA ARG F 77 2.88 32.28 32.69
C ARG F 77 2.40 32.95 31.40
N VAL F 78 2.00 32.08 30.47
CA VAL F 78 1.53 32.48 29.19
C VAL F 78 0.23 33.27 29.40
N LYS F 79 0.14 34.44 28.78
CA LYS F 79 -1.07 35.27 28.80
C LYS F 79 -1.41 35.63 27.37
N LEU F 80 -2.58 35.19 26.94
CA LEU F 80 -3.04 35.24 25.55
C LEU F 80 -4.02 36.42 25.36
N LYS F 81 -3.88 37.16 24.29
CA LYS F 81 -4.82 38.20 23.91
C LYS F 81 -5.45 37.77 22.58
N ASP F 82 -6.51 38.48 22.18
CA ASP F 82 -7.10 38.26 20.88
C ASP F 82 -6.02 38.37 19.79
N ILE F 83 -6.27 37.65 18.70
CA ILE F 83 -5.41 37.76 17.54
C ILE F 83 -6.11 38.70 16.58
N THR F 84 -5.52 39.88 16.36
CA THR F 84 -6.15 40.89 15.51
C THR F 84 -6.18 40.38 14.06
N ALA F 85 -7.33 40.57 13.42
CA ALA F 85 -7.54 40.31 12.01
C ALA F 85 -6.49 41.06 11.19
N PRO F 86 -6.08 40.47 10.03
CA PRO F 86 -5.12 41.09 9.14
C PRO F 86 -5.60 42.44 8.55
N GLU F 87 -4.64 43.30 8.25
CA GLU F 87 -4.80 44.69 7.78
C GLU F 87 -5.73 44.75 6.55
N LYS F 88 -5.63 43.78 5.64
CA LYS F 88 -6.32 43.80 4.35
C LYS F 88 -7.06 42.49 4.14
N GLU F 89 -8.12 42.55 3.35
CA GLU F 89 -8.87 41.40 2.97
C GLU F 89 -8.31 40.88 1.63
N GLU F 90 -7.80 41.80 0.79
CA GLU F 90 -7.19 41.49 -0.52
C GLU F 90 -5.77 42.06 -0.57
N TRP F 91 -4.84 41.39 -1.26
CA TRP F 91 -3.40 41.71 -1.13
C TRP F 91 -2.73 42.14 -2.44
N GLY F 92 -3.48 42.22 -3.54
CA GLY F 92 -2.95 42.72 -4.79
C GLY F 92 -2.07 41.71 -5.50
N SER F 93 -0.93 42.17 -6.01
CA SER F 93 -0.03 41.37 -6.80
C SER F 93 0.88 40.53 -5.90
N LEU F 94 1.61 39.62 -6.54
CA LEU F 94 2.71 38.93 -5.85
C LEU F 94 3.66 39.95 -5.23
N LEU F 95 3.99 41.00 -6.01
CA LEU F 95 4.92 42.01 -5.51
C LEU F 95 4.33 42.74 -4.28
N ASP F 96 3.05 43.09 -4.35
CA ASP F 96 2.36 43.79 -3.23
C ASP F 96 2.43 42.92 -1.97
N ALA F 97 2.19 41.62 -2.12
CA ALA F 97 2.18 40.69 -0.96
C ALA F 97 3.56 40.61 -0.34
N PHE F 98 4.60 40.59 -1.15
CA PHE F 98 5.98 40.50 -0.62
C PHE F 98 6.36 41.80 0.09
N LYS F 99 5.89 42.94 -0.41
CA LYS F 99 6.19 44.23 0.25
C LYS F 99 5.54 44.24 1.65
N VAL F 100 4.31 43.74 1.75
CA VAL F 100 3.62 43.57 3.04
C VAL F 100 4.46 42.67 3.96
N ALA F 101 4.93 41.54 3.42
CA ALA F 101 5.74 40.56 4.18
C ALA F 101 7.03 41.22 4.70
N LEU F 102 7.68 42.05 3.87
CA LEU F 102 8.93 42.69 4.32
C LEU F 102 8.67 43.65 5.51
N GLU F 103 7.61 44.43 5.40
CA GLU F 103 7.24 45.37 6.45
C GLU F 103 6.87 44.58 7.72
N LEU F 104 6.09 43.51 7.58
CA LEU F 104 5.76 42.68 8.73
C LEU F 104 7.03 42.08 9.35
N GLU F 105 7.93 41.51 8.53
CA GLU F 105 9.15 40.84 9.07
C GLU F 105 10.07 41.83 9.80
N LYS F 106 10.14 43.09 9.34
CA LYS F 106 10.97 44.11 9.95
C LYS F 106 10.35 44.59 11.26
N LYS F 107 9.01 44.66 11.31
CA LYS F 107 8.31 44.97 12.56
C LYS F 107 8.51 43.86 13.61
N VAL F 108 8.43 42.60 13.19
CA VAL F 108 8.68 41.52 14.13
C VAL F 108 10.14 41.57 14.62
N ASN F 109 11.06 41.83 13.70
CA ASN F 109 12.49 41.87 13.99
C ASN F 109 12.79 42.98 15.01
N GLN F 110 12.19 44.15 14.82
CA GLN F 110 12.41 45.28 15.78
C GLN F 110 11.84 44.92 17.16
N SER F 111 10.70 44.25 17.19
CA SER F 111 10.14 43.73 18.41
C SER F 111 11.13 42.78 19.12
N LEU F 112 11.78 41.89 18.38
CA LEU F 112 12.72 40.92 18.98
C LEU F 112 14.00 41.63 19.41
N LEU F 113 14.41 42.65 18.67
CA LEU F 113 15.57 43.43 19.10
C LEU F 113 15.24 44.19 20.40
N ASP F 114 14.03 44.73 20.53
CA ASP F 114 13.63 45.41 21.81
C ASP F 114 13.58 44.38 22.95
N LEU F 115 13.05 43.18 22.67
CA LEU F 115 13.00 42.08 23.65
C LEU F 115 14.41 41.68 24.09
N HIS F 116 15.33 41.52 23.15
CA HIS F 116 16.71 41.21 23.49
C HIS F 116 17.31 42.28 24.42
N GLY F 117 17.18 43.55 24.01
CA GLY F 117 17.65 44.69 24.79
C GLY F 117 17.07 44.69 26.20
N LEU F 118 15.78 44.32 26.32
CA LEU F 118 15.12 44.20 27.63
C LEU F 118 15.87 43.18 28.49
N ALA F 119 16.14 42.01 27.91
CA ALA F 119 16.77 40.92 28.63
C ALA F 119 18.19 41.30 29.06
N ASP F 120 18.95 41.90 28.13
CA ASP F 120 20.28 42.40 28.46
C ASP F 120 20.18 43.40 29.62
N SER F 121 19.20 44.31 29.58
CA SER F 121 19.07 45.33 30.67
C SER F 121 18.87 44.67 32.05
N LYS F 122 18.20 43.50 32.10
CA LYS F 122 17.95 42.79 33.38
C LYS F 122 18.99 41.69 33.61
N LYS F 123 20.05 41.67 32.80
CA LYS F 123 21.11 40.67 32.88
C LYS F 123 20.55 39.25 32.74
N ASP F 124 19.56 39.04 31.87
CA ASP F 124 19.02 37.70 31.69
C ASP F 124 19.84 37.02 30.60
N ALA F 125 20.98 36.43 30.99
CA ALA F 125 21.91 35.89 29.97
C ALA F 125 21.26 34.75 29.17
N GLN F 126 20.53 33.85 29.84
CA GLN F 126 19.76 32.70 29.21
C GLN F 126 18.84 33.25 28.10
N MET F 127 18.10 34.30 28.44
CA MET F 127 17.06 34.84 27.55
C MET F 127 17.69 35.54 26.34
N CYS F 128 18.83 36.24 26.55
CA CYS F 128 19.61 36.76 25.45
C CYS F 128 20.02 35.60 24.52
N ALA F 129 20.60 34.52 25.08
CA ALA F 129 21.10 33.35 24.29
C ALA F 129 19.99 32.73 23.45
N PHE F 130 18.87 32.46 24.11
CA PHE F 130 17.66 31.95 23.49
C PHE F 130 17.22 32.82 22.31
N ILE F 131 17.07 34.12 22.53
CA ILE F 131 16.61 35.00 21.44
C ILE F 131 17.64 35.02 20.31
N ALA F 132 18.94 35.11 20.62
CA ALA F 132 20.01 35.19 19.62
C ALA F 132 20.05 33.90 18.77
N THR F 133 19.92 32.76 19.44
CA THR F 133 20.02 31.43 18.82
C THR F 133 18.80 31.10 17.95
N HIS F 134 17.58 31.44 18.40
CA HIS F 134 16.36 30.95 17.69
C HIS F 134 15.67 32.02 16.85
N TYR F 135 15.85 33.31 17.15
CA TYR F 135 15.05 34.33 16.48
C TYR F 135 15.91 35.24 15.60
N LEU F 136 17.04 35.74 16.09
CA LEU F 136 17.65 36.93 15.48
C LEU F 136 18.22 36.60 14.10
N THR F 137 18.91 35.46 13.97
CA THR F 137 19.42 35.04 12.67
C THR F 137 18.28 34.57 11.73
N GLU F 138 17.27 33.79 12.20
CA GLU F 138 16.12 33.42 11.28
C GLU F 138 15.56 34.74 10.76
N GLN F 139 15.43 35.79 11.60
CA GLN F 139 14.73 37.04 11.11
C GLN F 139 15.56 37.72 10.01
N VAL F 140 16.89 37.74 10.18
CA VAL F 140 17.79 38.31 9.21
C VAL F 140 17.70 37.52 7.91
N GLU F 141 17.70 36.19 8.01
CA GLU F 141 17.63 35.37 6.84
C GLU F 141 16.29 35.58 6.14
N ALA F 142 15.19 35.74 6.91
CA ALA F 142 13.85 35.89 6.36
C ALA F 142 13.71 37.24 5.64
N ILE F 143 14.29 38.30 6.21
CA ILE F 143 14.23 39.62 5.61
C ILE F 143 15.03 39.61 4.30
N LYS F 144 16.19 38.97 4.31
CA LYS F 144 17.04 38.89 3.14
C LYS F 144 16.33 38.11 2.02
N GLU F 145 15.72 36.99 2.37
CA GLU F 145 14.94 36.21 1.40
C GLU F 145 13.81 37.05 0.77
N ILE F 146 13.09 37.83 1.59
CA ILE F 146 11.95 38.62 1.06
C ILE F 146 12.47 39.76 0.18
N GLY F 147 13.57 40.39 0.61
CA GLY F 147 14.34 41.33 -0.17
C GLY F 147 14.58 40.83 -1.60
N ASP F 148 15.17 39.64 -1.72
CA ASP F 148 15.48 38.99 -2.98
C ASP F 148 14.20 38.78 -3.81
N HIS F 149 13.10 38.32 -3.17
CA HIS F 149 11.78 38.07 -3.88
C HIS F 149 11.27 39.37 -4.49
N ILE F 150 11.39 40.46 -3.74
CA ILE F 150 10.93 41.76 -4.20
C ILE F 150 11.77 42.17 -5.42
N THR F 151 13.09 42.05 -5.31
CA THR F 151 13.96 42.37 -6.41
C THR F 151 13.57 41.58 -7.66
N ASN F 152 13.38 40.26 -7.52
CA ASN F 152 13.08 39.41 -8.66
C ASN F 152 11.68 39.67 -9.23
N LEU F 153 10.74 40.04 -8.37
CA LEU F 153 9.36 40.31 -8.83
C LEU F 153 9.30 41.61 -9.63
N LYS F 154 10.10 42.61 -9.24
CA LYS F 154 10.23 43.85 -10.05
C LYS F 154 10.90 43.49 -11.38
N ARG F 155 11.93 42.63 -11.33
CA ARG F 155 12.64 42.16 -12.56
C ARG F 155 11.68 41.48 -13.53
N VAL F 156 10.89 40.50 -13.06
CA VAL F 156 10.14 39.66 -14.03
C VAL F 156 8.92 40.41 -14.57
N GLY F 157 8.47 41.40 -13.83
CA GLY F 157 7.36 42.24 -14.25
C GLY F 157 6.02 41.56 -14.04
N THR F 158 5.05 42.02 -14.82
CA THR F 158 3.66 41.70 -14.66
C THR F 158 3.27 40.70 -15.74
N GLY F 159 2.28 39.84 -15.48
CA GLY F 159 1.76 38.89 -16.47
C GLY F 159 2.50 37.55 -16.47
N LEU F 160 3.12 37.21 -17.60
CA LEU F 160 3.85 35.98 -17.79
C LEU F 160 4.94 35.84 -16.72
N GLY F 161 5.65 36.94 -16.43
CA GLY F 161 6.69 36.96 -15.40
C GLY F 161 6.20 36.47 -14.03
N GLU F 162 4.99 36.88 -13.66
CA GLU F 162 4.40 36.46 -12.38
C GLU F 162 4.06 34.96 -12.38
N PHE F 163 3.45 34.49 -13.48
CA PHE F 163 3.16 33.08 -13.62
C PHE F 163 4.44 32.26 -13.42
N ILE F 164 5.52 32.67 -14.10
CA ILE F 164 6.80 31.91 -14.10
C ILE F 164 7.45 31.98 -12.70
N TYR F 165 7.47 33.15 -12.08
CA TYR F 165 8.11 33.26 -10.80
C TYR F 165 7.42 32.39 -9.75
N ASP F 166 6.07 32.39 -9.83
CA ASP F 166 5.21 31.63 -8.99
C ASP F 166 5.51 30.13 -9.12
N LYS F 167 5.62 29.65 -10.35
CA LYS F 167 5.93 28.22 -10.64
C LYS F 167 7.36 27.89 -10.22
N GLU F 168 8.34 28.67 -10.69
CA GLU F 168 9.80 28.27 -10.60
C GLU F 168 10.39 28.50 -9.20
N ASN F 169 9.91 29.52 -8.50
CA ASN F 169 10.54 30.05 -7.33
C ASN F 169 9.69 29.86 -6.07
N LEU F 170 8.35 29.94 -6.13
CA LEU F 170 7.53 29.77 -4.92
C LEU F 170 6.98 28.34 -4.79
N LYS F 171 6.60 27.73 -5.92
CA LYS F 171 6.03 26.37 -5.94
C LYS F 171 7.17 25.34 -5.88
N GLU F 172 8.01 25.30 -6.93
CA GLU F 172 9.14 24.33 -7.08
C GLU F 172 10.28 24.72 -6.12
N PRO G 3 24.59 -9.17 -64.44
CA PRO G 3 23.31 -9.86 -64.23
C PRO G 3 23.31 -10.66 -62.91
N SER G 4 22.98 -10.01 -61.77
CA SER G 4 23.15 -10.58 -60.45
C SER G 4 22.33 -11.87 -60.30
N GLN G 5 22.92 -12.87 -59.66
CA GLN G 5 22.28 -14.13 -59.34
C GLN G 5 21.03 -13.97 -58.45
N VAL G 6 20.90 -12.85 -57.70
CA VAL G 6 19.76 -12.66 -56.82
C VAL G 6 18.62 -11.92 -57.54
N ARG G 7 18.92 -11.27 -58.67
CA ARG G 7 18.04 -10.31 -59.21
C ARG G 7 16.78 -10.98 -59.76
N GLN G 8 15.63 -10.47 -59.36
CA GLN G 8 14.36 -11.00 -59.87
C GLN G 8 13.31 -9.91 -59.71
N ASN G 9 12.64 -9.60 -60.83
CA ASN G 9 11.55 -8.61 -60.85
C ASN G 9 12.03 -7.25 -60.36
N PHE G 10 13.26 -6.89 -60.74
CA PHE G 10 13.87 -5.61 -60.40
C PHE G 10 14.31 -4.88 -61.68
N HIS G 11 13.56 -3.85 -62.06
CA HIS G 11 13.77 -3.16 -63.34
C HIS G 11 14.96 -2.21 -63.20
N GLU G 12 15.69 -2.05 -64.30
CA GLU G 12 16.82 -1.12 -64.48
C GLU G 12 16.43 0.32 -64.07
N LEU G 13 15.19 0.75 -64.35
CA LEU G 13 14.73 2.11 -64.00
C LEU G 13 14.57 2.24 -62.48
N CYS G 14 14.15 1.16 -61.82
CA CYS G 14 13.95 1.17 -60.37
C CYS G 14 15.32 1.22 -59.69
N GLU G 15 16.27 0.46 -60.23
CA GLU G 15 17.66 0.50 -59.80
C GLU G 15 18.18 1.96 -59.82
N ALA G 16 17.92 2.68 -60.92
CA ALA G 16 18.42 4.01 -61.11
C ALA G 16 17.70 4.95 -60.17
N GLY G 17 16.42 4.69 -59.93
CA GLY G 17 15.60 5.49 -59.03
C GLY G 17 16.14 5.42 -57.61
N VAL G 18 16.53 4.21 -57.18
CA VAL G 18 17.10 4.03 -55.87
C VAL G 18 18.42 4.82 -55.76
N ASN G 19 19.28 4.73 -56.78
CA ASN G 19 20.58 5.46 -56.75
C ASN G 19 20.33 6.98 -56.65
N LYS G 20 19.31 7.49 -57.34
CA LYS G 20 18.93 8.88 -57.27
C LYS G 20 18.50 9.24 -55.85
N GLN G 21 17.74 8.33 -55.22
CA GLN G 21 17.19 8.57 -53.90
C GLN G 21 18.30 8.56 -52.84
N ILE G 22 19.27 7.69 -53.04
CA ILE G 22 20.42 7.63 -52.14
C ILE G 22 21.15 8.99 -52.11
N ASN G 23 21.43 9.56 -53.29
CA ASN G 23 22.10 10.88 -53.37
C ASN G 23 21.28 11.96 -52.64
N LEU G 24 19.98 11.96 -52.87
CA LEU G 24 19.06 12.94 -52.25
C LEU G 24 19.13 12.81 -50.72
N GLU G 25 18.97 11.56 -50.18
CA GLU G 25 19.13 11.33 -48.72
C GLU G 25 20.47 11.93 -48.26
N LEU G 26 21.63 11.67 -48.91
CA LEU G 26 22.97 12.17 -48.49
C LEU G 26 23.00 13.72 -48.54
N TYR G 27 22.36 14.29 -49.55
CA TYR G 27 22.24 15.75 -49.69
C TYR G 27 21.48 16.33 -48.49
N ALA G 28 20.35 15.73 -48.11
CA ALA G 28 19.60 16.20 -46.93
C ALA G 28 20.46 16.12 -45.66
N SER G 29 21.18 14.99 -45.52
CA SER G 29 22.09 14.77 -44.43
C SER G 29 23.09 15.94 -44.32
N TYR G 30 23.67 16.32 -45.47
CA TYR G 30 24.73 17.35 -45.51
C TYR G 30 24.10 18.71 -45.16
N THR G 31 22.88 18.96 -45.64
CA THR G 31 22.23 20.23 -45.35
C THR G 31 21.98 20.34 -43.84
N TYR G 32 21.47 19.26 -43.23
CA TYR G 32 21.18 19.33 -41.82
C TYR G 32 22.47 19.52 -41.02
N HIS G 33 23.56 18.89 -41.44
CA HIS G 33 24.91 19.01 -40.83
C HIS G 33 25.36 20.47 -40.82
N SER G 34 25.14 21.15 -41.97
CA SER G 34 25.48 22.55 -42.11
C SER G 34 24.64 23.37 -41.14
N ILE G 35 23.34 23.06 -41.05
CA ILE G 35 22.42 23.77 -40.19
C ILE G 35 22.85 23.58 -38.74
N ALA G 36 23.22 22.34 -38.39
CA ALA G 36 23.59 21.98 -37.04
C ALA G 36 24.77 22.82 -36.56
N PHE G 37 25.76 22.99 -37.42
CA PHE G 37 26.99 23.67 -37.02
C PHE G 37 26.83 25.19 -37.09
N TYR G 38 25.89 25.70 -37.88
CA TYR G 38 25.51 27.13 -37.82
C TYR G 38 25.02 27.50 -36.42
N PHE G 39 24.18 26.62 -35.80
CA PHE G 39 23.59 26.96 -34.49
C PHE G 39 24.63 26.81 -33.37
N ASP G 40 25.75 26.20 -33.72
CA ASP G 40 26.92 26.01 -32.82
C ASP G 40 27.82 27.25 -32.84
N ARG G 41 27.61 28.16 -33.78
CA ARG G 41 28.42 29.41 -33.85
C ARG G 41 28.29 30.22 -32.55
N ASP G 42 29.37 30.84 -32.13
CA ASP G 42 29.40 31.64 -30.88
C ASP G 42 28.41 32.82 -30.93
N ASP G 43 28.07 33.30 -32.13
CA ASP G 43 27.18 34.46 -32.34
C ASP G 43 25.76 33.98 -32.66
N VAL G 44 25.50 32.68 -32.50
CA VAL G 44 24.13 32.13 -32.72
C VAL G 44 23.74 31.38 -31.44
N ALA G 45 24.53 30.35 -31.12
CA ALA G 45 24.55 29.72 -29.79
C ALA G 45 23.16 29.26 -29.40
N LEU G 46 22.58 28.37 -30.21
CA LEU G 46 21.35 27.66 -29.86
C LEU G 46 21.71 26.16 -29.74
N PRO G 47 22.05 25.65 -28.53
CA PRO G 47 22.54 24.28 -28.39
C PRO G 47 21.48 23.20 -28.66
N GLY G 48 20.22 23.49 -28.37
CA GLY G 48 19.17 22.58 -28.68
C GLY G 48 19.11 22.29 -30.17
N ALA G 49 19.12 23.35 -30.96
CA ALA G 49 19.02 23.24 -32.41
C ALA G 49 20.26 22.55 -32.97
N HIS G 50 21.42 22.84 -32.39
CA HIS G 50 22.63 22.18 -32.80
C HIS G 50 22.46 20.66 -32.60
N LYS G 51 21.95 20.29 -31.43
CA LYS G 51 21.79 18.86 -31.10
C LYS G 51 20.73 18.22 -32.01
N TYR G 52 19.61 18.92 -32.16
CA TYR G 52 18.50 18.44 -32.93
C TYR G 52 18.93 18.17 -34.38
N PHE G 53 19.58 19.15 -35.04
CA PHE G 53 19.89 19.04 -36.44
C PHE G 53 21.08 18.08 -36.69
N LYS G 54 21.99 17.93 -35.73
CA LYS G 54 22.99 16.87 -35.83
C LYS G 54 22.30 15.49 -35.90
N LYS G 55 21.26 15.29 -35.08
CA LYS G 55 20.55 14.02 -35.03
C LYS G 55 19.80 13.85 -36.36
N GLN G 56 19.22 14.93 -36.86
CA GLN G 56 18.53 14.88 -38.18
C GLN G 56 19.54 14.44 -39.25
N SER G 57 20.74 15.03 -39.24
CA SER G 57 21.82 14.68 -40.19
C SER G 57 22.10 13.18 -40.13
N GLU G 58 22.30 12.69 -38.91
CA GLU G 58 22.60 11.26 -38.67
C GLU G 58 21.45 10.41 -39.23
N GLU G 59 20.22 10.76 -38.91
CA GLU G 59 19.06 9.97 -39.40
C GLU G 59 19.02 9.94 -40.94
N GLU G 60 19.24 10.99 -41.55
CA GLU G 60 19.22 11.05 -43.03
C GLU G 60 20.32 10.15 -43.61
N ARG G 61 21.48 10.12 -43.02
CA ARG G 61 22.56 9.20 -43.44
C ARG G 61 22.07 7.75 -43.32
N GLU G 62 21.34 7.45 -42.25
CA GLU G 62 20.77 6.10 -42.06
C GLU G 62 19.76 5.81 -43.19
N HIS G 63 18.96 6.79 -43.61
CA HIS G 63 17.99 6.62 -44.72
C HIS G 63 18.75 6.21 -45.99
N ALA G 64 19.88 6.85 -46.25
CA ALA G 64 20.73 6.53 -47.40
C ALA G 64 21.25 5.10 -47.28
N GLU G 65 21.69 4.70 -46.09
CA GLU G 65 22.27 3.39 -45.90
C GLU G 65 21.24 2.27 -46.12
N LYS G 66 19.99 2.50 -45.70
CA LYS G 66 18.94 1.51 -45.84
C LYS G 66 18.67 1.27 -47.34
N LEU G 67 18.74 2.34 -48.15
CA LEU G 67 18.51 2.27 -49.57
C LEU G 67 19.69 1.56 -50.26
N MET G 68 20.92 1.81 -49.79
CA MET G 68 22.06 1.12 -50.32
C MET G 68 21.91 -0.38 -50.03
N LYS G 69 21.47 -0.71 -48.81
CA LYS G 69 21.26 -2.10 -48.42
C LYS G 69 20.18 -2.74 -49.33
N PHE G 70 19.10 -1.99 -49.59
CA PHE G 70 18.02 -2.47 -50.44
C PHE G 70 18.52 -2.73 -51.87
N GLN G 71 19.29 -1.77 -52.40
CA GLN G 71 19.85 -1.87 -53.76
C GLN G 71 20.54 -3.25 -53.88
N ASN G 72 21.40 -3.56 -52.91
CA ASN G 72 22.19 -4.78 -52.90
C ASN G 72 21.33 -6.05 -52.67
N GLN G 73 20.32 -5.96 -51.78
CA GLN G 73 19.33 -7.06 -51.56
C GLN G 73 18.68 -7.50 -52.88
N ARG G 74 18.35 -6.51 -53.73
CA ARG G 74 17.63 -6.78 -54.97
C ARG G 74 18.58 -7.16 -56.10
N GLY G 75 19.90 -6.97 -55.92
CA GLY G 75 20.93 -7.28 -56.94
C GLY G 75 21.17 -6.10 -57.89
N GLY G 76 20.67 -4.93 -57.55
CA GLY G 76 21.14 -3.68 -58.23
C GLY G 76 22.55 -3.31 -57.74
N ARG G 77 23.12 -2.26 -58.33
CA ARG G 77 24.47 -1.82 -58.02
C ARG G 77 24.43 -0.33 -57.66
N VAL G 78 24.94 -0.06 -56.47
CA VAL G 78 25.02 1.26 -55.93
C VAL G 78 25.92 2.09 -56.87
N LYS G 79 25.44 3.27 -57.26
CA LYS G 79 26.23 4.25 -58.06
C LYS G 79 26.12 5.58 -57.37
N LEU G 80 27.26 6.12 -56.92
CA LEU G 80 27.32 7.30 -56.09
C LEU G 80 27.79 8.50 -56.94
N LYS G 81 27.25 9.67 -56.61
CA LYS G 81 27.56 10.91 -57.28
C LYS G 81 28.05 11.89 -56.21
N ASP G 82 28.54 13.06 -56.65
CA ASP G 82 28.97 14.05 -55.71
C ASP G 82 27.79 14.37 -54.81
N ILE G 83 28.10 14.76 -53.56
CA ILE G 83 27.11 15.32 -52.68
C ILE G 83 27.23 16.84 -52.77
N THR G 84 26.19 17.47 -53.31
CA THR G 84 26.19 18.95 -53.53
C THR G 84 26.20 19.70 -52.19
N ALA G 85 27.06 20.72 -52.09
CA ALA G 85 27.07 21.60 -50.95
C ALA G 85 25.67 22.14 -50.69
N PRO G 86 25.35 22.37 -49.39
CA PRO G 86 24.06 22.94 -49.02
C PRO G 86 23.86 24.34 -49.64
N GLU G 87 22.59 24.74 -49.74
CA GLU G 87 22.23 25.97 -50.53
C GLU G 87 22.73 27.25 -49.83
N LYS G 88 22.88 27.23 -48.51
CA LYS G 88 23.23 28.48 -47.77
C LYS G 88 24.40 28.20 -46.83
N GLU G 89 25.13 29.24 -46.45
CA GLU G 89 26.19 29.12 -45.46
C GLU G 89 25.60 29.47 -44.09
N GLU G 90 24.65 30.41 -44.09
CA GLU G 90 23.97 30.86 -42.89
C GLU G 90 22.47 30.73 -43.05
N TRP G 91 21.78 30.38 -41.95
CA TRP G 91 20.41 29.79 -42.03
C TRP G 91 19.38 30.65 -41.30
N GLY G 92 19.85 31.77 -40.71
CA GLY G 92 18.97 32.77 -40.14
C GLY G 92 18.48 32.37 -38.77
N SER G 93 17.17 32.53 -38.52
CA SER G 93 16.55 32.21 -37.22
C SER G 93 16.20 30.71 -37.15
N LEU G 94 15.87 30.26 -35.94
CA LEU G 94 15.28 28.93 -35.74
C LEU G 94 14.13 28.72 -36.71
N LEU G 95 13.24 29.72 -36.78
CA LEU G 95 12.09 29.68 -37.70
C LEU G 95 12.55 29.48 -39.14
N ASP G 96 13.52 30.27 -39.60
CA ASP G 96 14.05 30.15 -40.96
C ASP G 96 14.58 28.74 -41.22
N ALA G 97 15.27 28.17 -40.24
CA ALA G 97 15.89 26.85 -40.45
C ALA G 97 14.80 25.78 -40.62
N PHE G 98 13.72 25.90 -39.86
CA PHE G 98 12.66 24.90 -39.95
C PHE G 98 11.84 25.06 -41.24
N LYS G 99 11.66 26.30 -41.73
CA LYS G 99 11.07 26.47 -43.04
C LYS G 99 11.92 25.83 -44.16
N VAL G 100 13.24 25.86 -44.04
CA VAL G 100 14.11 25.15 -44.99
C VAL G 100 13.89 23.64 -44.86
N ALA G 101 13.75 23.16 -43.62
CA ALA G 101 13.54 21.75 -43.30
C ALA G 101 12.22 21.28 -43.92
N LEU G 102 11.15 22.09 -43.80
CA LEU G 102 9.84 21.73 -44.39
C LEU G 102 9.99 21.57 -45.90
N GLU G 103 10.62 22.55 -46.57
CA GLU G 103 10.80 22.51 -48.01
C GLU G 103 11.64 21.26 -48.42
N LEU G 104 12.71 20.97 -47.70
CA LEU G 104 13.55 19.83 -48.04
C LEU G 104 12.78 18.49 -47.87
N GLU G 105 12.08 18.33 -46.76
CA GLU G 105 11.34 17.11 -46.43
C GLU G 105 10.21 16.87 -47.44
N LYS G 106 9.54 17.93 -47.88
CA LYS G 106 8.48 17.82 -48.91
C LYS G 106 9.11 17.47 -50.26
N LYS G 107 10.28 18.03 -50.56
CA LYS G 107 11.03 17.67 -51.77
C LYS G 107 11.46 16.19 -51.69
N VAL G 108 11.93 15.74 -50.52
CA VAL G 108 12.31 14.29 -50.42
C VAL G 108 11.06 13.40 -50.54
N ASN G 109 9.95 13.78 -49.91
CA ASN G 109 8.69 13.06 -49.95
C ASN G 109 8.21 12.90 -51.41
N GLN G 110 8.24 13.97 -52.20
CA GLN G 110 7.74 13.90 -53.56
C GLN G 110 8.57 12.88 -54.35
N SER G 111 9.89 12.90 -54.13
CA SER G 111 10.81 11.98 -54.77
C SER G 111 10.50 10.52 -54.36
N LEU G 112 10.18 10.30 -53.08
CA LEU G 112 9.81 8.94 -52.60
C LEU G 112 8.47 8.48 -53.24
N LEU G 113 7.52 9.40 -53.34
CA LEU G 113 6.24 9.07 -53.97
C LEU G 113 6.44 8.76 -55.46
N ASP G 114 7.29 9.54 -56.14
CA ASP G 114 7.64 9.25 -57.52
C ASP G 114 8.26 7.85 -57.61
N LEU G 115 9.20 7.55 -56.71
CA LEU G 115 9.89 6.23 -56.70
C LEU G 115 8.89 5.09 -56.49
N HIS G 116 7.95 5.26 -55.55
CA HIS G 116 6.84 4.31 -55.34
C HIS G 116 5.98 4.12 -56.60
N GLY G 117 5.62 5.21 -57.26
CA GLY G 117 4.85 5.17 -58.56
C GLY G 117 5.58 4.38 -59.62
N LEU G 118 6.91 4.56 -59.68
CA LEU G 118 7.75 3.86 -60.64
C LEU G 118 7.76 2.35 -60.34
N ALA G 119 7.95 2.00 -59.06
CA ALA G 119 7.90 0.60 -58.66
C ALA G 119 6.53 -0.02 -58.99
N ASP G 120 5.42 0.66 -58.62
CA ASP G 120 4.06 0.15 -58.99
C ASP G 120 3.91 -0.05 -60.51
N SER G 121 4.38 0.92 -61.29
CA SER G 121 4.27 0.88 -62.74
C SER G 121 4.98 -0.34 -63.30
N LYS G 122 6.07 -0.79 -62.65
CA LYS G 122 6.78 -1.98 -63.08
C LYS G 122 6.31 -3.23 -62.32
N LYS G 123 5.23 -3.13 -61.55
CA LYS G 123 4.72 -4.24 -60.73
C LYS G 123 5.80 -4.76 -59.76
N ASP G 124 6.62 -3.88 -59.17
CA ASP G 124 7.63 -4.31 -58.22
C ASP G 124 7.00 -4.24 -56.83
N ALA G 125 6.32 -5.34 -56.47
CA ALA G 125 5.47 -5.37 -55.31
C ALA G 125 6.31 -5.25 -54.03
N GLN G 126 7.48 -5.87 -54.02
CA GLN G 126 8.31 -5.85 -52.81
C GLN G 126 8.90 -4.45 -52.63
N MET G 127 9.24 -3.80 -53.73
CA MET G 127 9.81 -2.45 -53.67
C MET G 127 8.77 -1.46 -53.19
N CYS G 128 7.53 -1.55 -53.72
CA CYS G 128 6.42 -0.83 -53.18
C CYS G 128 6.35 -1.03 -51.66
N ALA G 129 6.42 -2.30 -51.19
CA ALA G 129 6.20 -2.57 -49.77
C ALA G 129 7.29 -1.91 -48.94
N PHE G 130 8.54 -2.12 -49.37
CA PHE G 130 9.71 -1.54 -48.73
C PHE G 130 9.55 -0.01 -48.61
N ILE G 131 9.18 0.69 -49.69
CA ILE G 131 9.07 2.14 -49.64
C ILE G 131 7.95 2.56 -48.66
N ALA G 132 6.82 1.85 -48.72
CA ALA G 132 5.66 2.10 -47.86
C ALA G 132 6.05 1.94 -46.39
N THR G 133 6.64 0.78 -46.10
CA THR G 133 6.99 0.35 -44.73
C THR G 133 8.03 1.28 -44.10
N HIS G 134 9.11 1.59 -44.84
CA HIS G 134 10.27 2.22 -44.21
C HIS G 134 10.34 3.73 -44.50
N TYR G 135 9.64 4.25 -45.53
CA TYR G 135 9.84 5.66 -45.92
C TYR G 135 8.55 6.52 -45.85
N LEU G 136 7.42 6.06 -46.40
CA LEU G 136 6.28 6.99 -46.68
C LEU G 136 5.64 7.54 -45.39
N THR G 137 5.42 6.70 -44.36
CA THR G 137 4.84 7.17 -43.12
C THR G 137 5.85 7.94 -42.28
N GLU G 138 7.13 7.53 -42.33
CA GLU G 138 8.23 8.31 -41.73
C GLU G 138 8.21 9.76 -42.28
N GLN G 139 8.12 9.92 -43.61
CA GLN G 139 8.17 11.29 -44.19
C GLN G 139 7.00 12.13 -43.71
N VAL G 140 5.79 11.52 -43.70
CA VAL G 140 4.56 12.16 -43.22
C VAL G 140 4.73 12.62 -41.77
N GLU G 141 5.27 11.73 -40.93
CA GLU G 141 5.52 12.07 -39.53
C GLU G 141 6.54 13.22 -39.41
N ALA G 142 7.59 13.18 -40.22
CA ALA G 142 8.65 14.22 -40.19
C ALA G 142 8.06 15.58 -40.62
N ILE G 143 7.22 15.58 -41.65
CA ILE G 143 6.63 16.81 -42.18
C ILE G 143 5.69 17.40 -41.14
N LYS G 144 4.88 16.54 -40.50
CA LYS G 144 3.94 16.97 -39.48
C LYS G 144 4.69 17.58 -38.30
N GLU G 145 5.81 16.96 -37.92
CA GLU G 145 6.55 17.46 -36.79
C GLU G 145 7.14 18.85 -37.09
N ILE G 146 7.63 19.06 -38.32
CA ILE G 146 8.24 20.31 -38.73
C ILE G 146 7.17 21.39 -38.79
N GLY G 147 6.01 21.04 -39.35
CA GLY G 147 4.85 21.93 -39.36
C GLY G 147 4.57 22.47 -37.97
N ASP G 148 4.51 21.56 -36.98
CA ASP G 148 4.26 21.89 -35.59
C ASP G 148 5.35 22.86 -35.06
N HIS G 149 6.62 22.55 -35.35
CA HIS G 149 7.76 23.44 -34.96
C HIS G 149 7.56 24.86 -35.49
N ILE G 150 7.20 24.98 -36.77
CA ILE G 150 7.04 26.29 -37.42
C ILE G 150 5.93 27.02 -36.68
N THR G 151 4.83 26.32 -36.40
CA THR G 151 3.68 26.95 -35.75
C THR G 151 4.12 27.45 -34.39
N ASN G 152 4.92 26.64 -33.68
CA ASN G 152 5.31 26.98 -32.32
C ASN G 152 6.37 28.07 -32.33
N LEU G 153 7.23 28.11 -33.36
CA LEU G 153 8.24 29.16 -33.45
C LEU G 153 7.61 30.50 -33.81
N LYS G 154 6.53 30.51 -34.59
CA LYS G 154 5.80 31.78 -34.83
C LYS G 154 5.13 32.26 -33.55
N ARG G 155 4.53 31.33 -32.79
CA ARG G 155 3.87 31.62 -31.54
C ARG G 155 4.84 32.25 -30.51
N VAL G 156 6.02 31.66 -30.33
CA VAL G 156 6.92 32.11 -29.22
C VAL G 156 7.62 33.42 -29.59
N GLY G 157 7.72 33.74 -30.86
CA GLY G 157 8.36 35.01 -31.25
C GLY G 157 9.88 35.00 -31.17
N THR G 158 10.49 36.16 -31.36
CA THR G 158 11.95 36.27 -31.37
C THR G 158 12.45 36.61 -29.96
N GLY G 159 13.73 36.37 -29.69
CA GLY G 159 14.33 36.69 -28.39
C GLY G 159 14.15 35.60 -27.35
N LEU G 160 13.53 35.95 -26.24
CA LEU G 160 13.28 35.01 -25.13
C LEU G 160 12.57 33.74 -25.61
N GLY G 161 11.56 33.88 -26.48
CA GLY G 161 10.82 32.74 -27.04
C GLY G 161 11.74 31.75 -27.73
N GLU G 162 12.70 32.25 -28.51
CA GLU G 162 13.67 31.38 -29.22
C GLU G 162 14.53 30.62 -28.21
N PHE G 163 14.98 31.28 -27.15
CA PHE G 163 15.82 30.63 -26.17
C PHE G 163 15.05 29.48 -25.49
N ILE G 164 13.79 29.75 -25.15
CA ILE G 164 12.93 28.84 -24.38
C ILE G 164 12.58 27.63 -25.26
N TYR G 165 12.16 27.90 -26.49
CA TYR G 165 11.80 26.81 -27.40
C TYR G 165 13.01 25.89 -27.64
N ASP G 166 14.18 26.50 -27.86
CA ASP G 166 15.43 25.80 -28.08
C ASP G 166 15.72 24.88 -26.89
N LYS G 167 15.56 25.42 -25.68
CA LYS G 167 15.87 24.66 -24.47
C LYS G 167 14.79 23.58 -24.20
N GLU G 168 13.53 23.98 -24.20
CA GLU G 168 12.43 23.06 -23.80
C GLU G 168 12.01 22.05 -24.89
N ASN G 169 12.02 22.43 -26.16
CA ASN G 169 11.53 21.50 -27.21
C ASN G 169 12.69 20.84 -27.99
N LEU G 170 13.74 21.57 -28.36
CA LEU G 170 14.78 20.95 -29.22
C LEU G 170 15.79 20.14 -28.40
N LYS G 171 16.30 20.70 -27.32
CA LYS G 171 17.34 20.07 -26.49
C LYS G 171 16.77 18.81 -25.81
N GLU G 172 15.68 19.00 -25.06
CA GLU G 172 15.03 17.92 -24.31
C GLU G 172 14.17 17.10 -25.28
N PRO H 3 -42.28 -4.64 -13.82
CA PRO H 3 -41.16 -3.92 -13.16
C PRO H 3 -39.96 -4.85 -12.91
N SER H 4 -38.74 -4.32 -13.03
CA SER H 4 -37.54 -5.08 -12.73
C SER H 4 -37.64 -5.69 -11.32
N GLN H 5 -37.07 -6.88 -11.15
CA GLN H 5 -37.06 -7.58 -9.85
C GLN H 5 -36.27 -6.75 -8.82
N VAL H 6 -35.34 -5.88 -9.28
CA VAL H 6 -34.48 -5.16 -8.31
C VAL H 6 -35.10 -3.82 -7.93
N ARG H 7 -36.08 -3.34 -8.71
CA ARG H 7 -36.51 -1.96 -8.59
C ARG H 7 -37.18 -1.73 -7.23
N GLN H 8 -36.77 -0.67 -6.53
CA GLN H 8 -37.37 -0.29 -5.29
C GLN H 8 -37.13 1.20 -5.09
N ASN H 9 -38.20 1.95 -4.88
CA ASN H 9 -38.13 3.38 -4.58
C ASN H 9 -37.45 4.15 -5.72
N PHE H 10 -37.70 3.73 -6.97
CA PHE H 10 -37.11 4.36 -8.14
C PHE H 10 -38.20 4.83 -9.11
N HIS H 11 -38.41 6.14 -9.16
CA HIS H 11 -39.51 6.75 -9.89
C HIS H 11 -39.16 6.78 -11.38
N GLU H 12 -40.15 6.54 -12.23
CA GLU H 12 -39.96 6.64 -13.70
C GLU H 12 -39.38 8.01 -14.13
N LEU H 13 -39.66 9.10 -13.42
CA LEU H 13 -39.12 10.41 -13.85
C LEU H 13 -37.61 10.47 -13.52
N CYS H 14 -37.21 9.78 -12.46
CA CYS H 14 -35.79 9.74 -12.06
C CYS H 14 -35.00 8.92 -13.10
N GLU H 15 -35.57 7.78 -13.48
CA GLU H 15 -35.12 6.93 -14.62
C GLU H 15 -34.90 7.80 -15.88
N ALA H 16 -35.90 8.60 -16.25
CA ALA H 16 -35.80 9.43 -17.43
C ALA H 16 -34.68 10.44 -17.23
N GLY H 17 -34.59 11.05 -16.04
CA GLY H 17 -33.55 11.98 -15.68
C GLY H 17 -32.13 11.43 -15.85
N VAL H 18 -31.90 10.18 -15.41
CA VAL H 18 -30.58 9.54 -15.56
C VAL H 18 -30.22 9.37 -17.05
N ASN H 19 -31.18 8.92 -17.86
CA ASN H 19 -30.99 8.82 -19.31
C ASN H 19 -30.67 10.17 -19.97
N LYS H 20 -31.35 11.25 -19.56
CA LYS H 20 -31.02 12.59 -20.11
C LYS H 20 -29.57 12.96 -19.72
N GLN H 21 -29.16 12.63 -18.47
CA GLN H 21 -27.84 12.98 -17.96
C GLN H 21 -26.81 12.17 -18.75
N ILE H 22 -27.12 10.90 -19.03
CA ILE H 22 -26.19 10.05 -19.74
C ILE H 22 -25.84 10.72 -21.09
N ASN H 23 -26.86 11.22 -21.81
CA ASN H 23 -26.65 11.84 -23.13
C ASN H 23 -25.81 13.11 -23.00
N LEU H 24 -26.06 13.89 -21.96
CA LEU H 24 -25.33 15.14 -21.70
C LEU H 24 -23.84 14.85 -21.42
N GLU H 25 -23.57 13.79 -20.69
CA GLU H 25 -22.18 13.39 -20.37
C GLU H 25 -21.48 13.00 -21.67
N LEU H 26 -22.13 12.19 -22.51
CA LEU H 26 -21.59 11.76 -23.82
C LEU H 26 -21.36 12.98 -24.74
N TYR H 27 -22.28 13.94 -24.69
CA TYR H 27 -22.16 15.21 -25.45
C TYR H 27 -20.90 15.94 -25.00
N ALA H 28 -20.69 16.02 -23.68
CA ALA H 28 -19.53 16.73 -23.15
C ALA H 28 -18.27 16.01 -23.60
N SER H 29 -18.31 14.67 -23.57
CA SER H 29 -17.17 13.87 -23.95
C SER H 29 -16.79 14.21 -25.40
N TYR H 30 -17.79 14.25 -26.28
CA TYR H 30 -17.57 14.43 -27.73
C TYR H 30 -16.97 15.82 -27.97
N THR H 31 -17.46 16.81 -27.22
CA THR H 31 -17.00 18.19 -27.37
C THR H 31 -15.53 18.29 -26.96
N TYR H 32 -15.13 17.60 -25.89
CA TYR H 32 -13.77 17.68 -25.42
C TYR H 32 -12.88 16.97 -26.42
N HIS H 33 -13.44 15.97 -27.08
CA HIS H 33 -12.74 15.16 -28.04
C HIS H 33 -12.35 16.02 -29.26
N SER H 34 -13.36 16.71 -29.82
CA SER H 34 -13.20 17.74 -30.85
C SER H 34 -12.12 18.76 -30.44
N ILE H 35 -12.23 19.31 -29.22
CA ILE H 35 -11.27 20.34 -28.73
C ILE H 35 -9.87 19.74 -28.75
N ALA H 36 -9.75 18.48 -28.27
CA ALA H 36 -8.47 17.81 -28.22
C ALA H 36 -7.81 17.75 -29.61
N PHE H 37 -8.56 17.33 -30.64
CA PHE H 37 -7.94 17.11 -31.95
C PHE H 37 -7.75 18.46 -32.69
N TYR H 38 -8.47 19.48 -32.27
CA TYR H 38 -8.20 20.81 -32.78
C TYR H 38 -6.78 21.23 -32.32
N PHE H 39 -6.39 20.92 -31.08
CA PHE H 39 -5.08 21.38 -30.57
C PHE H 39 -3.97 20.52 -31.18
N ASP H 40 -4.36 19.48 -31.91
CA ASP H 40 -3.43 18.56 -32.60
C ASP H 40 -3.17 19.01 -34.04
N ARG H 41 -3.88 20.04 -34.52
CA ARG H 41 -3.69 20.53 -35.91
C ARG H 41 -2.28 21.11 -36.03
N ASP H 42 -1.67 20.96 -37.21
CA ASP H 42 -0.33 21.45 -37.48
C ASP H 42 -0.25 22.97 -37.37
N ASP H 43 -1.37 23.66 -37.56
CA ASP H 43 -1.41 25.13 -37.52
C ASP H 43 -1.88 25.56 -36.13
N VAL H 44 -1.97 24.63 -35.17
CA VAL H 44 -2.31 25.02 -33.79
C VAL H 44 -1.20 24.49 -32.86
N ALA H 45 -1.02 23.16 -32.87
CA ALA H 45 0.14 22.48 -32.29
C ALA H 45 0.37 22.88 -30.82
N LEU H 46 -0.63 22.65 -29.97
CA LEU H 46 -0.46 22.76 -28.55
C LEU H 46 -0.60 21.38 -27.91
N PRO H 47 0.49 20.59 -27.79
CA PRO H 47 0.37 19.19 -27.36
C PRO H 47 -0.13 18.99 -25.93
N GLY H 48 0.19 19.93 -25.03
CA GLY H 48 -0.31 19.89 -23.69
C GLY H 48 -1.84 19.90 -23.66
N ALA H 49 -2.43 20.83 -24.41
CA ALA H 49 -3.89 20.94 -24.54
C ALA H 49 -4.48 19.70 -25.21
N HIS H 50 -3.83 19.17 -26.24
CA HIS H 50 -4.26 17.96 -26.88
C HIS H 50 -4.41 16.81 -25.86
N LYS H 51 -3.36 16.63 -25.05
CA LYS H 51 -3.33 15.59 -24.03
C LYS H 51 -4.40 15.87 -22.96
N TYR H 52 -4.49 17.13 -22.51
CA TYR H 52 -5.41 17.50 -21.44
C TYR H 52 -6.85 17.21 -21.87
N PHE H 53 -7.23 17.69 -23.07
CA PHE H 53 -8.64 17.54 -23.51
C PHE H 53 -8.93 16.08 -23.91
N LYS H 54 -7.96 15.34 -24.45
CA LYS H 54 -8.22 13.88 -24.64
C LYS H 54 -8.61 13.24 -23.29
N LYS H 55 -7.90 13.61 -22.24
CA LYS H 55 -8.12 12.99 -20.92
C LYS H 55 -9.46 13.45 -20.33
N GLN H 56 -9.84 14.71 -20.55
CA GLN H 56 -11.16 15.22 -20.15
C GLN H 56 -12.26 14.43 -20.89
N SER H 57 -12.08 14.22 -22.19
CA SER H 57 -13.03 13.48 -23.03
C SER H 57 -13.25 12.08 -22.44
N GLU H 58 -12.16 11.36 -22.20
CA GLU H 58 -12.20 10.00 -21.55
C GLU H 58 -12.94 10.05 -20.22
N GLU H 59 -12.71 11.10 -19.41
CA GLU H 59 -13.33 11.18 -18.08
C GLU H 59 -14.83 11.45 -18.18
N GLU H 60 -15.18 12.25 -19.08
CA GLU H 60 -16.64 12.44 -19.28
C GLU H 60 -17.31 11.13 -19.75
N ARG H 61 -16.72 10.36 -20.57
CA ARG H 61 -17.26 9.06 -21.00
C ARG H 61 -17.43 8.16 -19.76
N GLU H 62 -16.50 8.26 -18.81
CA GLU H 62 -16.55 7.49 -17.55
C GLU H 62 -17.75 7.96 -16.74
N HIS H 63 -17.99 9.27 -16.72
CA HIS H 63 -19.15 9.84 -16.02
C HIS H 63 -20.45 9.24 -16.60
N ALA H 64 -20.52 9.13 -17.92
CA ALA H 64 -21.66 8.51 -18.60
C ALA H 64 -21.81 7.05 -18.16
N GLU H 65 -20.71 6.29 -18.10
CA GLU H 65 -20.77 4.84 -17.78
C GLU H 65 -21.25 4.61 -16.36
N LYS H 66 -20.86 5.46 -15.43
CA LYS H 66 -21.21 5.29 -14.07
C LYS H 66 -22.72 5.51 -13.91
N LEU H 67 -23.27 6.42 -14.72
CA LEU H 67 -24.71 6.59 -14.70
C LEU H 67 -25.41 5.42 -15.38
N MET H 68 -24.84 4.82 -16.43
CA MET H 68 -25.46 3.67 -17.05
C MET H 68 -25.50 2.50 -16.05
N LYS H 69 -24.46 2.39 -15.25
CA LYS H 69 -24.32 1.31 -14.28
C LYS H 69 -25.36 1.56 -13.18
N PHE H 70 -25.53 2.84 -12.81
CA PHE H 70 -26.46 3.23 -11.78
C PHE H 70 -27.90 2.89 -12.22
N GLN H 71 -28.22 3.26 -13.46
CA GLN H 71 -29.52 2.92 -14.04
C GLN H 71 -29.80 1.41 -13.86
N ASN H 72 -28.85 0.57 -14.27
CA ASN H 72 -29.03 -0.85 -14.13
C ASN H 72 -29.12 -1.29 -12.67
N GLN H 73 -28.33 -0.69 -11.77
CA GLN H 73 -28.36 -1.04 -10.39
C GLN H 73 -29.79 -0.87 -9.84
N ARG H 74 -30.46 0.21 -10.25
CA ARG H 74 -31.76 0.55 -9.65
C ARG H 74 -32.87 -0.16 -10.41
N GLY H 75 -32.54 -0.79 -11.55
CA GLY H 75 -33.51 -1.55 -12.35
C GLY H 75 -34.26 -0.68 -13.36
N GLY H 76 -33.72 0.52 -13.59
CA GLY H 76 -34.07 1.39 -14.73
C GLY H 76 -33.53 0.82 -16.04
N ARG H 77 -33.93 1.42 -17.17
CA ARG H 77 -33.47 0.91 -18.45
C ARG H 77 -32.81 2.03 -19.24
N VAL H 78 -31.57 1.76 -19.64
CA VAL H 78 -30.77 2.70 -20.44
C VAL H 78 -31.45 2.90 -21.80
N LYS H 79 -31.64 4.17 -22.16
CA LYS H 79 -32.20 4.60 -23.45
C LYS H 79 -31.30 5.73 -23.99
N LEU H 80 -30.69 5.43 -25.14
CA LEU H 80 -29.64 6.18 -25.75
C LEU H 80 -30.25 6.96 -26.90
N LYS H 81 -29.78 8.18 -27.07
CA LYS H 81 -30.19 9.07 -28.14
C LYS H 81 -28.92 9.46 -28.91
N ASP H 82 -29.10 10.05 -30.09
CA ASP H 82 -28.00 10.60 -30.86
C ASP H 82 -27.10 11.45 -29.93
N ILE H 83 -25.79 11.41 -30.16
CA ILE H 83 -24.87 12.36 -29.52
C ILE H 83 -24.66 13.53 -30.49
N THR H 84 -25.17 14.70 -30.12
CA THR H 84 -25.08 15.89 -30.99
C THR H 84 -23.61 16.29 -31.19
N ALA H 85 -23.26 16.59 -32.44
CA ALA H 85 -21.95 17.11 -32.85
C ALA H 85 -21.64 18.39 -32.08
N PRO H 86 -20.34 18.63 -31.77
CA PRO H 86 -19.94 19.80 -31.00
C PRO H 86 -20.35 21.08 -31.74
N GLU H 87 -20.44 22.14 -30.96
CA GLU H 87 -20.97 23.49 -31.30
C GLU H 87 -20.13 24.14 -32.41
N LYS H 88 -18.82 23.84 -32.41
CA LYS H 88 -17.80 24.49 -33.28
C LYS H 88 -16.86 23.43 -33.87
N GLU H 89 -16.28 23.77 -35.02
CA GLU H 89 -15.23 22.98 -35.65
C GLU H 89 -13.86 23.45 -35.18
N GLU H 90 -13.81 24.73 -34.79
CA GLU H 90 -12.58 25.44 -34.50
C GLU H 90 -12.76 26.20 -33.18
N TRP H 91 -11.80 26.08 -32.27
CA TRP H 91 -12.08 26.52 -30.88
C TRP H 91 -11.24 27.71 -30.45
N GLY H 92 -10.41 28.26 -31.33
CA GLY H 92 -9.70 29.50 -31.08
C GLY H 92 -8.42 29.24 -30.29
N SER H 93 -8.23 30.04 -29.25
CA SER H 93 -7.03 30.03 -28.45
C SER H 93 -7.24 29.05 -27.30
N LEU H 94 -6.21 28.86 -26.48
CA LEU H 94 -6.37 28.10 -25.22
C LEU H 94 -7.44 28.77 -24.36
N LEU H 95 -7.37 30.10 -24.26
CA LEU H 95 -8.32 30.80 -23.43
C LEU H 95 -9.75 30.55 -23.91
N ASP H 96 -9.96 30.61 -25.22
CA ASP H 96 -11.27 30.45 -25.82
C ASP H 96 -11.81 29.05 -25.48
N ALA H 97 -10.94 28.05 -25.60
CA ALA H 97 -11.31 26.67 -25.33
C ALA H 97 -11.70 26.50 -23.86
N PHE H 98 -10.90 27.04 -22.93
CA PHE H 98 -11.25 26.96 -21.51
C PHE H 98 -12.52 27.73 -21.19
N LYS H 99 -12.80 28.83 -21.92
CA LYS H 99 -14.05 29.55 -21.69
C LYS H 99 -15.23 28.64 -22.08
N VAL H 100 -15.10 27.93 -23.21
CA VAL H 100 -16.12 26.96 -23.65
C VAL H 100 -16.27 25.86 -22.58
N ALA H 101 -15.14 25.34 -22.07
CA ALA H 101 -15.13 24.33 -21.00
C ALA H 101 -15.94 24.83 -19.80
N LEU H 102 -15.72 26.08 -19.36
CA LEU H 102 -16.34 26.57 -18.16
C LEU H 102 -17.87 26.56 -18.36
N GLU H 103 -18.28 27.02 -19.54
CA GLU H 103 -19.68 27.11 -19.88
C GLU H 103 -20.31 25.69 -19.85
N LEU H 104 -19.62 24.72 -20.45
CA LEU H 104 -20.13 23.36 -20.59
C LEU H 104 -20.24 22.73 -19.18
N GLU H 105 -19.25 22.96 -18.32
CA GLU H 105 -19.23 22.35 -16.95
C GLU H 105 -20.32 22.95 -16.07
N LYS H 106 -20.62 24.25 -16.23
CA LYS H 106 -21.67 24.87 -15.46
C LYS H 106 -23.04 24.37 -15.94
N LYS H 107 -23.18 24.11 -17.26
CA LYS H 107 -24.41 23.56 -17.79
C LYS H 107 -24.64 22.13 -17.25
N VAL H 108 -23.58 21.34 -17.22
CA VAL H 108 -23.65 19.97 -16.73
C VAL H 108 -23.98 20.00 -15.23
N ASN H 109 -23.37 20.96 -14.51
CA ASN H 109 -23.58 21.07 -13.09
C ASN H 109 -25.04 21.39 -12.77
N GLN H 110 -25.61 22.38 -13.48
CA GLN H 110 -27.03 22.76 -13.23
C GLN H 110 -27.96 21.57 -13.51
N SER H 111 -27.62 20.77 -14.50
CA SER H 111 -28.36 19.57 -14.84
C SER H 111 -28.27 18.53 -13.71
N LEU H 112 -27.08 18.37 -13.09
CA LEU H 112 -26.91 17.47 -11.93
C LEU H 112 -27.71 18.02 -10.73
N LEU H 113 -27.66 19.33 -10.52
CA LEU H 113 -28.42 19.92 -9.42
C LEU H 113 -29.93 19.71 -9.66
N ASP H 114 -30.36 19.81 -10.92
CA ASP H 114 -31.79 19.61 -11.23
C ASP H 114 -32.14 18.13 -10.93
N LEU H 115 -31.24 17.22 -11.31
CA LEU H 115 -31.44 15.78 -11.14
C LEU H 115 -31.49 15.42 -9.65
N HIS H 116 -30.61 16.04 -8.85
CA HIS H 116 -30.61 15.83 -7.43
C HIS H 116 -31.93 16.34 -6.80
N GLY H 117 -32.42 17.47 -7.30
CA GLY H 117 -33.67 18.07 -6.81
C GLY H 117 -34.86 17.18 -7.13
N LEU H 118 -34.86 16.60 -8.33
CA LEU H 118 -35.86 15.67 -8.76
C LEU H 118 -35.84 14.45 -7.82
N ALA H 119 -34.63 13.93 -7.52
CA ALA H 119 -34.47 12.81 -6.62
C ALA H 119 -35.06 13.11 -5.23
N ASP H 120 -34.68 14.24 -4.62
CA ASP H 120 -35.18 14.57 -3.31
C ASP H 120 -36.71 14.67 -3.36
N SER H 121 -37.24 15.18 -4.47
CA SER H 121 -38.68 15.41 -4.56
C SER H 121 -39.42 14.06 -4.50
N LYS H 122 -38.76 12.98 -4.93
CA LYS H 122 -39.38 11.68 -4.94
C LYS H 122 -38.87 10.85 -3.75
N LYS H 123 -38.18 11.51 -2.81
CA LYS H 123 -37.58 10.89 -1.63
C LYS H 123 -36.72 9.69 -2.05
N ASP H 124 -35.94 9.85 -3.12
CA ASP H 124 -34.96 8.84 -3.49
C ASP H 124 -33.65 9.16 -2.77
N ALA H 125 -33.56 8.78 -1.50
CA ALA H 125 -32.35 8.96 -0.70
C ALA H 125 -31.11 8.30 -1.34
N GLN H 126 -31.22 7.06 -1.88
CA GLN H 126 -30.07 6.34 -2.55
C GLN H 126 -29.51 7.23 -3.66
N MET H 127 -30.42 7.75 -4.48
CA MET H 127 -30.06 8.53 -5.66
C MET H 127 -29.47 9.88 -5.27
N CYS H 128 -30.06 10.56 -4.28
CA CYS H 128 -29.45 11.77 -3.69
C CYS H 128 -27.98 11.50 -3.33
N ALA H 129 -27.71 10.41 -2.60
CA ALA H 129 -26.38 10.05 -2.05
C ALA H 129 -25.38 9.80 -3.17
N PHE H 130 -25.81 9.02 -4.15
CA PHE H 130 -25.03 8.70 -5.32
C PHE H 130 -24.61 9.98 -6.05
N ILE H 131 -25.59 10.83 -6.35
CA ILE H 131 -25.32 12.07 -7.13
C ILE H 131 -24.29 12.90 -6.35
N ALA H 132 -24.55 13.14 -5.05
CA ALA H 132 -23.68 13.95 -4.19
C ALA H 132 -22.28 13.34 -4.14
N THR H 133 -22.20 12.07 -3.76
CA THR H 133 -20.92 11.35 -3.64
C THR H 133 -20.10 11.42 -4.93
N HIS H 134 -20.69 11.09 -6.09
CA HIS H 134 -19.89 10.85 -7.26
C HIS H 134 -19.84 12.06 -8.20
N TYR H 135 -20.77 13.03 -8.05
CA TYR H 135 -20.92 14.05 -9.10
C TYR H 135 -20.79 15.48 -8.57
N LEU H 136 -21.42 15.83 -7.43
CA LEU H 136 -21.60 17.27 -7.18
C LEU H 136 -20.25 17.86 -6.80
N THR H 137 -19.45 17.11 -6.01
CA THR H 137 -18.15 17.63 -5.63
C THR H 137 -17.16 17.57 -6.81
N GLU H 138 -17.11 16.49 -7.62
CA GLU H 138 -16.20 16.54 -8.81
C GLU H 138 -16.56 17.76 -9.67
N GLN H 139 -17.85 18.09 -9.78
CA GLN H 139 -18.26 19.23 -10.66
C GLN H 139 -17.74 20.56 -10.11
N VAL H 140 -17.91 20.79 -8.81
CA VAL H 140 -17.37 21.97 -8.14
C VAL H 140 -15.85 22.07 -8.32
N GLU H 141 -15.12 20.94 -8.12
CA GLU H 141 -13.65 20.94 -8.33
C GLU H 141 -13.31 21.29 -9.78
N ALA H 142 -13.97 20.65 -10.76
CA ALA H 142 -13.71 20.88 -12.18
C ALA H 142 -13.95 22.37 -12.52
N ILE H 143 -15.03 22.97 -12.00
CA ILE H 143 -15.34 24.38 -12.33
C ILE H 143 -14.25 25.30 -11.72
N LYS H 144 -13.82 24.98 -10.49
CA LYS H 144 -12.73 25.74 -9.83
C LYS H 144 -11.41 25.62 -10.62
N GLU H 145 -11.08 24.40 -11.04
CA GLU H 145 -9.88 24.18 -11.84
C GLU H 145 -9.92 25.04 -13.13
N ILE H 146 -11.05 25.02 -13.84
CA ILE H 146 -11.17 25.71 -15.12
C ILE H 146 -11.12 27.24 -14.89
N GLY H 147 -11.76 27.72 -13.83
CA GLY H 147 -11.64 29.10 -13.37
C GLY H 147 -10.18 29.52 -13.20
N ASP H 148 -9.41 28.70 -12.47
CA ASP H 148 -7.98 28.97 -12.25
C ASP H 148 -7.29 29.06 -13.62
N HIS H 149 -7.58 28.12 -14.53
CA HIS H 149 -6.98 28.05 -15.85
C HIS H 149 -7.25 29.34 -16.64
N ILE H 150 -8.50 29.80 -16.62
CA ILE H 150 -8.89 30.99 -17.37
C ILE H 150 -8.09 32.17 -16.82
N THR H 151 -8.03 32.29 -15.49
CA THR H 151 -7.33 33.35 -14.84
C THR H 151 -5.86 33.36 -15.28
N ASN H 152 -5.22 32.19 -15.26
CA ASN H 152 -3.79 32.08 -15.59
C ASN H 152 -3.56 32.37 -17.08
N LEU H 153 -4.51 31.98 -17.95
CA LEU H 153 -4.32 32.21 -19.36
C LEU H 153 -4.45 33.70 -19.75
N LYS H 154 -5.33 34.43 -19.05
CA LYS H 154 -5.38 35.90 -19.16
C LYS H 154 -4.06 36.53 -18.66
N ARG H 155 -3.56 36.03 -17.52
CA ARG H 155 -2.28 36.50 -16.95
C ARG H 155 -1.12 36.34 -17.95
N VAL H 156 -0.94 35.15 -18.55
CA VAL H 156 0.29 34.90 -19.32
C VAL H 156 0.21 35.56 -20.71
N GLY H 157 -1.00 35.90 -21.16
CA GLY H 157 -1.24 36.52 -22.48
C GLY H 157 -1.01 35.56 -23.65
N THR H 158 -0.93 36.15 -24.87
CA THR H 158 -0.82 35.37 -26.12
C THR H 158 0.67 35.19 -26.48
N GLY H 159 0.95 34.18 -27.31
CA GLY H 159 2.27 33.88 -27.81
C GLY H 159 3.09 33.02 -26.86
N LEU H 160 4.15 33.60 -26.30
CA LEU H 160 5.10 32.86 -25.49
C LEU H 160 4.39 32.28 -24.26
N GLY H 161 3.52 33.10 -23.64
CA GLY H 161 2.74 32.70 -22.47
C GLY H 161 1.88 31.48 -22.76
N GLU H 162 1.28 31.40 -23.95
CA GLU H 162 0.47 30.23 -24.33
C GLU H 162 1.36 29.00 -24.50
N PHE H 163 2.51 29.15 -25.16
CA PHE H 163 3.43 27.97 -25.32
C PHE H 163 3.83 27.43 -23.93
N ILE H 164 4.16 28.35 -23.02
CA ILE H 164 4.68 28.06 -21.66
C ILE H 164 3.57 27.43 -20.82
N TYR H 165 2.35 28.00 -20.87
CA TYR H 165 1.25 27.51 -20.06
C TYR H 165 0.90 26.08 -20.47
N ASP H 166 0.91 25.83 -21.78
CA ASP H 166 0.61 24.57 -22.38
C ASP H 166 1.62 23.51 -21.92
N LYS H 167 2.90 23.88 -21.94
CA LYS H 167 3.99 22.96 -21.61
C LYS H 167 3.98 22.70 -20.10
N GLU H 168 3.84 23.75 -19.28
CA GLU H 168 4.06 23.72 -17.82
C GLU H 168 2.83 23.26 -17.05
N ASN H 169 1.62 23.63 -17.50
CA ASN H 169 0.41 23.42 -16.69
C ASN H 169 -0.51 22.36 -17.31
N LEU H 170 -0.54 22.20 -18.64
CA LEU H 170 -1.46 21.24 -19.29
C LEU H 170 -0.75 19.89 -19.52
N LYS H 171 0.53 19.93 -19.95
CA LYS H 171 1.27 18.80 -20.52
C LYS H 171 1.93 17.97 -19.41
N GLU H 172 2.76 18.64 -18.60
CA GLU H 172 3.55 18.03 -17.52
C GLU H 172 2.77 18.17 -16.20
N MET I 1 -33.54 -41.33 1.87
CA MET I 1 -34.20 -40.15 1.18
C MET I 1 -34.70 -39.13 2.22
N GLN I 2 -35.50 -39.61 3.18
CA GLN I 2 -35.81 -38.92 4.43
C GLN I 2 -34.64 -39.15 5.38
N PRO I 3 -34.72 -40.12 6.33
CA PRO I 3 -33.62 -40.55 7.21
C PRO I 3 -32.23 -40.80 6.57
N SER I 4 -31.25 -39.94 6.92
CA SER I 4 -30.10 -39.60 6.11
C SER I 4 -29.33 -40.85 5.67
N GLN I 5 -28.79 -40.80 4.45
CA GLN I 5 -27.86 -41.84 3.96
C GLN I 5 -26.59 -41.95 4.82
N VAL I 6 -26.20 -40.91 5.57
CA VAL I 6 -24.94 -40.96 6.32
C VAL I 6 -25.18 -41.50 7.75
N ARG I 7 -26.43 -41.53 8.21
CA ARG I 7 -26.72 -41.63 9.61
C ARG I 7 -26.42 -43.04 10.10
N GLN I 8 -25.62 -43.14 11.15
CA GLN I 8 -25.26 -44.43 11.70
C GLN I 8 -25.00 -44.25 13.19
N ASN I 9 -25.71 -45.01 14.04
CA ASN I 9 -25.48 -45.00 15.51
C ASN I 9 -25.71 -43.58 16.09
N PHE I 10 -26.71 -42.87 15.54
CA PHE I 10 -27.05 -41.48 15.96
C PHE I 10 -28.53 -41.40 16.37
N HIS I 11 -28.75 -41.39 17.68
CA HIS I 11 -30.11 -41.46 18.23
C HIS I 11 -30.81 -40.11 18.05
N GLU I 12 -32.13 -40.14 17.86
CA GLU I 12 -32.96 -38.95 17.77
C GLU I 12 -32.84 -38.07 19.04
N LEU I 13 -32.65 -38.70 20.20
CA LEU I 13 -32.51 -37.90 21.45
C LEU I 13 -31.20 -37.10 21.38
N CYS I 14 -30.17 -37.68 20.80
CA CYS I 14 -28.85 -37.01 20.65
C CYS I 14 -28.99 -35.86 19.64
N GLU I 15 -29.67 -36.13 18.54
CA GLU I 15 -29.96 -35.10 17.53
C GLU I 15 -30.69 -33.93 18.21
N ALA I 16 -31.71 -34.21 19.02
CA ALA I 16 -32.47 -33.16 19.72
C ALA I 16 -31.55 -32.40 20.71
N GLY I 17 -30.66 -33.13 21.40
CA GLY I 17 -29.73 -32.53 22.31
C GLY I 17 -28.74 -31.59 21.62
N VAL I 18 -28.24 -31.97 20.44
CA VAL I 18 -27.37 -31.09 19.67
C VAL I 18 -28.15 -29.80 19.34
N ASN I 19 -29.41 -29.92 18.95
CA ASN I 19 -30.23 -28.73 18.55
C ASN I 19 -30.43 -27.80 19.76
N LYS I 20 -30.60 -28.39 20.94
CA LYS I 20 -30.73 -27.61 22.16
C LYS I 20 -29.41 -26.87 22.46
N GLN I 21 -28.27 -27.54 22.25
CA GLN I 21 -26.98 -26.94 22.52
C GLN I 21 -26.68 -25.79 21.55
N ILE I 22 -27.10 -25.92 20.30
CA ILE I 22 -26.90 -24.88 19.28
C ILE I 22 -27.60 -23.59 19.73
N ASN I 23 -28.80 -23.74 20.27
CA ASN I 23 -29.57 -22.58 20.77
C ASN I 23 -28.86 -21.94 21.98
N LEU I 24 -28.40 -22.76 22.92
CA LEU I 24 -27.69 -22.27 24.12
C LEU I 24 -26.42 -21.53 23.69
N GLU I 25 -25.67 -22.08 22.74
CA GLU I 25 -24.41 -21.45 22.24
C GLU I 25 -24.75 -20.09 21.64
N LEU I 26 -25.79 -20.02 20.83
CA LEU I 26 -26.26 -18.75 20.21
C LEU I 26 -26.78 -17.78 21.28
N TYR I 27 -27.43 -18.29 22.33
CA TYR I 27 -27.91 -17.43 23.43
C TYR I 27 -26.69 -16.78 24.12
N ALA I 28 -25.69 -17.60 24.42
CA ALA I 28 -24.42 -17.13 25.02
C ALA I 28 -23.79 -16.02 24.14
N SER I 29 -23.67 -16.26 22.84
CA SER I 29 -23.12 -15.33 21.93
C SER I 29 -23.87 -13.99 22.04
N TYR I 30 -25.20 -14.01 22.01
CA TYR I 30 -26.02 -12.79 22.04
C TYR I 30 -25.79 -12.05 23.37
N THR I 31 -25.74 -12.79 24.50
CA THR I 31 -25.47 -12.18 25.83
C THR I 31 -24.09 -11.48 25.82
N TYR I 32 -23.04 -12.14 25.30
CA TYR I 32 -21.73 -11.50 25.21
C TYR I 32 -21.77 -10.28 24.30
N HIS I 33 -22.57 -10.32 23.24
CA HIS I 33 -22.71 -9.17 22.32
C HIS I 33 -23.24 -7.95 23.08
N SER I 34 -24.30 -8.20 23.88
CA SER I 34 -24.93 -7.19 24.69
C SER I 34 -23.91 -6.57 25.66
N ILE I 35 -23.20 -7.44 26.39
CA ILE I 35 -22.18 -7.02 27.32
C ILE I 35 -21.10 -6.19 26.60
N ALA I 36 -20.63 -6.65 25.44
CA ALA I 36 -19.64 -5.91 24.62
C ALA I 36 -20.11 -4.48 24.32
N PHE I 37 -21.38 -4.28 23.93
CA PHE I 37 -21.79 -2.91 23.51
C PHE I 37 -22.14 -2.06 24.74
N TYR I 38 -22.46 -2.70 25.87
CA TYR I 38 -22.59 -1.99 27.12
C TYR I 38 -21.26 -1.26 27.41
N PHE I 39 -20.13 -1.97 27.35
CA PHE I 39 -18.83 -1.34 27.69
C PHE I 39 -18.43 -0.24 26.70
N ASP I 40 -19.15 -0.13 25.60
CA ASP I 40 -18.89 0.88 24.53
C ASP I 40 -19.71 2.14 24.80
N ARG I 41 -20.57 2.11 25.83
CA ARG I 41 -21.38 3.30 26.19
C ARG I 41 -20.45 4.45 26.62
N ASP I 42 -20.81 5.68 26.24
CA ASP I 42 -19.99 6.87 26.59
C ASP I 42 -19.89 7.01 28.11
N ASP I 43 -20.87 6.51 28.84
CA ASP I 43 -20.94 6.59 30.29
C ASP I 43 -20.32 5.33 30.93
N VAL I 44 -19.73 4.45 30.13
CA VAL I 44 -19.11 3.24 30.72
C VAL I 44 -17.64 3.21 30.27
N ALA I 45 -17.42 3.18 28.94
CA ALA I 45 -16.15 3.51 28.25
C ALA I 45 -14.98 2.66 28.79
N LEU I 46 -15.15 1.34 28.68
CA LEU I 46 -14.08 0.41 28.95
C LEU I 46 -13.76 -0.34 27.65
N PRO I 47 -12.84 0.16 26.82
CA PRO I 47 -12.59 -0.42 25.48
C PRO I 47 -12.00 -1.82 25.48
N GLY I 48 -11.17 -2.12 26.47
CA GLY I 48 -10.65 -3.45 26.69
C GLY I 48 -11.78 -4.48 26.79
N ALA I 49 -12.76 -4.18 27.68
CA ALA I 49 -13.91 -5.06 27.87
C ALA I 49 -14.76 -5.12 26.60
N HIS I 50 -14.95 -3.98 25.92
CA HIS I 50 -15.69 -3.97 24.63
C HIS I 50 -15.08 -5.00 23.67
N LYS I 51 -13.74 -5.00 23.57
CA LYS I 51 -12.99 -5.82 22.66
C LYS I 51 -13.08 -7.30 23.09
N TYR I 52 -12.85 -7.55 24.36
CA TYR I 52 -12.86 -8.86 24.93
C TYR I 52 -14.24 -9.54 24.73
N PHE I 53 -15.35 -8.86 25.06
CA PHE I 53 -16.63 -9.47 25.00
C PHE I 53 -17.12 -9.64 23.56
N LYS I 54 -16.74 -8.75 22.65
CA LYS I 54 -17.01 -8.96 21.20
C LYS I 54 -16.35 -10.26 20.73
N LYS I 55 -15.10 -10.48 21.13
CA LYS I 55 -14.37 -11.68 20.74
C LYS I 55 -15.06 -12.92 21.33
N GLN I 56 -15.46 -12.88 22.60
CA GLN I 56 -16.18 -14.00 23.26
C GLN I 56 -17.50 -14.29 22.51
N SER I 57 -18.23 -13.22 22.11
CA SER I 57 -19.48 -13.32 21.32
C SER I 57 -19.21 -14.10 20.03
N GLU I 58 -18.18 -13.68 19.31
CA GLU I 58 -17.78 -14.28 18.06
C GLU I 58 -17.41 -15.74 18.31
N GLU I 59 -16.70 -16.02 19.42
CA GLU I 59 -16.29 -17.37 19.70
C GLU I 59 -17.54 -18.27 19.96
N GLU I 60 -18.45 -17.78 20.68
CA GLU I 60 -19.63 -18.58 21.02
C GLU I 60 -20.40 -18.93 19.72
N ARG I 61 -20.46 -18.02 18.83
CA ARG I 61 -21.10 -18.25 17.51
C ARG I 61 -20.38 -19.38 16.78
N GLU I 62 -19.05 -19.42 16.89
CA GLU I 62 -18.23 -20.48 16.27
C GLU I 62 -18.58 -21.82 16.91
N HIS I 63 -18.81 -21.82 18.22
CA HIS I 63 -19.20 -23.04 18.97
C HIS I 63 -20.53 -23.55 18.41
N ALA I 64 -21.46 -22.63 18.16
CA ALA I 64 -22.77 -23.03 17.61
C ALA I 64 -22.54 -23.64 16.22
N GLU I 65 -21.77 -22.96 15.37
CA GLU I 65 -21.50 -23.40 13.98
C GLU I 65 -20.87 -24.79 13.96
N LYS I 66 -19.96 -25.07 14.88
CA LYS I 66 -19.30 -26.39 14.95
C LYS I 66 -20.34 -27.48 15.28
N LEU I 67 -21.33 -27.16 16.11
CA LEU I 67 -22.41 -28.13 16.42
C LEU I 67 -23.33 -28.31 15.20
N MET I 68 -23.65 -27.25 14.47
CA MET I 68 -24.43 -27.41 13.25
C MET I 68 -23.69 -28.30 12.27
N LYS I 69 -22.38 -28.09 12.17
CA LYS I 69 -21.56 -28.90 11.28
C LYS I 69 -21.59 -30.38 11.72
N PHE I 70 -21.48 -30.62 13.00
CA PHE I 70 -21.57 -32.01 13.63
C PHE I 70 -22.93 -32.64 13.31
N GLN I 71 -24.00 -31.84 13.46
CA GLN I 71 -25.39 -32.32 13.22
C GLN I 71 -25.44 -32.84 11.79
N ASN I 72 -24.99 -32.03 10.83
CA ASN I 72 -24.95 -32.44 9.40
C ASN I 72 -24.00 -33.63 9.15
N GLN I 73 -22.81 -33.66 9.78
CA GLN I 73 -21.87 -34.79 9.63
C GLN I 73 -22.56 -36.11 10.01
N ARG I 74 -23.38 -36.09 11.07
CA ARG I 74 -23.95 -37.34 11.63
C ARG I 74 -25.28 -37.67 10.93
N GLY I 75 -25.78 -36.73 10.11
CA GLY I 75 -27.01 -36.92 9.38
C GLY I 75 -28.26 -36.50 10.16
N GLY I 76 -28.08 -35.80 11.28
CA GLY I 76 -29.20 -35.17 11.91
C GLY I 76 -29.58 -33.90 11.18
N ARG I 77 -30.62 -33.24 11.69
CA ARG I 77 -31.20 -32.08 10.99
C ARG I 77 -31.26 -30.91 11.97
N VAL I 78 -30.58 -29.83 11.62
CA VAL I 78 -30.54 -28.63 12.40
C VAL I 78 -31.95 -28.06 12.47
N LYS I 79 -32.42 -27.80 13.70
CA LYS I 79 -33.69 -27.15 13.98
C LYS I 79 -33.44 -25.93 14.86
N LEU I 80 -33.77 -24.74 14.35
CA LEU I 80 -33.42 -23.49 14.98
C LEU I 80 -34.66 -22.92 15.70
N LYS I 81 -34.42 -22.36 16.88
CA LYS I 81 -35.46 -21.68 17.69
C LYS I 81 -35.08 -20.19 17.81
N ASP I 82 -36.00 -19.39 18.34
CA ASP I 82 -35.70 -18.00 18.64
C ASP I 82 -34.48 -17.94 19.58
N ILE I 83 -33.65 -16.91 19.38
CA ILE I 83 -32.59 -16.61 20.32
C ILE I 83 -33.09 -15.55 21.30
N THR I 84 -33.22 -15.97 22.55
CA THR I 84 -33.77 -15.18 23.64
C THR I 84 -32.79 -14.03 23.94
N ALA I 85 -33.38 -12.84 24.07
CA ALA I 85 -32.69 -11.65 24.43
C ALA I 85 -32.01 -11.83 25.78
N PRO I 86 -30.85 -11.20 25.99
CA PRO I 86 -30.10 -11.34 27.23
C PRO I 86 -30.93 -10.82 28.41
N GLU I 87 -30.59 -11.34 29.59
CA GLU I 87 -31.29 -11.13 30.88
C GLU I 87 -31.39 -9.63 31.22
N LYS I 88 -30.32 -8.87 30.98
CA LYS I 88 -30.18 -7.48 31.43
C LYS I 88 -29.89 -6.58 30.22
N GLU I 89 -30.19 -5.29 30.34
CA GLU I 89 -29.82 -4.28 29.33
C GLU I 89 -28.50 -3.60 29.73
N GLU I 90 -28.26 -3.56 31.04
CA GLU I 90 -27.13 -2.95 31.69
C GLU I 90 -26.48 -3.95 32.64
N TRP I 91 -25.15 -3.98 32.64
CA TRP I 91 -24.41 -5.09 33.20
C TRP I 91 -23.51 -4.68 34.38
N GLY I 92 -23.54 -3.40 34.77
CA GLY I 92 -22.87 -2.92 35.99
C GLY I 92 -21.37 -2.76 35.79
N SER I 93 -20.60 -3.17 36.79
CA SER I 93 -19.14 -3.02 36.78
C SER I 93 -18.50 -4.08 35.89
N LEU I 94 -17.21 -3.92 35.64
CA LEU I 94 -16.41 -4.93 34.93
C LEU I 94 -16.45 -6.25 35.72
N LEU I 95 -16.32 -6.18 37.05
CA LEU I 95 -16.47 -7.39 37.90
C LEU I 95 -17.87 -8.02 37.73
N ASP I 96 -18.94 -7.21 37.72
CA ASP I 96 -20.32 -7.76 37.57
C ASP I 96 -20.44 -8.54 36.25
N ALA I 97 -19.83 -8.01 35.19
CA ALA I 97 -19.91 -8.66 33.89
C ALA I 97 -19.23 -10.05 33.90
N PHE I 98 -18.12 -10.19 34.59
CA PHE I 98 -17.38 -11.49 34.64
C PHE I 98 -18.08 -12.50 35.56
N LYS I 99 -18.75 -11.99 36.59
CA LYS I 99 -19.62 -12.86 37.41
C LYS I 99 -20.79 -13.42 36.60
N VAL I 100 -21.39 -12.62 35.72
CA VAL I 100 -22.41 -13.11 34.77
C VAL I 100 -21.79 -14.18 33.87
N ALA I 101 -20.58 -13.90 33.38
CA ALA I 101 -19.89 -14.80 32.47
C ALA I 101 -19.61 -16.14 33.14
N LEU I 102 -19.23 -16.11 34.42
CA LEU I 102 -18.95 -17.33 35.12
C LEU I 102 -20.25 -18.15 35.23
N GLU I 103 -21.35 -17.51 35.61
CA GLU I 103 -22.63 -18.25 35.70
C GLU I 103 -23.03 -18.81 34.31
N LEU I 104 -22.91 -18.01 33.26
CA LEU I 104 -23.29 -18.44 31.92
C LEU I 104 -22.42 -19.62 31.44
N GLU I 105 -21.10 -19.55 31.69
CA GLU I 105 -20.15 -20.61 31.30
C GLU I 105 -20.44 -21.91 32.05
N LYS I 106 -20.82 -21.81 33.33
CA LYS I 106 -21.04 -23.02 34.12
C LYS I 106 -22.37 -23.68 33.69
N LYS I 107 -23.33 -22.85 33.28
CA LYS I 107 -24.64 -23.30 32.74
C LYS I 107 -24.43 -24.04 31.41
N VAL I 108 -23.61 -23.47 30.52
CA VAL I 108 -23.29 -24.11 29.22
C VAL I 108 -22.56 -25.43 29.49
N ASN I 109 -21.65 -25.41 30.47
CA ASN I 109 -20.81 -26.58 30.79
C ASN I 109 -21.68 -27.75 31.27
N GLN I 110 -22.64 -27.45 32.16
CA GLN I 110 -23.54 -28.50 32.70
C GLN I 110 -24.39 -29.09 31.54
N SER I 111 -24.87 -28.22 30.66
CA SER I 111 -25.62 -28.65 29.46
C SER I 111 -24.75 -29.57 28.59
N LEU I 112 -23.46 -29.26 28.44
CA LEU I 112 -22.53 -30.11 27.64
C LEU I 112 -22.28 -31.43 28.35
N LEU I 113 -22.13 -31.37 29.68
CA LEU I 113 -21.93 -32.58 30.49
C LEU I 113 -23.19 -33.47 30.39
N ASP I 114 -24.38 -32.85 30.41
CA ASP I 114 -25.60 -33.60 30.29
C ASP I 114 -25.63 -34.25 28.90
N LEU I 115 -25.25 -33.48 27.87
CA LEU I 115 -25.26 -33.94 26.47
C LEU I 115 -24.27 -35.11 26.32
N HIS I 116 -23.11 -35.03 26.95
CA HIS I 116 -22.12 -36.10 26.92
C HIS I 116 -22.70 -37.38 27.55
N GLY I 117 -23.38 -37.22 28.69
CA GLY I 117 -24.01 -38.33 29.40
C GLY I 117 -25.06 -39.00 28.52
N LEU I 118 -25.81 -38.20 27.74
CA LEU I 118 -26.85 -38.73 26.86
C LEU I 118 -26.18 -39.58 25.77
N ALA I 119 -25.09 -39.05 25.21
CA ALA I 119 -24.30 -39.74 24.17
C ALA I 119 -23.84 -41.12 24.68
N ASP I 120 -23.27 -41.14 25.89
CA ASP I 120 -22.76 -42.36 26.51
C ASP I 120 -23.90 -43.34 26.80
N SER I 121 -25.07 -42.84 27.22
CA SER I 121 -26.22 -43.72 27.49
C SER I 121 -26.70 -44.39 26.18
N LYS I 122 -26.48 -43.73 25.02
CA LYS I 122 -26.84 -44.33 23.74
C LYS I 122 -25.65 -45.01 23.05
N LYS I 123 -24.50 -45.12 23.75
CA LYS I 123 -23.29 -45.74 23.25
C LYS I 123 -22.89 -45.07 21.93
N ASP I 124 -23.01 -43.72 21.88
CA ASP I 124 -22.54 -42.95 20.74
C ASP I 124 -21.11 -42.50 21.02
N ALA I 125 -20.18 -43.37 20.68
CA ALA I 125 -18.78 -43.21 21.03
C ALA I 125 -18.18 -41.99 20.29
N GLN I 126 -18.54 -41.81 19.02
CA GLN I 126 -17.95 -40.72 18.29
C GLN I 126 -18.44 -39.39 18.86
N MET I 127 -19.70 -39.34 19.29
CA MET I 127 -20.27 -38.10 19.79
C MET I 127 -19.63 -37.76 21.14
N CYS I 128 -19.43 -38.76 22.01
CA CYS I 128 -18.69 -38.60 23.25
C CYS I 128 -17.34 -37.97 22.94
N ALA I 129 -16.62 -38.54 21.95
CA ALA I 129 -15.26 -38.09 21.63
C ALA I 129 -15.28 -36.68 21.07
N PHE I 130 -16.29 -36.38 20.27
CA PHE I 130 -16.46 -35.03 19.71
C PHE I 130 -16.59 -34.00 20.85
N ILE I 131 -17.45 -34.30 21.81
CA ILE I 131 -17.79 -33.35 22.88
C ILE I 131 -16.56 -33.18 23.78
N ALA I 132 -15.89 -34.29 24.14
CA ALA I 132 -14.66 -34.27 24.94
C ALA I 132 -13.58 -33.42 24.25
N THR I 133 -13.33 -33.71 22.97
CA THR I 133 -12.28 -33.11 22.18
C THR I 133 -12.51 -31.60 21.98
N HIS I 134 -13.73 -31.19 21.64
CA HIS I 134 -13.90 -29.81 21.19
C HIS I 134 -14.54 -28.92 22.25
N TYR I 135 -15.25 -29.50 23.22
CA TYR I 135 -16.07 -28.69 24.17
C TYR I 135 -15.60 -28.84 25.63
N LEU I 136 -15.33 -30.06 26.11
CA LEU I 136 -15.25 -30.19 27.56
C LEU I 136 -14.02 -29.49 28.13
N THR I 137 -12.85 -29.62 27.47
CA THR I 137 -11.67 -28.92 27.93
C THR I 137 -11.75 -27.40 27.66
N GLU I 138 -12.27 -26.90 26.50
CA GLU I 138 -12.36 -25.41 26.29
C GLU I 138 -13.19 -24.90 27.44
N GLN I 139 -14.23 -25.65 27.87
CA GLN I 139 -15.17 -25.10 28.88
C GLN I 139 -14.44 -24.98 30.22
N VAL I 140 -13.71 -26.04 30.59
CA VAL I 140 -12.90 -26.00 31.82
C VAL I 140 -11.89 -24.85 31.75
N GLU I 141 -11.21 -24.63 30.61
CA GLU I 141 -10.24 -23.53 30.49
C GLU I 141 -10.96 -22.17 30.55
N ALA I 142 -12.14 -22.08 29.94
CA ALA I 142 -12.90 -20.77 29.91
C ALA I 142 -13.33 -20.41 31.36
N ILE I 143 -13.75 -21.43 32.13
CA ILE I 143 -14.23 -21.20 33.50
C ILE I 143 -13.04 -20.78 34.39
N LYS I 144 -11.88 -21.41 34.21
CA LYS I 144 -10.68 -21.06 34.98
C LYS I 144 -10.25 -19.63 34.65
N GLU I 145 -10.23 -19.31 33.36
CA GLU I 145 -9.84 -18.02 32.94
C GLU I 145 -10.77 -16.97 33.59
N ILE I 146 -12.08 -17.23 33.62
CA ILE I 146 -13.04 -16.23 34.18
C ILE I 146 -12.91 -16.11 35.71
N GLY I 147 -12.70 -17.23 36.40
CA GLY I 147 -12.42 -17.24 37.79
C GLY I 147 -11.21 -16.38 38.13
N ASP I 148 -10.11 -16.54 37.38
CA ASP I 148 -8.91 -15.70 37.55
C ASP I 148 -9.25 -14.21 37.33
N HIS I 149 -10.08 -13.91 36.32
CA HIS I 149 -10.47 -12.51 36.07
C HIS I 149 -11.22 -11.94 37.29
N ILE I 150 -12.15 -12.73 37.82
CA ILE I 150 -12.97 -12.30 38.95
C ILE I 150 -12.04 -12.01 40.14
N THR I 151 -11.16 -12.96 40.46
CA THR I 151 -10.21 -12.79 41.53
C THR I 151 -9.42 -11.48 41.36
N ASN I 152 -8.96 -11.21 40.15
CA ASN I 152 -8.09 -10.06 39.90
C ASN I 152 -8.90 -8.76 39.97
N LEU I 153 -10.16 -8.81 39.54
CA LEU I 153 -10.96 -7.62 39.52
C LEU I 153 -11.37 -7.25 40.96
N LYS I 154 -11.45 -8.26 41.83
CA LYS I 154 -11.74 -8.04 43.22
C LYS I 154 -10.49 -7.41 43.87
N ARG I 155 -9.31 -7.89 43.46
CA ARG I 155 -8.01 -7.42 43.98
C ARG I 155 -7.79 -5.92 43.66
N VAL I 156 -8.09 -5.52 42.43
CA VAL I 156 -7.70 -4.22 41.95
C VAL I 156 -8.65 -3.14 42.45
N GLY I 157 -9.90 -3.49 42.81
CA GLY I 157 -10.92 -2.56 43.35
C GLY I 157 -11.56 -1.72 42.25
N THR I 158 -12.34 -0.68 42.61
CA THR I 158 -13.41 -0.19 41.75
C THR I 158 -13.06 0.87 40.69
N GLY I 159 -12.11 1.76 40.94
CA GLY I 159 -11.97 2.97 40.03
C GLY I 159 -10.72 2.88 39.14
N LEU I 160 -9.58 3.40 39.64
CA LEU I 160 -8.29 3.27 38.94
C LEU I 160 -7.97 1.81 38.59
N GLY I 161 -8.15 0.88 39.54
CA GLY I 161 -7.84 -0.54 39.32
C GLY I 161 -8.58 -1.12 38.11
N GLU I 162 -9.86 -0.76 37.98
CA GLU I 162 -10.72 -1.22 36.88
C GLU I 162 -10.20 -0.64 35.55
N PHE I 163 -9.79 0.63 35.54
CA PHE I 163 -9.18 1.20 34.34
C PHE I 163 -7.93 0.41 33.93
N ILE I 164 -7.05 0.14 34.91
CA ILE I 164 -5.79 -0.49 34.65
C ILE I 164 -6.01 -1.91 34.11
N TYR I 165 -6.88 -2.66 34.80
CA TYR I 165 -7.13 -4.06 34.45
C TYR I 165 -7.70 -4.13 33.02
N ASP I 166 -8.63 -3.22 32.71
CA ASP I 166 -9.24 -3.11 31.43
C ASP I 166 -8.17 -2.93 30.36
N LYS I 167 -7.27 -1.98 30.59
CA LYS I 167 -6.14 -1.66 29.68
C LYS I 167 -5.15 -2.83 29.53
N GLU I 168 -4.69 -3.37 30.65
CA GLU I 168 -3.53 -4.25 30.67
C GLU I 168 -3.90 -5.71 30.38
N ASN I 169 -5.07 -6.17 30.82
CA ASN I 169 -5.35 -7.59 30.88
C ASN I 169 -6.48 -7.99 29.94
N LEU I 170 -7.25 -7.01 29.46
CA LEU I 170 -8.30 -7.31 28.50
C LEU I 170 -7.91 -6.72 27.13
N LYS I 171 -7.47 -5.45 27.08
CA LYS I 171 -7.23 -4.68 25.81
C LYS I 171 -5.95 -5.19 25.15
N GLU I 172 -4.80 -4.80 25.73
CA GLU I 172 -3.48 -5.19 25.24
C GLU I 172 -3.49 -6.70 25.05
N ASP I 173 -4.14 -7.39 25.99
CA ASP I 173 -4.29 -8.82 26.01
C ASP I 173 -5.67 -9.18 25.44
N GLN J 2 -19.52 41.97 -11.24
CA GLN J 2 -20.45 40.82 -11.10
C GLN J 2 -19.85 39.76 -10.18
N PRO J 3 -20.45 38.54 -10.14
CA PRO J 3 -19.97 37.48 -9.25
C PRO J 3 -18.74 36.75 -9.82
N SER J 4 -18.07 35.95 -8.97
CA SER J 4 -16.98 35.11 -9.44
C SER J 4 -17.43 34.22 -10.62
N GLN J 5 -16.52 33.96 -11.55
CA GLN J 5 -16.77 33.12 -12.74
C GLN J 5 -17.12 31.68 -12.34
N VAL J 6 -16.80 31.24 -11.11
CA VAL J 6 -17.09 29.85 -10.75
C VAL J 6 -18.41 29.76 -9.96
N ARG J 7 -18.96 30.89 -9.54
CA ARG J 7 -20.05 30.84 -8.55
C ARG J 7 -21.32 30.29 -9.24
N GLN J 8 -21.89 29.25 -8.64
CA GLN J 8 -23.15 28.64 -9.11
C GLN J 8 -23.89 28.03 -7.91
N ASN J 9 -25.14 28.45 -7.71
CA ASN J 9 -25.99 27.87 -6.66
C ASN J 9 -25.37 28.07 -5.28
N PHE J 10 -24.68 29.21 -5.09
CA PHE J 10 -24.04 29.53 -3.83
C PHE J 10 -24.58 30.86 -3.27
N HIS J 11 -25.35 30.78 -2.22
CA HIS J 11 -26.08 31.93 -1.69
C HIS J 11 -25.16 32.76 -0.77
N GLU J 12 -25.33 34.09 -0.82
CA GLU J 12 -24.58 35.02 0.04
C GLU J 12 -24.73 34.68 1.54
N LEU J 13 -25.87 34.17 2.00
CA LEU J 13 -26.01 33.76 3.42
C LEU J 13 -25.18 32.51 3.74
N CYS J 14 -25.00 31.66 2.74
CA CYS J 14 -24.19 30.44 2.93
C CYS J 14 -22.72 30.85 2.99
N GLU J 15 -22.33 31.79 2.10
CA GLU J 15 -21.00 32.43 2.13
C GLU J 15 -20.72 32.97 3.53
N ALA J 16 -21.68 33.73 4.07
CA ALA J 16 -21.57 34.36 5.40
C ALA J 16 -21.41 33.26 6.47
N GLY J 17 -22.24 32.23 6.36
CA GLY J 17 -22.19 31.07 7.26
C GLY J 17 -20.79 30.47 7.33
N VAL J 18 -20.17 30.27 6.16
CA VAL J 18 -18.82 29.62 6.08
C VAL J 18 -17.79 30.51 6.80
N ASN J 19 -17.88 31.83 6.56
CA ASN J 19 -16.99 32.78 7.23
C ASN J 19 -17.14 32.73 8.76
N LYS J 20 -18.38 32.63 9.27
CA LYS J 20 -18.64 32.50 10.71
C LYS J 20 -18.04 31.18 11.24
N GLN J 21 -18.15 30.11 10.46
CA GLN J 21 -17.59 28.77 10.87
C GLN J 21 -16.04 28.80 10.88
N ILE J 22 -15.43 29.46 9.89
CA ILE J 22 -13.98 29.61 9.86
C ILE J 22 -13.52 30.25 11.19
N ASN J 23 -14.13 31.39 11.59
CA ASN J 23 -13.76 32.10 12.82
C ASN J 23 -13.91 31.14 14.03
N LEU J 24 -15.02 30.42 14.07
CA LEU J 24 -15.29 29.50 15.19
C LEU J 24 -14.21 28.42 15.25
N GLU J 25 -13.83 27.86 14.10
CA GLU J 25 -12.78 26.81 14.06
C GLU J 25 -11.46 27.38 14.59
N LEU J 26 -11.10 28.58 14.17
CA LEU J 26 -9.85 29.23 14.63
C LEU J 26 -9.92 29.48 16.14
N TYR J 27 -11.09 29.92 16.61
CA TYR J 27 -11.33 30.13 18.06
C TYR J 27 -11.05 28.84 18.82
N ALA J 28 -11.62 27.73 18.35
CA ALA J 28 -11.44 26.40 18.96
C ALA J 28 -9.94 26.04 18.95
N SER J 29 -9.29 26.28 17.83
CA SER J 29 -7.86 25.99 17.71
C SER J 29 -7.07 26.71 18.81
N TYR J 30 -7.33 28.02 18.95
CA TYR J 30 -6.63 28.87 19.91
C TYR J 30 -6.92 28.40 21.35
N THR J 31 -8.16 28.00 21.64
CA THR J 31 -8.49 27.47 22.95
C THR J 31 -7.67 26.20 23.25
N TYR J 32 -7.58 25.29 22.29
CA TYR J 32 -6.85 24.04 22.54
C TYR J 32 -5.36 24.36 22.74
N HIS J 33 -4.86 25.40 22.07
CA HIS J 33 -3.47 25.82 22.15
C HIS J 33 -3.15 26.25 23.60
N SER J 34 -4.03 27.11 24.14
CA SER J 34 -3.95 27.59 25.51
C SER J 34 -3.94 26.40 26.45
N ILE J 35 -4.92 25.49 26.33
CA ILE J 35 -4.98 24.29 27.19
C ILE J 35 -3.67 23.49 27.10
N ALA J 36 -3.17 23.34 25.87
CA ALA J 36 -1.97 22.57 25.61
C ALA J 36 -0.81 23.11 26.45
N PHE J 37 -0.60 24.42 26.38
CA PHE J 37 0.53 25.03 27.05
C PHE J 37 0.27 25.14 28.56
N TYR J 38 -0.98 25.15 29.00
CA TYR J 38 -1.27 25.08 30.41
C TYR J 38 -0.69 23.77 31.00
N PHE J 39 -0.82 22.64 30.29
CA PHE J 39 -0.39 21.32 30.83
C PHE J 39 1.13 21.16 30.79
N ASP J 40 1.81 22.08 30.10
CA ASP J 40 3.26 22.15 30.02
C ASP J 40 3.85 22.97 31.19
N ARG J 41 3.02 23.61 32.02
CA ARG J 41 3.55 24.43 33.15
C ARG J 41 4.30 23.50 34.11
N ASP J 42 5.36 23.98 34.75
CA ASP J 42 6.12 23.19 35.70
C ASP J 42 5.24 22.72 36.88
N ASP J 43 4.15 23.45 37.19
CA ASP J 43 3.30 23.15 38.31
C ASP J 43 2.07 22.38 37.83
N VAL J 44 2.05 21.90 36.58
CA VAL J 44 0.93 21.05 36.09
C VAL J 44 1.58 19.75 35.57
N ALA J 45 2.49 19.92 34.60
CA ALA J 45 3.43 18.90 34.13
C ALA J 45 2.69 17.60 33.76
N LEU J 46 1.75 17.72 32.82
CA LEU J 46 1.09 16.53 32.27
C LEU J 46 1.44 16.42 30.79
N PRO J 47 2.52 15.68 30.43
CA PRO J 47 3.03 15.72 29.06
C PRO J 47 2.08 15.11 28.00
N GLY J 48 1.30 14.09 28.38
CA GLY J 48 0.32 13.51 27.45
C GLY J 48 -0.73 14.51 26.97
N ALA J 49 -1.33 15.22 27.94
CA ALA J 49 -2.34 16.21 27.67
C ALA J 49 -1.73 17.37 26.88
N HIS J 50 -0.50 17.76 27.21
CA HIS J 50 0.18 18.79 26.42
C HIS J 50 0.24 18.37 24.95
N LYS J 51 0.60 17.12 24.69
CA LYS J 51 0.77 16.62 23.31
C LYS J 51 -0.61 16.49 22.67
N TYR J 52 -1.57 15.94 23.45
CA TYR J 52 -2.93 15.71 22.96
C TYR J 52 -3.59 17.04 22.55
N PHE J 53 -3.53 18.07 23.40
CA PHE J 53 -4.25 19.35 23.07
C PHE J 53 -3.52 20.15 21.99
N LYS J 54 -2.19 20.01 21.91
CA LYS J 54 -1.42 20.57 20.77
C LYS J 54 -1.95 20.00 19.44
N LYS J 55 -2.10 18.66 19.39
CA LYS J 55 -2.63 17.96 18.22
C LYS J 55 -4.08 18.38 17.95
N GLN J 56 -4.90 18.50 18.99
CA GLN J 56 -6.27 19.01 18.78
C GLN J 56 -6.22 20.45 18.19
N SER J 57 -5.34 21.31 18.70
CA SER J 57 -5.21 22.71 18.21
C SER J 57 -4.92 22.74 16.70
N GLU J 58 -3.98 21.90 16.29
CA GLU J 58 -3.53 21.75 14.92
C GLU J 58 -4.69 21.28 14.03
N GLU J 59 -5.45 20.26 14.48
CA GLU J 59 -6.56 19.76 13.65
C GLU J 59 -7.68 20.81 13.46
N GLU J 60 -7.92 21.58 14.43
CA GLU J 60 -8.96 22.62 14.32
C GLU J 60 -8.56 23.67 13.28
N ARG J 61 -7.32 24.02 13.29
CA ARG J 61 -6.73 24.91 12.26
C ARG J 61 -6.94 24.27 10.88
N GLU J 62 -6.78 22.94 10.78
CA GLU J 62 -7.01 22.23 9.50
C GLU J 62 -8.49 22.34 9.14
N HIS J 63 -9.37 22.19 10.11
CA HIS J 63 -10.84 22.36 9.91
C HIS J 63 -11.11 23.76 9.32
N ALA J 64 -10.45 24.78 9.83
CA ALA J 64 -10.58 26.16 9.33
C ALA J 64 -10.10 26.27 7.89
N GLU J 65 -8.96 25.64 7.57
CA GLU J 65 -8.35 25.73 6.26
C GLU J 65 -9.24 25.06 5.20
N LYS J 66 -9.86 23.95 5.57
CA LYS J 66 -10.75 23.26 4.61
C LYS J 66 -11.97 24.13 4.26
N LEU J 67 -12.49 24.91 5.20
CA LEU J 67 -13.63 25.79 4.95
C LEU J 67 -13.17 26.99 4.11
N MET J 68 -11.95 27.50 4.34
CA MET J 68 -11.44 28.59 3.49
C MET J 68 -11.28 28.05 2.06
N LYS J 69 -10.84 26.80 1.97
CA LYS J 69 -10.63 26.21 0.66
C LYS J 69 -11.97 26.04 -0.06
N PHE J 70 -12.96 25.57 0.69
CA PHE J 70 -14.35 25.41 0.24
C PHE J 70 -14.93 26.76 -0.19
N GLN J 71 -14.73 27.80 0.64
CA GLN J 71 -15.19 29.19 0.28
C GLN J 71 -14.68 29.56 -1.12
N ASN J 72 -13.38 29.35 -1.37
CA ASN J 72 -12.78 29.71 -2.68
C ASN J 72 -13.28 28.78 -3.81
N GLN J 73 -13.41 27.46 -3.55
CA GLN J 73 -13.98 26.54 -4.54
C GLN J 73 -15.33 27.05 -5.07
N ARG J 74 -16.18 27.58 -4.18
CA ARG J 74 -17.59 27.91 -4.54
C ARG J 74 -17.68 29.35 -5.07
N GLY J 75 -16.58 30.10 -4.95
CA GLY J 75 -16.52 31.47 -5.50
C GLY J 75 -16.94 32.51 -4.46
N GLY J 76 -17.06 32.10 -3.21
CA GLY J 76 -17.20 33.05 -2.12
C GLY J 76 -15.84 33.65 -1.74
N ARG J 77 -15.89 34.59 -0.78
CA ARG J 77 -14.75 35.39 -0.41
C ARG J 77 -14.59 35.29 1.11
N VAL J 78 -13.38 34.88 1.52
CA VAL J 78 -13.03 34.70 2.88
C VAL J 78 -12.95 36.08 3.53
N LYS J 79 -13.61 36.22 4.69
CA LYS J 79 -13.64 37.46 5.48
C LYS J 79 -13.25 37.10 6.90
N LEU J 80 -12.05 37.47 7.31
CA LEU J 80 -11.52 37.08 8.61
C LEU J 80 -11.82 38.15 9.66
N LYS J 81 -12.10 37.68 10.87
CA LYS J 81 -12.37 38.51 12.02
C LYS J 81 -11.29 38.20 13.06
N ASP J 82 -11.19 39.00 14.11
CA ASP J 82 -10.28 38.76 15.21
C ASP J 82 -10.56 37.35 15.75
N ILE J 83 -9.52 36.69 16.26
CA ILE J 83 -9.70 35.44 16.98
C ILE J 83 -9.67 35.76 18.48
N THR J 84 -10.83 35.59 19.12
CA THR J 84 -11.03 35.96 20.52
C THR J 84 -10.18 35.05 21.39
N ALA J 85 -9.44 35.65 22.32
CA ALA J 85 -8.67 34.91 23.27
C ALA J 85 -9.55 33.87 23.98
N PRO J 86 -8.94 32.76 24.43
CA PRO J 86 -9.67 31.72 25.15
C PRO J 86 -10.27 32.28 26.45
N GLU J 87 -11.33 31.65 26.96
CA GLU J 87 -12.12 32.20 28.08
C GLU J 87 -11.34 32.15 29.39
N LYS J 88 -10.38 31.22 29.55
CA LYS J 88 -9.62 31.10 30.82
C LYS J 88 -8.11 31.15 30.54
N GLU J 89 -7.36 31.49 31.58
CA GLU J 89 -5.89 31.46 31.60
C GLU J 89 -5.45 30.08 32.12
N GLU J 90 -6.23 29.53 33.06
CA GLU J 90 -5.91 28.30 33.73
C GLU J 90 -7.12 27.35 33.71
N TRP J 91 -6.85 26.07 33.49
CA TRP J 91 -7.84 25.14 33.00
C TRP J 91 -8.15 24.06 34.03
N GLY J 92 -7.50 24.14 35.19
CA GLY J 92 -7.71 23.26 36.29
C GLY J 92 -7.16 21.87 36.03
N SER J 93 -7.98 20.86 36.29
CA SER J 93 -7.56 19.42 36.19
C SER J 93 -7.74 18.92 34.74
N LEU J 94 -7.24 17.71 34.50
CA LEU J 94 -7.45 16.98 33.27
C LEU J 94 -8.97 16.85 33.03
N LEU J 95 -9.72 16.43 34.04
CA LEU J 95 -11.19 16.35 33.94
C LEU J 95 -11.82 17.70 33.57
N ASP J 96 -11.41 18.78 34.24
CA ASP J 96 -11.97 20.13 33.95
C ASP J 96 -11.74 20.52 32.49
N ALA J 97 -10.55 20.19 31.98
CA ALA J 97 -10.17 20.55 30.61
C ALA J 97 -11.04 19.81 29.58
N PHE J 98 -11.24 18.51 29.79
CA PHE J 98 -12.11 17.72 28.89
C PHE J 98 -13.58 18.15 29.04
N LYS J 99 -14.01 18.64 30.21
CA LYS J 99 -15.38 19.22 30.35
C LYS J 99 -15.53 20.48 29.48
N VAL J 100 -14.52 21.36 29.49
CA VAL J 100 -14.48 22.54 28.58
C VAL J 100 -14.52 22.07 27.12
N ALA J 101 -13.77 20.99 26.81
CA ALA J 101 -13.66 20.49 25.45
C ALA J 101 -15.03 20.00 24.96
N LEU J 102 -15.74 19.24 25.80
CA LEU J 102 -17.11 18.77 25.43
C LEU J 102 -18.01 19.96 25.11
N GLU J 103 -18.06 20.94 26.03
CA GLU J 103 -18.84 22.17 25.81
C GLU J 103 -18.48 22.79 24.45
N LEU J 104 -17.19 22.94 24.20
CA LEU J 104 -16.73 23.58 22.97
C LEU J 104 -17.15 22.73 21.75
N GLU J 105 -16.94 21.42 21.82
CA GLU J 105 -17.22 20.54 20.67
C GLU J 105 -18.72 20.56 20.36
N LYS J 106 -19.57 20.66 21.40
CA LYS J 106 -21.03 20.65 21.18
C LYS J 106 -21.50 21.98 20.57
N LYS J 107 -20.86 23.08 20.94
CA LYS J 107 -21.16 24.38 20.44
C LYS J 107 -20.82 24.44 18.94
N VAL J 108 -19.66 23.88 18.59
CA VAL J 108 -19.24 23.88 17.22
C VAL J 108 -20.17 22.98 16.40
N ASN J 109 -20.60 21.87 17.00
CA ASN J 109 -21.50 20.94 16.31
C ASN J 109 -22.83 21.63 15.97
N GLN J 110 -23.41 22.35 16.94
CA GLN J 110 -24.66 23.08 16.75
C GLN J 110 -24.49 24.12 15.63
N SER J 111 -23.32 24.75 15.56
CA SER J 111 -23.08 25.77 14.52
C SER J 111 -23.00 25.07 13.15
N LEU J 112 -22.42 23.86 13.08
CA LEU J 112 -22.36 23.07 11.83
C LEU J 112 -23.76 22.54 11.43
N LEU J 113 -24.55 22.12 12.43
CA LEU J 113 -25.95 21.70 12.16
C LEU J 113 -26.78 22.89 11.65
N ASP J 114 -26.58 24.08 12.25
CA ASP J 114 -27.24 25.33 11.74
C ASP J 114 -26.75 25.63 10.31
N LEU J 115 -25.43 25.54 10.06
CA LEU J 115 -24.89 25.79 8.73
C LEU J 115 -25.48 24.82 7.71
N HIS J 116 -25.61 23.55 8.10
CA HIS J 116 -26.17 22.53 7.24
C HIS J 116 -27.65 22.84 6.92
N GLY J 117 -28.40 23.18 7.96
CA GLY J 117 -29.80 23.62 7.80
C GLY J 117 -29.93 24.78 6.82
N LEU J 118 -29.03 25.75 6.94
CA LEU J 118 -28.98 26.91 6.02
C LEU J 118 -28.76 26.44 4.58
N ALA J 119 -27.75 25.57 4.37
CA ALA J 119 -27.45 25.00 3.04
C ALA J 119 -28.70 24.34 2.46
N ASP J 120 -29.35 23.48 3.24
CA ASP J 120 -30.55 22.77 2.77
C ASP J 120 -31.67 23.76 2.43
N SER J 121 -31.84 24.79 3.24
CA SER J 121 -32.86 25.81 3.04
C SER J 121 -32.64 26.51 1.69
N LYS J 122 -31.39 26.63 1.21
CA LYS J 122 -31.10 27.28 -0.08
C LYS J 122 -30.89 26.26 -1.20
N LYS J 123 -31.19 24.98 -0.91
CA LYS J 123 -31.05 23.88 -1.88
C LYS J 123 -29.60 23.74 -2.37
N ASP J 124 -28.63 23.98 -1.48
CA ASP J 124 -27.23 23.87 -1.85
C ASP J 124 -26.80 22.44 -1.55
N ALA J 125 -27.03 21.55 -2.52
CA ALA J 125 -26.76 20.13 -2.36
C ALA J 125 -25.26 19.89 -2.14
N GLN J 126 -24.40 20.58 -2.92
CA GLN J 126 -22.89 20.49 -2.83
C GLN J 126 -22.52 20.74 -1.38
N MET J 127 -23.03 21.85 -0.86
CA MET J 127 -22.63 22.29 0.48
C MET J 127 -23.12 21.33 1.57
N CYS J 128 -24.38 20.88 1.50
CA CYS J 128 -24.89 19.77 2.39
C CYS J 128 -23.87 18.63 2.44
N ALA J 129 -23.50 18.13 1.25
CA ALA J 129 -22.66 16.95 1.08
C ALA J 129 -21.27 17.24 1.65
N PHE J 130 -20.74 18.44 1.38
CA PHE J 130 -19.49 18.86 1.93
C PHE J 130 -19.52 18.77 3.46
N ILE J 131 -20.53 19.41 4.06
CA ILE J 131 -20.57 19.51 5.50
C ILE J 131 -20.71 18.10 6.13
N ALA J 132 -21.58 17.28 5.56
CA ALA J 132 -21.88 15.92 6.09
C ALA J 132 -20.65 15.01 5.91
N THR J 133 -19.96 15.11 4.77
CA THR J 133 -18.76 14.31 4.47
C THR J 133 -17.59 14.65 5.40
N HIS J 134 -17.32 15.94 5.62
CA HIS J 134 -16.08 16.30 6.31
C HIS J 134 -16.33 16.72 7.75
N TYR J 135 -17.57 17.11 8.12
CA TYR J 135 -17.74 17.77 9.39
C TYR J 135 -18.66 16.97 10.32
N LEU J 136 -19.84 16.55 9.86
CA LEU J 136 -20.86 16.13 10.83
C LEU J 136 -20.42 14.84 11.52
N THR J 137 -19.84 13.89 10.78
CA THR J 137 -19.39 12.67 11.43
C THR J 137 -18.11 12.89 12.28
N GLU J 138 -17.08 13.66 11.86
CA GLU J 138 -15.84 13.91 12.77
C GLU J 138 -16.38 14.48 14.08
N GLN J 139 -17.41 15.31 14.02
CA GLN J 139 -17.87 16.07 15.19
C GLN J 139 -18.54 15.10 16.18
N VAL J 140 -19.36 14.20 15.66
CA VAL J 140 -19.98 13.12 16.48
C VAL J 140 -18.90 12.23 17.09
N GLU J 141 -17.90 11.82 16.28
CA GLU J 141 -16.81 11.01 16.78
C GLU J 141 -16.00 11.77 17.85
N ALA J 142 -15.78 13.08 17.65
CA ALA J 142 -15.02 13.88 18.61
C ALA J 142 -15.76 14.00 19.96
N ILE J 143 -17.08 14.17 19.91
CA ILE J 143 -17.87 14.30 21.09
C ILE J 143 -17.88 12.97 21.85
N LYS J 144 -17.99 11.85 21.11
CA LYS J 144 -17.98 10.52 21.74
C LYS J 144 -16.63 10.24 22.44
N GLU J 145 -15.54 10.50 21.75
CA GLU J 145 -14.22 10.41 22.29
C GLU J 145 -14.11 11.24 23.59
N ILE J 146 -14.60 12.48 23.59
CA ILE J 146 -14.42 13.38 24.79
C ILE J 146 -15.28 12.85 25.95
N GLY J 147 -16.50 12.40 25.62
CA GLY J 147 -17.39 11.74 26.57
C GLY J 147 -16.70 10.57 27.27
N ASP J 148 -16.05 9.70 26.49
CA ASP J 148 -15.33 8.54 27.05
C ASP J 148 -14.14 9.00 27.92
N HIS J 149 -13.44 10.06 27.52
CA HIS J 149 -12.35 10.65 28.34
C HIS J 149 -12.88 11.09 29.70
N ILE J 150 -13.98 11.86 29.71
CA ILE J 150 -14.65 12.36 30.94
C ILE J 150 -15.00 11.15 31.84
N THR J 151 -15.68 10.14 31.30
CA THR J 151 -16.04 8.98 32.11
C THR J 151 -14.82 8.31 32.75
N ASN J 152 -13.74 8.17 31.98
CA ASN J 152 -12.55 7.50 32.46
C ASN J 152 -11.78 8.34 33.51
N LEU J 153 -11.76 9.64 33.32
CA LEU J 153 -11.10 10.54 34.25
C LEU J 153 -11.86 10.57 35.61
N LYS J 154 -13.17 10.40 35.58
CA LYS J 154 -13.97 10.28 36.80
C LYS J 154 -13.69 8.92 37.44
N ARG J 155 -13.55 7.88 36.62
CA ARG J 155 -13.22 6.57 37.13
C ARG J 155 -11.85 6.56 37.82
N VAL J 156 -10.84 6.99 37.09
CA VAL J 156 -9.48 7.00 37.69
C VAL J 156 -9.55 8.11 38.75
N GLY J 157 -8.66 8.14 39.72
CA GLY J 157 -8.86 9.24 40.68
C GLY J 157 -8.24 10.57 40.27
N THR J 158 -8.13 11.44 41.25
CA THR J 158 -7.19 12.58 41.11
C THR J 158 -5.83 12.02 41.60
N GLY J 159 -4.73 12.68 41.30
CA GLY J 159 -3.47 12.13 41.78
C GLY J 159 -2.93 11.04 40.86
N LEU J 160 -2.62 9.89 41.43
CA LEU J 160 -2.04 8.75 40.68
C LEU J 160 -2.85 8.45 39.41
N GLY J 161 -4.17 8.40 39.50
CA GLY J 161 -5.02 8.10 38.34
C GLY J 161 -4.79 9.08 37.20
N GLU J 162 -4.64 10.38 37.51
CA GLU J 162 -4.43 11.40 36.46
C GLU J 162 -3.09 11.15 35.76
N PHE J 163 -2.07 10.83 36.53
CA PHE J 163 -0.74 10.54 35.95
C PHE J 163 -0.83 9.32 35.01
N ILE J 164 -1.50 8.28 35.46
CA ILE J 164 -1.59 7.03 34.70
C ILE J 164 -2.42 7.24 33.42
N TYR J 165 -3.56 7.92 33.54
CA TYR J 165 -4.42 8.19 32.38
C TYR J 165 -3.68 9.04 31.34
N ASP J 166 -2.95 10.05 31.81
CA ASP J 166 -2.17 10.95 30.98
C ASP J 166 -1.12 10.15 30.16
N LYS J 167 -0.45 9.23 30.83
CA LYS J 167 0.61 8.44 30.20
C LYS J 167 0.04 7.31 29.31
N GLU J 168 -1.03 6.66 29.77
CA GLU J 168 -1.61 5.45 29.10
C GLU J 168 -2.55 5.80 27.95
N ASN J 169 -3.33 6.89 28.09
CA ASN J 169 -4.36 7.18 27.16
C ASN J 169 -3.99 8.43 26.36
N LEU J 170 -3.43 9.49 26.96
CA LEU J 170 -3.24 10.74 26.16
C LEU J 170 -1.87 10.74 25.46
N LYS J 171 -0.84 10.18 26.11
CA LYS J 171 0.53 10.18 25.53
C LYS J 171 0.56 9.24 24.30
N GLU J 172 -0.39 8.29 24.21
CA GLU J 172 -0.66 7.47 22.99
C GLU J 172 -1.40 8.31 21.93
N GLN K 2 38.51 -49.49 49.16
CA GLN K 2 38.41 -49.45 47.67
C GLN K 2 38.05 -48.03 47.22
N PRO K 3 38.95 -47.02 47.39
CA PRO K 3 38.66 -45.65 46.97
C PRO K 3 38.45 -45.53 45.45
N SER K 4 37.68 -44.53 45.05
CA SER K 4 37.49 -44.24 43.66
C SER K 4 38.87 -43.99 43.05
N GLN K 5 39.03 -44.39 41.80
CA GLN K 5 40.26 -44.10 41.06
C GLN K 5 40.49 -42.57 40.93
N VAL K 6 39.47 -41.72 41.02
CA VAL K 6 39.67 -40.29 40.78
C VAL K 6 39.87 -39.53 42.10
N ARG K 7 39.56 -40.17 43.22
CA ARG K 7 39.49 -39.47 44.47
C ARG K 7 40.90 -39.04 44.86
N GLN K 8 41.04 -37.78 45.25
CA GLN K 8 42.27 -37.20 45.72
C GLN K 8 41.93 -35.92 46.47
N ASN K 9 42.36 -35.84 47.74
CA ASN K 9 42.21 -34.65 48.64
C ASN K 9 40.71 -34.34 48.91
N PHE K 10 39.89 -35.39 48.99
CA PHE K 10 38.43 -35.31 49.17
C PHE K 10 38.03 -36.11 50.41
N HIS K 11 37.76 -35.37 51.51
CA HIS K 11 37.43 -35.99 52.79
C HIS K 11 35.99 -36.55 52.81
N GLU K 12 35.84 -37.70 53.49
CA GLU K 12 34.56 -38.31 53.80
C GLU K 12 33.55 -37.30 54.40
N LEU K 13 33.98 -36.36 55.25
CA LEU K 13 33.02 -35.39 55.81
C LEU K 13 32.57 -34.42 54.71
N CYS K 14 33.47 -34.07 53.80
CA CYS K 14 33.13 -33.19 52.69
C CYS K 14 32.12 -33.89 51.76
N GLU K 15 32.34 -35.20 51.54
CA GLU K 15 31.44 -36.00 50.73
C GLU K 15 30.02 -35.96 51.35
N ALA K 16 29.94 -36.10 52.68
CA ALA K 16 28.67 -36.17 53.35
C ALA K 16 28.01 -34.79 53.30
N GLY K 17 28.81 -33.73 53.43
CA GLY K 17 28.34 -32.34 53.39
C GLY K 17 27.69 -32.00 52.04
N VAL K 18 28.29 -32.47 50.96
CA VAL K 18 27.72 -32.30 49.60
C VAL K 18 26.36 -32.99 49.54
N ASN K 19 26.26 -34.25 50.02
CA ASN K 19 24.99 -34.99 50.02
C ASN K 19 23.93 -34.26 50.84
N LYS K 20 24.33 -33.65 51.97
CA LYS K 20 23.38 -32.87 52.73
C LYS K 20 22.91 -31.64 51.94
N GLN K 21 23.86 -30.94 51.31
CA GLN K 21 23.49 -29.74 50.49
C GLN K 21 22.56 -30.13 49.31
N ILE K 22 22.77 -31.30 48.70
CA ILE K 22 21.96 -31.76 47.54
C ILE K 22 20.50 -31.86 47.99
N ASN K 23 20.28 -32.51 49.13
CA ASN K 23 18.94 -32.65 49.73
C ASN K 23 18.29 -31.29 50.02
N LEU K 24 19.07 -30.36 50.56
CA LEU K 24 18.62 -28.99 50.91
C LEU K 24 18.22 -28.27 49.62
N GLU K 25 19.01 -28.41 48.56
CA GLU K 25 18.70 -27.73 47.29
C GLU K 25 17.37 -28.30 46.75
N LEU K 26 17.22 -29.61 46.78
CA LEU K 26 15.99 -30.31 46.34
C LEU K 26 14.80 -29.84 47.16
N TYR K 27 14.99 -29.68 48.47
CA TYR K 27 13.94 -29.21 49.35
C TYR K 27 13.51 -27.80 48.95
N ALA K 28 14.47 -26.92 48.67
CA ALA K 28 14.13 -25.58 48.26
C ALA K 28 13.35 -25.60 46.94
N SER K 29 13.76 -26.44 45.99
CA SER K 29 13.07 -26.56 44.72
C SER K 29 11.59 -26.93 44.95
N TYR K 30 11.34 -27.91 45.83
CA TYR K 30 10.02 -28.41 46.11
C TYR K 30 9.18 -27.29 46.74
N THR K 31 9.76 -26.52 47.67
CA THR K 31 9.08 -25.42 48.29
C THR K 31 8.72 -24.35 47.23
N TYR K 32 9.63 -24.02 46.30
CA TYR K 32 9.28 -23.00 45.29
C TYR K 32 8.17 -23.55 44.37
N HIS K 33 8.17 -24.85 44.15
CA HIS K 33 7.19 -25.51 43.28
C HIS K 33 5.80 -25.34 43.88
N SER K 34 5.71 -25.61 45.19
CA SER K 34 4.47 -25.39 45.98
C SER K 34 4.00 -23.95 45.83
N ILE K 35 4.90 -22.98 46.05
CA ILE K 35 4.58 -21.58 46.02
C ILE K 35 4.09 -21.20 44.62
N ALA K 36 4.77 -21.70 43.60
CA ALA K 36 4.40 -21.42 42.22
C ALA K 36 2.96 -21.84 41.95
N PHE K 37 2.58 -23.05 42.40
CA PHE K 37 1.23 -23.54 42.06
C PHE K 37 0.14 -22.92 42.96
N TYR K 38 0.53 -22.40 44.13
CA TYR K 38 -0.37 -21.62 44.95
C TYR K 38 -0.83 -20.37 44.20
N PHE K 39 0.08 -19.68 43.51
CA PHE K 39 -0.24 -18.42 42.82
C PHE K 39 -1.01 -18.68 41.51
N ASP K 40 -1.13 -19.95 41.10
CA ASP K 40 -1.93 -20.39 39.91
C ASP K 40 -3.35 -20.77 40.33
N ARG K 41 -3.63 -20.83 41.64
CA ARG K 41 -5.00 -21.07 42.10
C ARG K 41 -5.94 -19.99 41.53
N ASP K 42 -7.17 -20.40 41.20
CA ASP K 42 -8.19 -19.47 40.68
C ASP K 42 -8.51 -18.34 41.68
N ASP K 43 -8.32 -18.61 42.98
CA ASP K 43 -8.67 -17.64 44.08
C ASP K 43 -7.43 -16.84 44.56
N VAL K 44 -6.32 -17.01 43.85
CA VAL K 44 -5.10 -16.26 44.08
C VAL K 44 -4.75 -15.55 42.77
N ALA K 45 -4.51 -16.33 41.71
CA ALA K 45 -4.42 -15.86 40.32
C ALA K 45 -3.43 -14.69 40.18
N LEU K 46 -2.16 -14.93 40.56
CA LEU K 46 -1.09 -13.99 40.25
C LEU K 46 -0.09 -14.61 39.29
N PRO K 47 -0.25 -14.42 37.96
CA PRO K 47 0.54 -15.16 36.97
C PRO K 47 2.04 -14.82 36.99
N GLY K 48 2.38 -13.56 37.29
CA GLY K 48 3.77 -13.17 37.46
C GLY K 48 4.47 -14.00 38.51
N ALA K 49 3.84 -14.12 39.66
CA ALA K 49 4.38 -14.91 40.77
C ALA K 49 4.45 -16.38 40.37
N HIS K 50 3.42 -16.92 39.72
CA HIS K 50 3.42 -18.29 39.25
C HIS K 50 4.68 -18.57 38.41
N LYS K 51 4.95 -17.71 37.41
CA LYS K 51 6.03 -17.88 36.48
C LYS K 51 7.36 -17.72 37.23
N TYR K 52 7.48 -16.67 38.06
CA TYR K 52 8.68 -16.40 38.85
C TYR K 52 9.09 -17.61 39.70
N PHE K 53 8.17 -18.15 40.51
CA PHE K 53 8.47 -19.24 41.42
C PHE K 53 8.66 -20.57 40.69
N LYS K 54 8.05 -20.81 39.52
CA LYS K 54 8.39 -22.04 38.73
C LYS K 54 9.86 -21.97 38.31
N LYS K 55 10.29 -20.77 37.92
CA LYS K 55 11.67 -20.57 37.44
C LYS K 55 12.62 -20.77 38.59
N GLN K 56 12.27 -20.22 39.77
CA GLN K 56 13.06 -20.42 40.97
C GLN K 56 13.14 -21.91 41.32
N SER K 57 12.03 -22.66 41.20
CA SER K 57 12.03 -24.09 41.44
C SER K 57 13.03 -24.81 40.51
N GLU K 58 12.95 -24.51 39.21
CA GLU K 58 13.83 -25.09 38.18
C GLU K 58 15.30 -24.77 38.49
N GLU K 59 15.61 -23.52 38.86
CA GLU K 59 16.98 -23.14 39.18
C GLU K 59 17.51 -23.91 40.41
N GLU K 60 16.71 -24.09 41.38
CA GLU K 60 17.16 -24.81 42.58
C GLU K 60 17.46 -26.28 42.23
N ARG K 61 16.68 -26.87 41.38
CA ARG K 61 16.94 -28.25 40.89
C ARG K 61 18.31 -28.28 40.19
N GLU K 62 18.63 -27.24 39.44
CA GLU K 62 19.94 -27.16 38.74
C GLU K 62 21.06 -27.06 39.77
N HIS K 63 20.85 -26.30 40.85
CA HIS K 63 21.84 -26.20 41.96
C HIS K 63 22.13 -27.59 42.51
N ALA K 64 21.09 -28.41 42.69
CA ALA K 64 21.22 -29.79 43.20
C ALA K 64 22.03 -30.62 42.22
N GLU K 65 21.71 -30.57 40.93
CA GLU K 65 22.38 -31.36 39.88
C GLU K 65 23.89 -31.07 39.81
N LYS K 66 24.25 -29.79 39.90
CA LYS K 66 25.63 -29.33 39.84
C LYS K 66 26.42 -29.87 41.05
N LEU K 67 25.77 -30.04 42.20
CA LEU K 67 26.44 -30.68 43.34
C LEU K 67 26.51 -32.19 43.12
N MET K 68 25.50 -32.79 42.49
CA MET K 68 25.59 -34.22 42.21
C MET K 68 26.75 -34.49 41.24
N LYS K 69 26.90 -33.58 40.25
CA LYS K 69 27.97 -33.62 39.26
C LYS K 69 29.34 -33.47 39.96
N PHE K 70 29.44 -32.53 40.90
CA PHE K 70 30.62 -32.26 41.69
C PHE K 70 31.03 -33.51 42.49
N GLN K 71 30.06 -34.14 43.16
CA GLN K 71 30.27 -35.35 43.97
C GLN K 71 30.94 -36.41 43.08
N ASN K 72 30.39 -36.66 41.89
CA ASN K 72 30.97 -37.62 40.97
C ASN K 72 32.36 -37.19 40.46
N GLN K 73 32.58 -35.89 40.16
CA GLN K 73 33.88 -35.39 39.74
C GLN K 73 34.95 -35.74 40.77
N ARG K 74 34.61 -35.65 42.06
CA ARG K 74 35.59 -35.77 43.16
C ARG K 74 35.69 -37.23 43.62
N GLY K 75 34.77 -38.08 43.15
CA GLY K 75 34.86 -39.49 43.42
C GLY K 75 34.07 -39.92 44.64
N GLY K 76 33.31 -38.99 45.22
CA GLY K 76 32.31 -39.28 46.21
C GLY K 76 31.11 -39.97 45.58
N ARG K 77 30.18 -40.39 46.45
CA ARG K 77 29.01 -41.14 46.03
C ARG K 77 27.76 -40.39 46.51
N VAL K 78 26.89 -40.11 45.53
CA VAL K 78 25.63 -39.49 45.74
C VAL K 78 24.76 -40.41 46.61
N LYS K 79 24.29 -39.87 47.73
CA LYS K 79 23.33 -40.54 48.61
C LYS K 79 22.13 -39.63 48.84
N LEU K 80 20.99 -40.13 48.39
CA LEU K 80 19.74 -39.40 48.30
C LEU K 80 18.84 -39.76 49.49
N LYS K 81 18.14 -38.75 50.02
CA LYS K 81 17.18 -38.89 51.10
C LYS K 81 15.82 -38.42 50.62
N ASP K 82 14.78 -38.70 51.43
CA ASP K 82 13.45 -38.20 51.18
C ASP K 82 13.51 -36.68 51.01
N ILE K 83 12.74 -36.14 50.06
CA ILE K 83 12.54 -34.70 49.98
C ILE K 83 11.30 -34.36 50.81
N THR K 84 11.50 -33.61 51.89
CA THR K 84 10.44 -33.25 52.82
C THR K 84 9.44 -32.28 52.15
N ALA K 85 8.15 -32.53 52.37
CA ALA K 85 7.11 -31.66 51.88
C ALA K 85 7.34 -30.24 52.39
N PRO K 86 6.99 -29.22 51.60
CA PRO K 86 7.13 -27.84 52.06
C PRO K 86 6.34 -27.55 53.34
N GLU K 87 6.74 -26.50 54.04
CA GLU K 87 6.23 -26.15 55.38
C GLU K 87 4.71 -25.90 55.36
N LYS K 88 4.19 -25.33 54.27
CA LYS K 88 2.80 -24.88 54.22
C LYS K 88 2.16 -25.37 52.91
N GLU K 89 0.83 -25.46 52.91
CA GLU K 89 0.02 -25.74 51.72
C GLU K 89 -0.39 -24.42 51.05
N GLU K 90 -0.60 -23.36 51.84
CA GLU K 90 -1.03 -22.04 51.36
C GLU K 90 -0.07 -20.98 51.89
N TRP K 91 0.27 -19.97 51.07
CA TRP K 91 1.45 -19.14 51.34
C TRP K 91 1.08 -17.67 51.52
N GLY K 92 -0.23 -17.36 51.52
CA GLY K 92 -0.70 -16.06 51.91
C GLY K 92 -0.55 -15.07 50.78
N SER K 93 -0.01 -13.91 51.09
CA SER K 93 0.15 -12.84 50.11
C SER K 93 1.49 -12.99 49.40
N LEU K 94 1.65 -12.16 48.36
CA LEU K 94 2.91 -12.08 47.64
C LEU K 94 4.03 -11.75 48.63
N LEU K 95 3.75 -10.77 49.50
CA LEU K 95 4.73 -10.35 50.51
C LEU K 95 5.09 -11.54 51.40
N ASP K 96 4.09 -12.27 51.90
CA ASP K 96 4.32 -13.48 52.75
C ASP K 96 5.22 -14.53 52.07
N ALA K 97 5.00 -14.76 50.77
CA ALA K 97 5.77 -15.71 50.03
C ALA K 97 7.23 -15.26 49.91
N PHE K 98 7.47 -13.97 49.67
CA PHE K 98 8.83 -13.47 49.59
C PHE K 98 9.53 -13.48 50.97
N LYS K 99 8.78 -13.27 52.06
CA LYS K 99 9.38 -13.38 53.40
C LYS K 99 9.78 -14.84 53.63
N VAL K 100 8.98 -15.80 53.13
CA VAL K 100 9.36 -17.19 53.23
C VAL K 100 10.65 -17.47 52.44
N ALA K 101 10.73 -16.89 51.22
CA ALA K 101 11.87 -17.11 50.35
C ALA K 101 13.16 -16.58 51.02
N LEU K 102 13.09 -15.40 51.63
CA LEU K 102 14.25 -14.78 52.24
C LEU K 102 14.78 -15.66 53.37
N GLU K 103 13.87 -16.20 54.17
CA GLU K 103 14.25 -17.09 55.26
C GLU K 103 14.90 -18.37 54.68
N LEU K 104 14.31 -18.94 53.63
CA LEU K 104 14.84 -20.13 52.96
C LEU K 104 16.26 -19.86 52.38
N GLU K 105 16.41 -18.75 51.66
CA GLU K 105 17.70 -18.43 51.01
C GLU K 105 18.80 -18.25 52.05
N LYS K 106 18.45 -17.64 53.20
CA LYS K 106 19.44 -17.35 54.22
C LYS K 106 19.80 -18.66 54.90
N LYS K 107 18.85 -19.58 55.02
CA LYS K 107 19.09 -20.91 55.56
C LYS K 107 20.02 -21.66 54.62
N VAL K 108 19.74 -21.58 53.31
CA VAL K 108 20.60 -22.31 52.38
C VAL K 108 22.00 -21.69 52.41
N ASN K 109 22.06 -20.36 52.42
CA ASN K 109 23.32 -19.61 52.50
C ASN K 109 24.13 -20.07 53.70
N GLN K 110 23.55 -20.10 54.92
CA GLN K 110 24.34 -20.54 56.10
C GLN K 110 24.90 -21.94 55.86
N SER K 111 24.12 -22.81 55.22
CA SER K 111 24.52 -24.15 54.93
C SER K 111 25.73 -24.15 53.98
N LEU K 112 25.70 -23.29 52.93
CA LEU K 112 26.85 -23.17 52.01
C LEU K 112 28.10 -22.60 52.71
N LEU K 113 27.93 -21.60 53.59
CA LEU K 113 29.07 -21.05 54.37
C LEU K 113 29.65 -22.12 55.30
N ASP K 114 28.81 -22.95 55.93
CA ASP K 114 29.27 -24.05 56.77
C ASP K 114 30.07 -25.05 55.94
N LEU K 115 29.51 -25.41 54.79
CA LEU K 115 30.12 -26.37 53.85
C LEU K 115 31.49 -25.86 53.36
N HIS K 116 31.57 -24.57 53.02
CA HIS K 116 32.81 -23.93 52.66
C HIS K 116 33.84 -23.98 53.80
N GLY K 117 33.39 -23.69 55.03
CA GLY K 117 34.22 -23.76 56.25
C GLY K 117 34.77 -25.14 56.49
N LEU K 118 33.95 -26.17 56.22
CA LEU K 118 34.41 -27.55 56.35
C LEU K 118 35.49 -27.85 55.31
N ALA K 119 35.26 -27.37 54.08
CA ALA K 119 36.21 -27.66 52.98
C ALA K 119 37.56 -26.99 53.29
N ASP K 120 37.50 -25.75 53.80
CA ASP K 120 38.71 -25.01 54.19
C ASP K 120 39.42 -25.73 55.34
N SER K 121 38.66 -26.32 56.26
CA SER K 121 39.27 -26.97 57.44
C SER K 121 40.02 -28.25 57.03
N LYS K 122 39.62 -28.85 55.90
CA LYS K 122 40.29 -30.06 55.37
C LYS K 122 41.28 -29.70 54.25
N LYS K 123 41.51 -28.41 54.00
CA LYS K 123 42.43 -27.93 52.94
C LYS K 123 42.01 -28.46 51.55
N ASP K 124 40.70 -28.52 51.31
CA ASP K 124 40.14 -28.90 50.02
C ASP K 124 39.97 -27.61 49.22
N ALA K 125 41.05 -27.21 48.55
CA ALA K 125 41.11 -25.88 47.95
C ALA K 125 40.19 -25.84 46.73
N GLN K 126 40.06 -26.98 46.05
CA GLN K 126 39.23 -27.07 44.83
C GLN K 126 37.76 -26.98 45.22
N MET K 127 37.40 -27.61 46.33
CA MET K 127 36.03 -27.54 46.82
C MET K 127 35.69 -26.13 47.30
N CYS K 128 36.62 -25.44 47.98
CA CYS K 128 36.45 -24.01 48.34
C CYS K 128 36.13 -23.19 47.07
N ALA K 129 36.92 -23.39 46.01
CA ALA K 129 36.81 -22.58 44.77
C ALA K 129 35.46 -22.85 44.08
N PHE K 130 35.07 -24.13 44.02
CA PHE K 130 33.80 -24.55 43.44
C PHE K 130 32.65 -23.84 44.15
N ILE K 131 32.65 -23.88 45.47
CA ILE K 131 31.55 -23.32 46.27
C ILE K 131 31.54 -21.79 46.12
N ALA K 132 32.72 -21.15 46.18
CA ALA K 132 32.85 -19.67 46.00
C ALA K 132 32.37 -19.25 44.60
N THR K 133 32.85 -19.94 43.58
CA THR K 133 32.57 -19.63 42.18
C THR K 133 31.09 -19.82 41.85
N HIS K 134 30.47 -20.91 42.30
CA HIS K 134 29.15 -21.29 41.76
C HIS K 134 28.01 -20.97 42.74
N TYR K 135 28.28 -20.84 44.03
CA TYR K 135 27.18 -20.74 45.02
C TYR K 135 27.21 -19.43 45.82
N LEU K 136 28.37 -19.00 46.33
CA LEU K 136 28.34 -17.97 47.40
C LEU K 136 27.85 -16.64 46.86
N THR K 137 28.29 -16.26 45.64
CA THR K 137 27.83 -14.98 45.06
C THR K 137 26.41 -15.13 44.48
N GLU K 138 25.98 -16.26 43.86
CA GLU K 138 24.48 -16.38 43.46
C GLU K 138 23.68 -16.20 44.74
N GLN K 139 24.09 -16.79 45.90
CA GLN K 139 23.26 -16.72 47.13
C GLN K 139 23.13 -15.26 47.59
N VAL K 140 24.25 -14.54 47.61
CA VAL K 140 24.25 -13.13 47.96
C VAL K 140 23.37 -12.33 46.98
N GLU K 141 23.42 -12.62 45.68
CA GLU K 141 22.58 -11.89 44.72
C GLU K 141 21.10 -12.22 44.94
N ALA K 142 20.79 -13.49 45.25
CA ALA K 142 19.38 -13.95 45.47
C ALA K 142 18.77 -13.26 46.71
N ILE K 143 19.56 -13.19 47.80
CA ILE K 143 19.10 -12.61 49.05
C ILE K 143 18.84 -11.12 48.84
N LYS K 144 19.78 -10.43 48.22
CA LYS K 144 19.58 -8.99 47.87
C LYS K 144 18.33 -8.77 47.01
N GLU K 145 18.16 -9.59 45.98
CA GLU K 145 16.97 -9.52 45.12
C GLU K 145 15.66 -9.67 45.94
N ILE K 146 15.65 -10.62 46.87
CA ILE K 146 14.45 -10.91 47.67
C ILE K 146 14.22 -9.78 48.66
N GLY K 147 15.29 -9.21 49.25
CA GLY K 147 15.19 -7.99 50.06
C GLY K 147 14.50 -6.86 49.32
N ASP K 148 14.91 -6.63 48.07
CA ASP K 148 14.38 -5.54 47.26
C ASP K 148 12.88 -5.79 46.99
N HIS K 149 12.53 -7.04 46.68
CA HIS K 149 11.11 -7.47 46.44
C HIS K 149 10.25 -7.18 47.67
N ILE K 150 10.73 -7.60 48.84
CA ILE K 150 10.00 -7.34 50.12
C ILE K 150 9.79 -5.84 50.31
N THR K 151 10.88 -5.08 50.20
CA THR K 151 10.79 -3.65 50.35
C THR K 151 9.71 -3.10 49.43
N ASN K 152 9.72 -3.50 48.15
CA ASN K 152 8.78 -2.93 47.17
C ASN K 152 7.34 -3.40 47.42
N LEU K 153 7.18 -4.64 47.90
CA LEU K 153 5.83 -5.19 48.17
C LEU K 153 5.20 -4.47 49.37
N LYS K 154 6.03 -4.08 50.35
CA LYS K 154 5.56 -3.23 51.49
C LYS K 154 5.13 -1.85 50.97
N ARG K 155 5.92 -1.28 50.05
CA ARG K 155 5.65 0.02 49.45
C ARG K 155 4.33 0.07 48.68
N VAL K 156 4.08 -0.90 47.80
CA VAL K 156 2.93 -0.87 46.88
C VAL K 156 1.65 -1.19 47.63
N GLY K 157 1.78 -1.90 48.76
CA GLY K 157 0.65 -2.24 49.58
C GLY K 157 -0.18 -3.40 49.03
N THR K 158 -1.43 -3.44 49.45
CA THR K 158 -2.29 -4.56 49.25
C THR K 158 -3.27 -4.19 48.13
N GLY K 159 -3.81 -5.15 47.38
CA GLY K 159 -4.82 -4.89 46.36
C GLY K 159 -4.21 -4.50 45.03
N LEU K 160 -4.53 -3.30 44.52
CA LEU K 160 -4.03 -2.85 43.26
C LEU K 160 -2.49 -2.96 43.17
N GLY K 161 -1.78 -2.59 44.25
CA GLY K 161 -0.32 -2.65 44.28
C GLY K 161 0.22 -4.05 44.02
N GLU K 162 -0.39 -5.07 44.62
CA GLU K 162 0.02 -6.46 44.39
C GLU K 162 -0.18 -6.85 42.92
N PHE K 163 -1.30 -6.45 42.33
CA PHE K 163 -1.57 -6.74 40.92
C PHE K 163 -0.48 -6.08 40.06
N ILE K 164 -0.19 -4.81 40.33
CA ILE K 164 0.79 -4.06 39.50
C ILE K 164 2.21 -4.64 39.67
N TYR K 165 2.63 -4.87 40.91
CA TYR K 165 3.94 -5.41 41.17
C TYR K 165 4.11 -6.73 40.43
N ASP K 166 3.09 -7.59 40.53
CA ASP K 166 3.07 -8.89 39.88
C ASP K 166 3.23 -8.77 38.36
N LYS K 167 2.52 -7.84 37.73
CA LYS K 167 2.61 -7.62 36.29
C LYS K 167 3.95 -6.97 35.90
N GLU K 168 4.40 -5.95 36.64
CA GLU K 168 5.52 -5.11 36.21
C GLU K 168 6.89 -5.72 36.53
N ASN K 169 7.00 -6.40 37.67
CA ASN K 169 8.28 -6.83 38.20
C ASN K 169 8.41 -8.34 38.16
N LEU K 170 7.32 -9.10 38.29
CA LEU K 170 7.52 -10.58 38.34
C LEU K 170 7.27 -11.19 36.94
N LYS K 171 6.17 -10.81 36.26
CA LYS K 171 5.81 -11.35 34.90
C LYS K 171 6.98 -11.13 33.92
N PRO L 3 53.36 33.47 30.89
CA PRO L 3 51.98 33.36 30.32
C PRO L 3 51.93 32.33 29.18
N SER L 4 50.82 31.59 29.10
CA SER L 4 50.65 30.58 28.09
C SER L 4 50.77 31.24 26.71
N GLN L 5 51.42 30.53 25.76
CA GLN L 5 51.50 30.98 24.36
C GLN L 5 50.09 31.19 23.78
N VAL L 6 49.06 30.49 24.30
CA VAL L 6 47.74 30.57 23.70
C VAL L 6 46.87 31.68 24.30
N ARG L 7 47.26 32.25 25.45
CA ARG L 7 46.39 33.12 26.24
C ARG L 7 46.18 34.45 25.53
N GLN L 8 44.92 34.85 25.42
CA GLN L 8 44.50 36.09 24.81
C GLN L 8 43.10 36.43 25.34
N ASN L 9 43.00 37.64 25.92
CA ASN L 9 41.75 38.20 26.41
C ASN L 9 41.13 37.29 27.49
N PHE L 10 41.96 36.62 28.29
CA PHE L 10 41.53 35.74 29.39
C PHE L 10 42.05 36.26 30.75
N HIS L 11 41.18 36.90 31.54
CA HIS L 11 41.55 37.48 32.83
C HIS L 11 41.79 36.40 33.90
N GLU L 12 42.73 36.66 34.83
CA GLU L 12 42.99 35.79 35.99
C GLU L 12 41.72 35.46 36.79
N LEU L 13 40.80 36.41 36.90
CA LEU L 13 39.59 36.25 37.73
C LEU L 13 38.63 35.29 37.01
N CYS L 14 38.62 35.34 35.67
CA CYS L 14 37.82 34.39 34.91
C CYS L 14 38.44 32.99 35.05
N GLU L 15 39.77 32.89 34.96
CA GLU L 15 40.46 31.63 35.18
C GLU L 15 40.11 31.07 36.56
N ALA L 16 40.07 31.93 37.58
CA ALA L 16 39.73 31.52 38.95
C ALA L 16 38.28 31.00 39.01
N GLY L 17 37.36 31.74 38.41
CA GLY L 17 35.95 31.34 38.39
C GLY L 17 35.72 30.00 37.69
N VAL L 18 36.49 29.73 36.64
CA VAL L 18 36.35 28.44 35.94
C VAL L 18 36.75 27.34 36.91
N ASN L 19 37.86 27.55 37.65
CA ASN L 19 38.35 26.56 38.61
C ASN L 19 37.33 26.34 39.75
N LYS L 20 36.66 27.43 40.18
CA LYS L 20 35.59 27.33 41.16
C LYS L 20 34.44 26.46 40.59
N GLN L 21 34.04 26.75 39.35
CA GLN L 21 32.95 26.01 38.68
C GLN L 21 33.27 24.52 38.52
N ILE L 22 34.51 24.18 38.18
CA ILE L 22 34.89 22.81 38.06
C ILE L 22 34.61 22.07 39.37
N ASN L 23 35.04 22.67 40.49
CA ASN L 23 34.87 22.04 41.78
C ASN L 23 33.37 21.84 42.07
N LEU L 24 32.56 22.82 41.72
CA LEU L 24 31.10 22.78 41.95
C LEU L 24 30.51 21.64 41.10
N GLU L 25 30.93 21.53 39.83
CA GLU L 25 30.42 20.45 38.96
C GLU L 25 30.77 19.10 39.59
N LEU L 26 31.99 18.94 40.08
CA LEU L 26 32.42 17.66 40.70
C LEU L 26 31.64 17.42 42.00
N TYR L 27 31.35 18.47 42.75
CA TYR L 27 30.59 18.31 44.00
C TYR L 27 29.16 17.84 43.69
N ALA L 28 28.54 18.40 42.67
CA ALA L 28 27.22 17.93 42.21
C ALA L 28 27.26 16.47 41.76
N SER L 29 28.29 16.08 41.01
CA SER L 29 28.47 14.73 40.58
C SER L 29 28.50 13.77 41.78
N TYR L 30 29.26 14.13 42.83
CA TYR L 30 29.44 13.27 44.00
C TYR L 30 28.09 13.16 44.78
N THR L 31 27.32 14.24 44.80
CA THR L 31 26.05 14.23 45.50
C THR L 31 25.11 13.26 44.75
N TYR L 32 25.06 13.41 43.43
CA TYR L 32 24.18 12.55 42.60
C TYR L 32 24.59 11.10 42.77
N HIS L 33 25.90 10.83 42.89
CA HIS L 33 26.42 9.49 43.09
C HIS L 33 25.89 8.88 44.40
N SER L 34 25.91 9.69 45.45
CA SER L 34 25.43 9.29 46.77
C SER L 34 23.93 8.98 46.67
N ILE L 35 23.15 9.91 46.11
CA ILE L 35 21.72 9.72 45.95
C ILE L 35 21.48 8.44 45.13
N ALA L 36 22.31 8.19 44.11
CA ALA L 36 22.10 7.03 43.24
C ALA L 36 22.21 5.75 44.05
N PHE L 37 23.19 5.66 44.95
CA PHE L 37 23.47 4.41 45.62
C PHE L 37 22.58 4.26 46.86
N TYR L 38 22.01 5.35 47.35
CA TYR L 38 20.97 5.25 48.39
C TYR L 38 19.75 4.47 47.85
N PHE L 39 19.30 4.83 46.64
CA PHE L 39 18.13 4.14 46.00
C PHE L 39 18.43 2.67 45.65
N ASP L 40 19.69 2.27 45.73
CA ASP L 40 20.13 0.85 45.54
C ASP L 40 20.12 0.05 46.84
N ARG L 41 19.90 0.70 47.99
CA ARG L 41 19.85 -0.03 49.27
C ARG L 41 18.68 -1.01 49.28
N ASP L 42 18.82 -2.19 49.91
CA ASP L 42 17.77 -3.20 49.98
C ASP L 42 16.49 -2.67 50.64
N ASP L 43 16.62 -1.67 51.54
CA ASP L 43 15.46 -1.06 52.28
C ASP L 43 14.94 0.19 51.57
N VAL L 44 15.46 0.50 50.38
CA VAL L 44 14.91 1.58 49.58
C VAL L 44 14.46 0.99 48.23
N ALA L 45 15.41 0.40 47.51
CA ALA L 45 15.16 -0.45 46.30
C ALA L 45 14.24 0.25 45.30
N LEU L 46 14.67 1.41 44.79
CA LEU L 46 14.04 2.05 43.67
C LEU L 46 15.00 2.09 42.48
N PRO L 47 14.91 1.09 41.57
CA PRO L 47 15.97 0.90 40.56
C PRO L 47 15.97 2.00 39.49
N GLY L 48 14.81 2.56 39.20
CA GLY L 48 14.72 3.66 38.27
C GLY L 48 15.48 4.88 38.75
N ALA L 49 15.32 5.21 40.02
CA ALA L 49 16.08 6.27 40.64
C ALA L 49 17.59 5.96 40.69
N HIS L 50 17.95 4.73 41.01
CA HIS L 50 19.33 4.34 41.00
C HIS L 50 19.99 4.67 39.65
N LYS L 51 19.31 4.31 38.56
CA LYS L 51 19.77 4.46 37.18
C LYS L 51 19.80 5.94 36.81
N TYR L 52 18.74 6.65 37.13
CA TYR L 52 18.59 8.04 36.77
C TYR L 52 19.68 8.91 37.43
N PHE L 53 19.90 8.72 38.73
CA PHE L 53 20.86 9.55 39.48
C PHE L 53 22.30 9.17 39.11
N LYS L 54 22.56 7.91 38.74
CA LYS L 54 23.88 7.51 38.25
C LYS L 54 24.19 8.27 36.97
N LYS L 55 23.16 8.40 36.11
CA LYS L 55 23.31 9.06 34.83
C LYS L 55 23.55 10.55 35.07
N GLN L 56 22.84 11.11 36.04
CA GLN L 56 23.01 12.54 36.41
C GLN L 56 24.45 12.72 36.92
N SER L 57 24.94 11.78 37.72
CA SER L 57 26.31 11.82 38.28
C SER L 57 27.33 11.85 37.13
N GLU L 58 27.10 11.02 36.14
CA GLU L 58 28.00 10.93 34.96
C GLU L 58 27.99 12.26 34.21
N GLU L 59 26.80 12.84 34.01
CA GLU L 59 26.66 14.12 33.27
C GLU L 59 27.37 15.27 34.01
N GLU L 60 27.28 15.31 35.21
CA GLU L 60 27.92 16.41 35.96
C GLU L 60 29.44 16.29 35.87
N ARG L 61 29.98 15.13 35.94
CA ARG L 61 31.42 14.91 35.71
C ARG L 61 31.81 15.39 34.31
N GLU L 62 30.96 15.13 33.32
CA GLU L 62 31.19 15.63 31.96
C GLU L 62 31.18 17.16 31.98
N HIS L 63 30.29 17.78 32.73
CA HIS L 63 30.24 19.25 32.83
C HIS L 63 31.58 19.76 33.34
N ALA L 64 32.12 19.09 34.35
CA ALA L 64 33.42 19.46 34.93
C ALA L 64 34.52 19.33 33.85
N GLU L 65 34.50 18.24 33.08
CA GLU L 65 35.52 17.96 32.08
C GLU L 65 35.53 19.03 31.00
N LYS L 66 34.34 19.44 30.57
CA LYS L 66 34.23 20.43 29.53
C LYS L 66 34.83 21.77 30.01
N LEU L 67 34.69 22.08 31.30
CA LEU L 67 35.29 23.28 31.88
C LEU L 67 36.81 23.12 32.02
N MET L 68 37.31 21.93 32.34
CA MET L 68 38.76 21.75 32.39
C MET L 68 39.35 21.93 30.99
N LYS L 69 38.62 21.45 29.97
CA LYS L 69 39.02 21.55 28.59
C LYS L 69 39.04 23.03 28.17
N PHE L 70 38.00 23.77 28.55
CA PHE L 70 37.92 25.18 28.29
C PHE L 70 39.08 25.92 28.97
N GLN L 71 39.39 25.55 30.22
CA GLN L 71 40.52 26.17 30.96
C GLN L 71 41.79 26.04 30.09
N ASN L 72 42.10 24.82 29.66
CA ASN L 72 43.27 24.57 28.86
C ASN L 72 43.22 25.28 27.50
N GLN L 73 42.06 25.30 26.82
CA GLN L 73 41.94 25.97 25.54
C GLN L 73 42.33 27.44 25.65
N ARG L 74 41.96 28.10 26.76
CA ARG L 74 42.14 29.53 26.92
C ARG L 74 43.52 29.84 27.52
N GLY L 75 44.25 28.80 27.91
CA GLY L 75 45.57 28.94 28.46
C GLY L 75 45.54 29.24 29.96
N GLY L 76 44.39 29.03 30.61
CA GLY L 76 44.38 28.99 32.09
C GLY L 76 44.92 27.66 32.58
N ARG L 77 45.12 27.55 33.90
CA ARG L 77 45.61 26.34 34.50
C ARG L 77 44.59 25.79 35.50
N VAL L 78 44.26 24.50 35.33
CA VAL L 78 43.35 23.78 36.16
C VAL L 78 43.94 23.71 37.57
N LYS L 79 43.18 24.16 38.58
CA LYS L 79 43.56 24.02 39.99
C LYS L 79 42.42 23.32 40.73
N LEU L 80 42.74 22.14 41.27
CA LEU L 80 41.77 21.23 41.85
C LEU L 80 41.81 21.30 43.39
N LYS L 81 40.62 21.22 43.97
CA LYS L 81 40.42 21.28 45.44
C LYS L 81 39.71 19.99 45.84
N ASP L 82 39.69 19.72 47.14
CA ASP L 82 39.00 18.56 47.69
C ASP L 82 37.57 18.55 47.15
N ILE L 83 37.02 17.34 46.96
CA ILE L 83 35.62 17.22 46.65
C ILE L 83 34.88 16.95 47.96
N THR L 84 34.09 17.93 48.41
CA THR L 84 33.42 17.83 49.74
C THR L 84 32.33 16.74 49.66
N ALA L 85 32.31 15.88 50.67
CA ALA L 85 31.28 14.89 50.80
C ALA L 85 29.88 15.52 50.75
N PRO L 86 28.89 14.78 50.19
CA PRO L 86 27.52 15.29 50.07
C PRO L 86 26.94 15.63 51.46
N GLU L 87 25.90 16.44 51.46
CA GLU L 87 25.32 17.03 52.70
C GLU L 87 24.69 15.91 53.57
N LYS L 88 24.12 14.85 52.95
CA LYS L 88 23.43 13.78 53.71
C LYS L 88 23.98 12.41 53.32
N GLU L 89 23.78 11.44 54.19
CA GLU L 89 24.11 10.03 53.92
C GLU L 89 22.86 9.28 53.39
N GLU L 90 21.69 9.81 53.70
CA GLU L 90 20.40 9.25 53.43
C GLU L 90 19.47 10.32 52.90
N TRP L 91 18.65 10.03 51.88
CA TRP L 91 18.02 11.12 51.14
C TRP L 91 16.49 11.07 51.18
N GLY L 92 15.91 10.16 51.95
CA GLY L 92 14.47 10.12 52.18
C GLY L 92 13.74 9.53 50.98
N SER L 93 12.67 10.21 50.56
CA SER L 93 11.76 9.74 49.50
C SER L 93 12.27 10.18 48.12
N LEU L 94 11.64 9.64 47.07
CA LEU L 94 11.89 10.10 45.75
C LEU L 94 11.70 11.61 45.67
N LEU L 95 10.57 12.12 46.19
CA LEU L 95 10.26 13.54 46.21
C LEU L 95 11.33 14.31 47.02
N ASP L 96 11.81 13.78 48.13
CA ASP L 96 12.87 14.48 48.92
C ASP L 96 14.16 14.64 48.07
N ALA L 97 14.53 13.59 47.34
CA ALA L 97 15.75 13.61 46.52
C ALA L 97 15.61 14.63 45.38
N PHE L 98 14.44 14.71 44.74
CA PHE L 98 14.23 15.67 43.68
C PHE L 98 14.25 17.11 44.21
N LYS L 99 13.81 17.33 45.45
CA LYS L 99 13.86 18.69 46.00
C LYS L 99 15.30 19.12 46.27
N VAL L 100 16.10 18.19 46.79
CA VAL L 100 17.54 18.37 46.87
C VAL L 100 18.14 18.71 45.49
N ALA L 101 17.72 18.01 44.42
CA ALA L 101 18.26 18.20 43.10
C ALA L 101 17.91 19.60 42.62
N LEU L 102 16.65 20.04 42.80
CA LEU L 102 16.25 21.41 42.35
C LEU L 102 17.13 22.44 43.06
N GLU L 103 17.34 22.24 44.35
CA GLU L 103 18.16 23.14 45.14
C GLU L 103 19.56 23.20 44.54
N LEU L 104 20.18 22.04 44.30
CA LEU L 104 21.55 21.94 43.79
C LEU L 104 21.65 22.61 42.42
N GLU L 105 20.68 22.33 41.54
CA GLU L 105 20.71 22.81 40.17
C GLU L 105 20.56 24.32 40.14
N LYS L 106 19.73 24.85 41.04
CA LYS L 106 19.53 26.32 41.08
C LYS L 106 20.80 26.98 41.63
N LYS L 107 21.45 26.32 42.57
CA LYS L 107 22.73 26.79 43.13
C LYS L 107 23.79 26.83 42.03
N VAL L 108 23.87 25.75 41.25
CA VAL L 108 24.86 25.70 40.17
C VAL L 108 24.57 26.80 39.14
N ASN L 109 23.29 26.97 38.80
CA ASN L 109 22.88 27.91 37.78
C ASN L 109 23.28 29.34 38.21
N GLN L 110 23.02 29.72 39.46
CA GLN L 110 23.44 31.02 39.98
C GLN L 110 24.96 31.18 39.82
N SER L 111 25.70 30.11 40.12
CA SER L 111 27.17 30.14 39.94
C SER L 111 27.52 30.42 38.46
N LEU L 112 26.77 29.83 37.52
CA LEU L 112 27.06 30.03 36.12
C LEU L 112 26.64 31.43 35.68
N LEU L 113 25.54 31.94 36.22
CA LEU L 113 25.11 33.29 35.86
C LEU L 113 26.14 34.33 36.36
N ASP L 114 26.69 34.11 37.55
CA ASP L 114 27.77 34.96 38.13
C ASP L 114 29.03 34.86 37.23
N LEU L 115 29.39 33.65 36.79
CA LEU L 115 30.59 33.43 35.97
C LEU L 115 30.43 34.17 34.65
N HIS L 116 29.23 34.10 34.07
CA HIS L 116 28.90 34.79 32.84
C HIS L 116 29.03 36.31 33.03
N GLY L 117 28.47 36.80 34.15
CA GLY L 117 28.59 38.19 34.57
C GLY L 117 30.03 38.63 34.65
N LEU L 118 30.89 37.80 35.24
CA LEU L 118 32.34 38.10 35.35
C LEU L 118 32.95 38.21 33.93
N ALA L 119 32.75 37.16 33.10
CA ALA L 119 33.18 37.16 31.68
C ALA L 119 32.78 38.48 31.01
N ASP L 120 31.51 38.84 31.10
CA ASP L 120 31.00 40.07 30.46
C ASP L 120 31.72 41.32 31.00
N SER L 121 31.98 41.35 32.31
CA SER L 121 32.63 42.50 32.95
C SER L 121 34.07 42.65 32.44
N LYS L 122 34.68 41.57 31.93
CA LYS L 122 36.04 41.62 31.36
C LYS L 122 36.01 41.59 29.82
N LYS L 123 34.84 41.74 29.21
CA LYS L 123 34.65 41.71 27.78
C LYS L 123 35.26 40.42 27.20
N ASP L 124 35.15 39.32 27.94
CA ASP L 124 35.54 38.00 27.43
C ASP L 124 34.36 37.47 26.60
N ALA L 125 34.29 37.95 25.35
CA ALA L 125 33.22 37.60 24.43
C ALA L 125 33.20 36.09 24.16
N GLN L 126 34.35 35.42 24.13
CA GLN L 126 34.30 34.04 23.75
C GLN L 126 33.85 33.23 24.97
N MET L 127 34.24 33.66 26.17
CA MET L 127 33.82 32.98 27.40
C MET L 127 32.30 33.11 27.65
N CYS L 128 31.70 34.28 27.38
CA CYS L 128 30.20 34.47 27.35
C CYS L 128 29.56 33.45 26.41
N ALA L 129 30.12 33.31 25.19
CA ALA L 129 29.49 32.44 24.19
C ALA L 129 29.56 30.99 24.66
N PHE L 130 30.73 30.56 25.10
CA PHE L 130 30.95 29.24 25.65
C PHE L 130 29.89 28.92 26.73
N ILE L 131 29.80 29.78 27.73
CA ILE L 131 28.92 29.49 28.89
C ILE L 131 27.44 29.43 28.47
N ALA L 132 27.01 30.36 27.62
CA ALA L 132 25.62 30.44 27.18
C ALA L 132 25.28 29.24 26.29
N THR L 133 26.20 28.91 25.39
CA THR L 133 26.02 27.81 24.47
C THR L 133 25.94 26.48 25.22
N HIS L 134 26.88 26.23 26.12
CA HIS L 134 27.02 24.86 26.67
C HIS L 134 26.35 24.68 28.05
N TYR L 135 26.10 25.78 28.75
CA TYR L 135 25.73 25.68 30.17
C TYR L 135 24.37 26.31 30.45
N LEU L 136 24.09 27.54 29.95
CA LEU L 136 22.94 28.33 30.49
C LEU L 136 21.60 27.68 30.08
N THR L 137 21.48 27.20 28.83
CA THR L 137 20.22 26.58 28.39
C THR L 137 20.09 25.15 28.98
N GLU L 138 21.19 24.37 29.03
CA GLU L 138 21.17 23.05 29.73
C GLU L 138 20.60 23.22 31.15
N GLN L 139 21.01 24.28 31.87
CA GLN L 139 20.64 24.44 33.28
C GLN L 139 19.14 24.72 33.39
N VAL L 140 18.63 25.58 32.53
CA VAL L 140 17.21 25.92 32.48
C VAL L 140 16.36 24.70 32.13
N GLU L 141 16.81 23.90 31.16
CA GLU L 141 16.19 22.55 30.88
C GLU L 141 16.25 21.62 32.09
N ALA L 142 17.42 21.49 32.72
CA ALA L 142 17.59 20.66 33.90
C ALA L 142 16.59 21.09 35.01
N ILE L 143 16.50 22.38 35.29
CA ILE L 143 15.64 22.91 36.34
C ILE L 143 14.15 22.63 36.00
N LYS L 144 13.76 22.82 34.73
CA LYS L 144 12.36 22.58 34.34
C LYS L 144 12.00 21.10 34.49
N GLU L 145 12.93 20.23 34.11
CA GLU L 145 12.68 18.81 34.14
C GLU L 145 12.51 18.38 35.61
N ILE L 146 13.31 18.96 36.52
CA ILE L 146 13.21 18.61 37.94
C ILE L 146 11.93 19.18 38.55
N GLY L 147 11.57 20.41 38.18
CA GLY L 147 10.27 21.00 38.55
C GLY L 147 9.12 20.06 38.21
N ASP L 148 9.14 19.55 36.97
CA ASP L 148 8.15 18.60 36.43
C ASP L 148 8.16 17.32 37.28
N HIS L 149 9.33 16.81 37.67
CA HIS L 149 9.40 15.57 38.49
C HIS L 149 8.74 15.80 39.86
N ILE L 150 8.99 16.96 40.45
CA ILE L 150 8.51 17.26 41.82
C ILE L 150 6.98 17.33 41.76
N THR L 151 6.47 18.00 40.73
CA THR L 151 5.05 18.15 40.56
C THR L 151 4.39 16.77 40.41
N ASN L 152 5.00 15.89 39.61
CA ASN L 152 4.44 14.58 39.35
C ASN L 152 4.59 13.70 40.60
N LEU L 153 5.68 13.85 41.34
CA LEU L 153 5.85 13.05 42.57
C LEU L 153 4.87 13.50 43.67
N LYS L 154 4.48 14.78 43.68
CA LYS L 154 3.43 15.22 44.62
C LYS L 154 2.11 14.59 44.18
N ARG L 155 1.88 14.54 42.88
CA ARG L 155 0.64 14.06 42.34
C ARG L 155 0.46 12.55 42.60
N VAL L 156 1.51 11.74 42.46
CA VAL L 156 1.32 10.29 42.49
C VAL L 156 1.21 9.83 43.93
N GLY L 157 1.77 10.63 44.87
CA GLY L 157 1.69 10.30 46.29
C GLY L 157 2.72 9.26 46.68
N THR L 158 2.66 8.78 47.92
CA THR L 158 3.61 7.81 48.40
C THR L 158 3.07 6.39 48.18
N GLY L 159 3.96 5.41 48.27
CA GLY L 159 3.59 4.00 48.17
C GLY L 159 3.54 3.53 46.73
N LEU L 160 2.34 3.14 46.24
CA LEU L 160 2.17 2.61 44.90
C LEU L 160 2.63 3.64 43.87
N GLY L 161 2.24 4.92 44.06
CA GLY L 161 2.63 5.98 43.15
C GLY L 161 4.14 6.11 42.93
N GLU L 162 4.95 5.92 43.99
CA GLU L 162 6.38 6.00 43.93
C GLU L 162 6.95 4.83 43.14
N PHE L 163 6.43 3.62 43.35
CA PHE L 163 6.86 2.47 42.58
C PHE L 163 6.61 2.74 41.09
N ILE L 164 5.41 3.22 40.74
CA ILE L 164 5.00 3.37 39.33
C ILE L 164 5.81 4.49 38.65
N TYR L 165 5.92 5.65 39.32
CA TYR L 165 6.74 6.76 38.81
C TYR L 165 8.18 6.32 38.53
N ASP L 166 8.77 5.60 39.49
CA ASP L 166 10.14 5.08 39.40
C ASP L 166 10.28 4.13 38.20
N LYS L 167 9.27 3.30 37.96
CA LYS L 167 9.30 2.36 36.83
C LYS L 167 9.06 3.09 35.50
N GLU L 168 8.01 3.92 35.47
CA GLU L 168 7.44 4.45 34.21
C GLU L 168 8.21 5.69 33.76
N ASN L 169 8.72 6.50 34.68
CA ASN L 169 9.34 7.75 34.32
C ASN L 169 10.88 7.69 34.48
N LEU L 170 11.40 7.10 35.55
CA LEU L 170 12.84 7.22 35.77
C LEU L 170 13.60 6.06 35.10
N LYS L 171 13.02 4.85 35.10
CA LYS L 171 13.70 3.69 34.52
C LYS L 171 13.73 3.86 33.00
N GLU L 172 12.65 4.39 32.41
CA GLU L 172 12.55 4.73 30.94
C GLU L 172 12.84 6.22 30.70
FE FE M . -28.05 -7.64 3.25
FE FE N . -18.52 -25.61 7.02
FE FE O . -27.86 -5.66 6.15
CD CD P . -31.54 12.70 3.90
FE FE Q . -10.28 -47.30 7.05
FE FE R . -12.39 -45.59 4.84
FE FE S . -2.35 -44.60 -13.10
CD CD T . -15.15 -45.41 25.22
FE FE U . -19.41 -2.50 -15.18
FE FE V . -12.97 -0.43 -36.29
FE FE W . -14.01 -3.52 -35.11
CD CD X . -3.38 -0.06 -52.15
FE FE Y . 4.38 -41.97 -35.08
FE FE Z . 1.27 -41.57 -33.59
FE FE AA . -3.33 -21.43 -35.29
CD CD BA . 12.90 -58.35 -30.81
FE FE CA . 26.16 32.06 -1.12
FE FE DA . 39.43 31.50 -16.88
FE FE EA . 42.66 30.50 -15.74
CD CD FA . 55.29 25.02 -28.34
FE FE GA . -4.84 24.52 -0.75
FE FE HA . 8.53 34.86 13.46
FE FE IA . 9.12 35.63 9.89
CD CD JA . 22.66 40.08 24.58
FE FE KA . 15.17 10.92 -45.29
FE FE LA . 13.85 13.66 -43.45
FE FE MA . 28.72 19.83 -30.61
CD CD NA . 2.14 0.54 -54.26
FE FE OA . -19.08 14.99 -16.33
FE FE PA . -2.32 12.27 -30.14
FE FE QA . -17.02 17.66 -16.19
CD CD RA . -30.51 15.46 -1.27
FE FE SA . -19.48 -22.01 24.07
FE FE TA . -17.98 -20.05 26.54
FE FE UA . -16.26 -1.12 18.49
CD CD VA . -17.95 -40.61 27.33
FE FE WA . -13.42 21.48 14.29
FE FE XA . -13.25 19.62 17.31
FE FE YA . 6.19 20.96 23.95
CD CD ZA . -28.78 18.00 3.88
FE FE AB . 20.13 -22.89 45.57
FE FE BB . 18.11 -19.98 46.00
FE FE CB . 1.35 -22.61 34.41
CD CD DB . 37.98 -20.85 51.23
FE FE EB . 26.21 20.69 35.72
FE FE FB . 23.76 -0.64 39.88
FE FE GB . 22.82 19.66 36.39
CD CD HB . 27.17 37.79 27.79
#